data_4M7U
# 
_entry.id   4M7U 
# 
_audit_conform.dict_name       mmcif_pdbx.dic 
_audit_conform.dict_version    5.379 
_audit_conform.dict_location   http://mmcif.pdb.org/dictionaries/ascii/mmcif_pdbx.dic 
# 
loop_
_database_2.database_id 
_database_2.database_code 
_database_2.pdbx_database_accession 
_database_2.pdbx_DOI 
PDB   4M7U         pdb_00004m7u 10.2210/pdb4m7u/pdb 
RCSB  RCSB081575   ?            ?                   
WWPDB D_1000081575 ?            ?                   
# 
_pdbx_database_related.db_name        PDB 
_pdbx_database_related.db_id          4M7V 
_pdbx_database_related.details        'Dihydrofolate reductase from Enterococcus faecalis complexed with NADP(H)and RAB-propyl' 
_pdbx_database_related.content_type   unspecified 
# 
_pdbx_database_status.status_code                     REL 
_pdbx_database_status.entry_id                        4M7U 
_pdbx_database_status.recvd_initial_deposition_date   2013-08-12 
_pdbx_database_status.deposit_site                    RCSB 
_pdbx_database_status.process_site                    RCSB 
_pdbx_database_status.status_code_sf                  REL 
_pdbx_database_status.status_code_mr                  ? 
_pdbx_database_status.SG_entry                        ? 
_pdbx_database_status.status_code_cs                  ? 
_pdbx_database_status.methods_development_category    ? 
_pdbx_database_status.pdb_format_compatible           Y 
_pdbx_database_status.status_code_nmr_data            ? 
# 
_audit_author.name           'Bourne, C.R.' 
_audit_author.pdbx_ordinal   1 
# 
_citation.id                        primary 
_citation.title                     
;The Structure and Competitive Substrate Inhibition of Dihydrofolate Reductase from Enterococcus faecalis Reveal Restrictions to Cofactor Docking.
;
_citation.journal_abbrev            Biochemistry 
_citation.journal_volume            53 
_citation.page_first                1228 
_citation.page_last                 1238 
_citation.year                      2014 
_citation.journal_id_ASTM           BICHAW 
_citation.country                   US 
_citation.journal_id_ISSN           0006-2960 
_citation.journal_id_CSD            0033 
_citation.book_publisher            ? 
_citation.pdbx_database_id_PubMed   24495113 
_citation.pdbx_database_id_DOI      10.1021/bi401104t 
# 
loop_
_citation_author.citation_id 
_citation_author.name 
_citation_author.ordinal 
_citation_author.identifier_ORCID 
primary 'Bourne, C.R.'  1 ? 
primary 'Wakeham, N.'   2 ? 
primary 'Webb, N.'      3 ? 
primary 'Nammalwar, B.' 4 ? 
primary 'Bunce, R.A.'   5 ? 
primary 'Berlin, K.D.'  6 ? 
primary 'Barrow, W.W.'  7 ? 
# 
_cell.entry_id           4M7U 
_cell.length_a           63.254 
_cell.length_b           63.254 
_cell.length_c           97.148 
_cell.angle_alpha        90.00 
_cell.angle_beta         90.00 
_cell.angle_gamma        90.00 
_cell.Z_PDB              8 
_cell.pdbx_unique_axis   ? 
# 
_symmetry.entry_id                         4M7U 
_symmetry.space_group_name_H-M             'P 41 21 2' 
_symmetry.pdbx_full_space_group_name_H-M   ? 
_symmetry.cell_setting                     ? 
_symmetry.Int_Tables_number                92 
# 
loop_
_entity.id 
_entity.type 
_entity.src_method 
_entity.pdbx_description 
_entity.formula_weight 
_entity.pdbx_number_of_molecules 
_entity.pdbx_ec 
_entity.pdbx_mutation 
_entity.pdbx_fragment 
_entity.details 
1 polymer     man 'Dihydrofolate reductase'                          20045.795 1   1.5.1.3 ? ? ? 
2 non-polymer syn 'NADP NICOTINAMIDE-ADENINE-DINUCLEOTIDE PHOSPHATE' 743.405   1   ?       ? ? ? 
3 water       nat water                                              18.015    131 ?       ? ? ? 
# 
_entity_poly.entity_id                      1 
_entity_poly.type                           'polypeptide(L)' 
_entity_poly.nstd_linkage                   no 
_entity_poly.nstd_monomer                   no 
_entity_poly.pdbx_seq_one_letter_code       
;MENLYFQGMLAAIWAQDEQGVIGKEGKLPWHLPNDLKFFKEKTIHNTLVLGRATFEGMGCRPLPNRTTIVLTSNPDYQAE
GVLVMHSVEEILAYADKYEGVTVIGGGSVVFKELIPACDVLYRTMIHETFEGDTFFPEIDWSVWEKVATVPGVVDEKNLY
AHDYETYHRNDKLVPR
;
_entity_poly.pdbx_seq_one_letter_code_can   
;MENLYFQGMLAAIWAQDEQGVIGKEGKLPWHLPNDLKFFKEKTIHNTLVLGRATFEGMGCRPLPNRTTIVLTSNPDYQAE
GVLVMHSVEEILAYADKYEGVTVIGGGSVVFKELIPACDVLYRTMIHETFEGDTFFPEIDWSVWEKVATVPGVVDEKNLY
AHDYETYHRNDKLVPR
;
_entity_poly.pdbx_strand_id                 A 
_entity_poly.pdbx_target_identifier         ? 
# 
loop_
_entity_poly_seq.entity_id 
_entity_poly_seq.num 
_entity_poly_seq.mon_id 
_entity_poly_seq.hetero 
1 1   MET n 
1 2   GLU n 
1 3   ASN n 
1 4   LEU n 
1 5   TYR n 
1 6   PHE n 
1 7   GLN n 
1 8   GLY n 
1 9   MET n 
1 10  LEU n 
1 11  ALA n 
1 12  ALA n 
1 13  ILE n 
1 14  TRP n 
1 15  ALA n 
1 16  GLN n 
1 17  ASP n 
1 18  GLU n 
1 19  GLN n 
1 20  GLY n 
1 21  VAL n 
1 22  ILE n 
1 23  GLY n 
1 24  LYS n 
1 25  GLU n 
1 26  GLY n 
1 27  LYS n 
1 28  LEU n 
1 29  PRO n 
1 30  TRP n 
1 31  HIS n 
1 32  LEU n 
1 33  PRO n 
1 34  ASN n 
1 35  ASP n 
1 36  LEU n 
1 37  LYS n 
1 38  PHE n 
1 39  PHE n 
1 40  LYS n 
1 41  GLU n 
1 42  LYS n 
1 43  THR n 
1 44  ILE n 
1 45  HIS n 
1 46  ASN n 
1 47  THR n 
1 48  LEU n 
1 49  VAL n 
1 50  LEU n 
1 51  GLY n 
1 52  ARG n 
1 53  ALA n 
1 54  THR n 
1 55  PHE n 
1 56  GLU n 
1 57  GLY n 
1 58  MET n 
1 59  GLY n 
1 60  CYS n 
1 61  ARG n 
1 62  PRO n 
1 63  LEU n 
1 64  PRO n 
1 65  ASN n 
1 66  ARG n 
1 67  THR n 
1 68  THR n 
1 69  ILE n 
1 70  VAL n 
1 71  LEU n 
1 72  THR n 
1 73  SER n 
1 74  ASN n 
1 75  PRO n 
1 76  ASP n 
1 77  TYR n 
1 78  GLN n 
1 79  ALA n 
1 80  GLU n 
1 81  GLY n 
1 82  VAL n 
1 83  LEU n 
1 84  VAL n 
1 85  MET n 
1 86  HIS n 
1 87  SER n 
1 88  VAL n 
1 89  GLU n 
1 90  GLU n 
1 91  ILE n 
1 92  LEU n 
1 93  ALA n 
1 94  TYR n 
1 95  ALA n 
1 96  ASP n 
1 97  LYS n 
1 98  TYR n 
1 99  GLU n 
1 100 GLY n 
1 101 VAL n 
1 102 THR n 
1 103 VAL n 
1 104 ILE n 
1 105 GLY n 
1 106 GLY n 
1 107 GLY n 
1 108 SER n 
1 109 VAL n 
1 110 VAL n 
1 111 PHE n 
1 112 LYS n 
1 113 GLU n 
1 114 LEU n 
1 115 ILE n 
1 116 PRO n 
1 117 ALA n 
1 118 CYS n 
1 119 ASP n 
1 120 VAL n 
1 121 LEU n 
1 122 TYR n 
1 123 ARG n 
1 124 THR n 
1 125 MET n 
1 126 ILE n 
1 127 HIS n 
1 128 GLU n 
1 129 THR n 
1 130 PHE n 
1 131 GLU n 
1 132 GLY n 
1 133 ASP n 
1 134 THR n 
1 135 PHE n 
1 136 PHE n 
1 137 PRO n 
1 138 GLU n 
1 139 ILE n 
1 140 ASP n 
1 141 TRP n 
1 142 SER n 
1 143 VAL n 
1 144 TRP n 
1 145 GLU n 
1 146 LYS n 
1 147 VAL n 
1 148 ALA n 
1 149 THR n 
1 150 VAL n 
1 151 PRO n 
1 152 GLY n 
1 153 VAL n 
1 154 VAL n 
1 155 ASP n 
1 156 GLU n 
1 157 LYS n 
1 158 ASN n 
1 159 LEU n 
1 160 TYR n 
1 161 ALA n 
1 162 HIS n 
1 163 ASP n 
1 164 TYR n 
1 165 GLU n 
1 166 THR n 
1 167 TYR n 
1 168 HIS n 
1 169 ARG n 
1 170 ASN n 
1 171 ASP n 
1 172 LYS n 
1 173 LEU n 
1 174 VAL n 
1 175 PRO n 
1 176 ARG n 
# 
_entity_src_gen.entity_id                          1 
_entity_src_gen.pdbx_src_id                        1 
_entity_src_gen.pdbx_alt_source_flag               sample 
_entity_src_gen.pdbx_seq_type                      ? 
_entity_src_gen.pdbx_beg_seq_num                   ? 
_entity_src_gen.pdbx_end_seq_num                   ? 
_entity_src_gen.gene_src_common_name               ? 
_entity_src_gen.gene_src_genus                     ? 
_entity_src_gen.pdbx_gene_src_gene                 'dihydrofolate reductase, EF_1577, folA' 
_entity_src_gen.gene_src_species                   ? 
_entity_src_gen.gene_src_strain                    700802 
_entity_src_gen.gene_src_tissue                    ? 
_entity_src_gen.gene_src_tissue_fraction           ? 
_entity_src_gen.gene_src_details                   'C-terminal Strep tag with cleaved thrombin site; uncleaved N-terminal TEV site' 
_entity_src_gen.pdbx_gene_src_fragment             ? 
_entity_src_gen.pdbx_gene_src_scientific_name      'Enterococcus faecalis' 
_entity_src_gen.pdbx_gene_src_ncbi_taxonomy_id     226185 
_entity_src_gen.pdbx_gene_src_variant              ? 
_entity_src_gen.pdbx_gene_src_cell_line            ? 
_entity_src_gen.pdbx_gene_src_atcc                 ? 
_entity_src_gen.pdbx_gene_src_organ                ? 
_entity_src_gen.pdbx_gene_src_organelle            ? 
_entity_src_gen.pdbx_gene_src_cell                 ? 
_entity_src_gen.pdbx_gene_src_cellular_location    ? 
_entity_src_gen.host_org_common_name               ? 
_entity_src_gen.pdbx_host_org_scientific_name      'Escherichia coli' 
_entity_src_gen.pdbx_host_org_ncbi_taxonomy_id     562 
_entity_src_gen.host_org_genus                     ? 
_entity_src_gen.pdbx_host_org_gene                 ? 
_entity_src_gen.pdbx_host_org_organ                ? 
_entity_src_gen.host_org_species                   ? 
_entity_src_gen.pdbx_host_org_tissue               ? 
_entity_src_gen.pdbx_host_org_tissue_fraction      ? 
_entity_src_gen.pdbx_host_org_strain               'BL21(DE3)pLysS' 
_entity_src_gen.pdbx_host_org_variant              ? 
_entity_src_gen.pdbx_host_org_cell_line            ? 
_entity_src_gen.pdbx_host_org_atcc                 ? 
_entity_src_gen.pdbx_host_org_culture_collection   ? 
_entity_src_gen.pdbx_host_org_cell                 ? 
_entity_src_gen.pdbx_host_org_organelle            ? 
_entity_src_gen.pdbx_host_org_cellular_location    ? 
_entity_src_gen.pdbx_host_org_vector_type          plasmid 
_entity_src_gen.pdbx_host_org_vector               ? 
_entity_src_gen.host_org_details                   ? 
_entity_src_gen.expression_system_id               ? 
_entity_src_gen.plasmid_name                       pPSG-IBA3 
_entity_src_gen.plasmid_details                    ? 
_entity_src_gen.pdbx_description                   ? 
# 
_struct_ref.id                         1 
_struct_ref.db_name                    UNP 
_struct_ref.db_code                    Q834R2_ENTFA 
_struct_ref.pdbx_db_accession          Q834R2 
_struct_ref.entity_id                  1 
_struct_ref.pdbx_seq_one_letter_code   
;MLAAIWAQDEQGVIGKEGKLPWHLPNDLKFFKEKTIHNTLVLGRATFEGMGCRPLPNRTTIVLTSNPDYQAEGVLVMHSV
EEILAYADKYEGVTVIGGGSVVFKELIPACDVLYRTMIHETFEGDTFFPEIDWSVWEKVATVPGVVDEKNLYAHDYETYH
RNDK
;
_struct_ref.pdbx_align_begin           1 
_struct_ref.pdbx_db_isoform            ? 
# 
_struct_ref_seq.align_id                      1 
_struct_ref_seq.ref_id                        1 
_struct_ref_seq.pdbx_PDB_id_code              4M7U 
_struct_ref_seq.pdbx_strand_id                A 
_struct_ref_seq.seq_align_beg                 9 
_struct_ref_seq.pdbx_seq_align_beg_ins_code   ? 
_struct_ref_seq.seq_align_end                 172 
_struct_ref_seq.pdbx_seq_align_end_ins_code   ? 
_struct_ref_seq.pdbx_db_accession             Q834R2 
_struct_ref_seq.db_align_beg                  1 
_struct_ref_seq.pdbx_db_align_beg_ins_code    ? 
_struct_ref_seq.db_align_end                  164 
_struct_ref_seq.pdbx_db_align_end_ins_code    ? 
_struct_ref_seq.pdbx_auth_seq_align_beg       1 
_struct_ref_seq.pdbx_auth_seq_align_end       164 
# 
loop_
_struct_ref_seq_dif.align_id 
_struct_ref_seq_dif.pdbx_pdb_id_code 
_struct_ref_seq_dif.mon_id 
_struct_ref_seq_dif.pdbx_pdb_strand_id 
_struct_ref_seq_dif.seq_num 
_struct_ref_seq_dif.pdbx_pdb_ins_code 
_struct_ref_seq_dif.pdbx_seq_db_name 
_struct_ref_seq_dif.pdbx_seq_db_accession_code 
_struct_ref_seq_dif.db_mon_id 
_struct_ref_seq_dif.pdbx_seq_db_seq_num 
_struct_ref_seq_dif.details 
_struct_ref_seq_dif.pdbx_auth_seq_num 
_struct_ref_seq_dif.pdbx_ordinal 
1 4M7U MET A 1   ? UNP Q834R2 ? ? 'expression tag' -7  1  
1 4M7U GLU A 2   ? UNP Q834R2 ? ? 'expression tag' -6  2  
1 4M7U ASN A 3   ? UNP Q834R2 ? ? 'expression tag' -5  3  
1 4M7U LEU A 4   ? UNP Q834R2 ? ? 'expression tag' -4  4  
1 4M7U TYR A 5   ? UNP Q834R2 ? ? 'expression tag' -3  5  
1 4M7U PHE A 6   ? UNP Q834R2 ? ? 'expression tag' -2  6  
1 4M7U GLN A 7   ? UNP Q834R2 ? ? 'expression tag' -1  7  
1 4M7U GLY A 8   ? UNP Q834R2 ? ? 'expression tag' 0   8  
1 4M7U LEU A 173 ? UNP Q834R2 ? ? 'expression tag' 165 9  
1 4M7U VAL A 174 ? UNP Q834R2 ? ? 'expression tag' 166 10 
1 4M7U PRO A 175 ? UNP Q834R2 ? ? 'expression tag' 167 11 
1 4M7U ARG A 176 ? UNP Q834R2 ? ? 'expression tag' 168 12 
# 
loop_
_chem_comp.id 
_chem_comp.type 
_chem_comp.mon_nstd_flag 
_chem_comp.name 
_chem_comp.pdbx_synonyms 
_chem_comp.formula 
_chem_comp.formula_weight 
ALA 'L-peptide linking' y ALANINE                                            ?                                            
'C3 H7 N O2'        89.093  
ARG 'L-peptide linking' y ARGININE                                           ?                                            
'C6 H15 N4 O2 1'    175.209 
ASN 'L-peptide linking' y ASPARAGINE                                         ?                                            
'C4 H8 N2 O3'       132.118 
ASP 'L-peptide linking' y 'ASPARTIC ACID'                                    ?                                            
'C4 H7 N O4'        133.103 
CYS 'L-peptide linking' y CYSTEINE                                           ?                                            
'C3 H7 N O2 S'      121.158 
GLN 'L-peptide linking' y GLUTAMINE                                          ?                                            
'C5 H10 N2 O3'      146.144 
GLU 'L-peptide linking' y 'GLUTAMIC ACID'                                    ?                                            
'C5 H9 N O4'        147.129 
GLY 'peptide linking'   y GLYCINE                                            ?                                            
'C2 H5 N O2'        75.067  
HIS 'L-peptide linking' y HISTIDINE                                          ?                                            
'C6 H10 N3 O2 1'    156.162 
HOH non-polymer         . WATER                                              ?                                            'H2 O' 
18.015  
ILE 'L-peptide linking' y ISOLEUCINE                                         ?                                            
'C6 H13 N O2'       131.173 
LEU 'L-peptide linking' y LEUCINE                                            ?                                            
'C6 H13 N O2'       131.173 
LYS 'L-peptide linking' y LYSINE                                             ?                                            
'C6 H15 N2 O2 1'    147.195 
MET 'L-peptide linking' y METHIONINE                                         ?                                            
'C5 H11 N O2 S'     149.211 
NAP non-polymer         . 'NADP NICOTINAMIDE-ADENINE-DINUCLEOTIDE PHOSPHATE' 
;2'-MONOPHOSPHOADENOSINE 5'-DIPHOSPHORIBOSE
;
'C21 H28 N7 O17 P3' 743.405 
PHE 'L-peptide linking' y PHENYLALANINE                                      ?                                            
'C9 H11 N O2'       165.189 
PRO 'L-peptide linking' y PROLINE                                            ?                                            
'C5 H9 N O2'        115.130 
SER 'L-peptide linking' y SERINE                                             ?                                            
'C3 H7 N O3'        105.093 
THR 'L-peptide linking' y THREONINE                                          ?                                            
'C4 H9 N O3'        119.119 
TRP 'L-peptide linking' y TRYPTOPHAN                                         ?                                            
'C11 H12 N2 O2'     204.225 
TYR 'L-peptide linking' y TYROSINE                                           ?                                            
'C9 H11 N O3'       181.189 
VAL 'L-peptide linking' y VALINE                                             ?                                            
'C5 H11 N O2'       117.146 
# 
_exptl.entry_id          4M7U 
_exptl.method            'X-RAY DIFFRACTION' 
_exptl.crystals_number   1 
# 
_exptl_crystal.id                    1 
_exptl_crystal.density_meas          ? 
_exptl_crystal.density_Matthews      2.50 
_exptl_crystal.density_percent_sol   50.76 
_exptl_crystal.description           ? 
_exptl_crystal.F_000                 ? 
_exptl_crystal.preparation           ? 
# 
_exptl_crystal_grow.crystal_id      1 
_exptl_crystal_grow.method          'VAPOR DIFFUSION, SITTING DROP' 
_exptl_crystal_grow.temp            298 
_exptl_crystal_grow.temp_details    ? 
_exptl_crystal_grow.pH              7 
_exptl_crystal_grow.pdbx_details    
'polyethylene glycol 3350, 1.5 M ammonium citrate dibasic pH 7 , VAPOR DIFFUSION, SITTING DROP, temperature 298K' 
_exptl_crystal_grow.pdbx_pH_range   ? 
# 
_diffrn.id                     1 
_diffrn.ambient_temp           100 
_diffrn.ambient_temp_details   ? 
_diffrn.crystal_id             1 
# 
_diffrn_detector.diffrn_id              1 
_diffrn_detector.detector               'IMAGE PLATE' 
_diffrn_detector.type                   'RIGAKU RAXIS IV++' 
_diffrn_detector.pdbx_collection_date   2012-03-03 
_diffrn_detector.details                ? 
# 
_diffrn_radiation.diffrn_id                        1 
_diffrn_radiation.wavelength_id                    1 
_diffrn_radiation.pdbx_monochromatic_or_laue_m_l   M 
_diffrn_radiation.monochromator                    ? 
_diffrn_radiation.pdbx_diffrn_protocol             'SINGLE WAVELENGTH' 
_diffrn_radiation.pdbx_scattering_type             x-ray 
# 
_diffrn_radiation_wavelength.id           1 
_diffrn_radiation_wavelength.wavelength   1.54 
_diffrn_radiation_wavelength.wt           1.0 
# 
_diffrn_source.diffrn_id                   1 
_diffrn_source.source                      'ROTATING ANODE' 
_diffrn_source.type                        'RIGAKU RUH3R' 
_diffrn_source.pdbx_synchrotron_site       ? 
_diffrn_source.pdbx_synchrotron_beamline   ? 
_diffrn_source.pdbx_wavelength             ? 
_diffrn_source.pdbx_wavelength_list        1.54 
# 
_reflns.entry_id                     4M7U 
_reflns.observed_criterion_sigma_I   0 
_reflns.observed_criterion_sigma_F   0 
_reflns.d_resolution_high            2.101 
_reflns.d_resolution_low             40.63 
_reflns.number_obs                   11841 
_reflns.number_all                   12062 
_reflns.percent_possible_obs         98.17 
_reflns.pdbx_Rmerge_I_obs            ? 
_reflns.pdbx_Rsym_value              0.097 
_reflns.pdbx_netI_over_sigmaI        9.0 
_reflns.B_iso_Wilson_estimate        26.5 
_reflns.pdbx_redundancy              4.5 
_reflns.R_free_details               ? 
_reflns.limit_h_max                  ? 
_reflns.limit_h_min                  ? 
_reflns.limit_k_max                  ? 
_reflns.limit_k_min                  ? 
_reflns.limit_l_max                  ? 
_reflns.limit_l_min                  ? 
_reflns.observed_criterion_F_max     ? 
_reflns.observed_criterion_F_min     ? 
_reflns.pdbx_chi_squared             ? 
_reflns.pdbx_scaling_rejects         ? 
_reflns.pdbx_ordinal                 1 
_reflns.pdbx_diffrn_id               1 
# 
_refine.entry_id                                 4M7U 
_refine.ls_number_reflns_obs                     11737 
_refine.ls_number_reflns_all                     ? 
_refine.pdbx_ls_sigma_I                          ? 
_refine.pdbx_ls_sigma_F                          0.00 
_refine.pdbx_data_cutoff_high_absF               ? 
_refine.pdbx_data_cutoff_low_absF                ? 
_refine.pdbx_data_cutoff_high_rms_absF           ? 
_refine.ls_d_res_low                             40.628 
_refine.ls_d_res_high                            2.1014 
_refine.ls_percent_reflns_obs                    97.32 
_refine.ls_R_factor_obs                          0.1855 
_refine.ls_R_factor_all                          ? 
_refine.ls_R_factor_R_work                       0.1835 
_refine.ls_R_factor_R_free                       0.2228 
_refine.ls_R_factor_R_free_error                 ? 
_refine.ls_R_factor_R_free_error_details         ? 
_refine.ls_percent_reflns_R_free                 5.02 
_refine.ls_number_reflns_R_free                  589 
_refine.ls_number_parameters                     ? 
_refine.ls_number_restraints                     ? 
_refine.occupancy_min                            ? 
_refine.occupancy_max                            ? 
_refine.correlation_coeff_Fo_to_Fc               ? 
_refine.correlation_coeff_Fo_to_Fc_free          ? 
_refine.B_iso_mean                               ? 
_refine.aniso_B[1][1]                            ? 
_refine.aniso_B[2][2]                            ? 
_refine.aniso_B[3][3]                            ? 
_refine.aniso_B[1][2]                            ? 
_refine.aniso_B[1][3]                            ? 
_refine.aniso_B[2][3]                            ? 
_refine.solvent_model_details                    'FLAT BULK SOLVENT MODEL' 
_refine.solvent_model_param_ksol                 ? 
_refine.solvent_model_param_bsol                 ? 
_refine.pdbx_solvent_vdw_probe_radii             1.00 
_refine.pdbx_solvent_ion_probe_radii             ? 
_refine.pdbx_solvent_shrinkage_radii             0.70 
_refine.pdbx_ls_cross_valid_method               ? 
_refine.details                                  ? 
_refine.pdbx_starting_model                      'SWISS-MODEL homology model based on 1ZDR' 
_refine.pdbx_method_to_determine_struct          'MOLECULAR REPLACEMENT' 
_refine.pdbx_isotropic_thermal_model             ? 
_refine.pdbx_stereochemistry_target_values       ML 
_refine.pdbx_stereochem_target_val_spec_case     ? 
_refine.pdbx_R_Free_selection_details            '5% random selection' 
_refine.pdbx_overall_ESU_R                       ? 
_refine.pdbx_overall_ESU_R_Free                  ? 
_refine.overall_SU_ML                            0.23 
_refine.pdbx_overall_phase_error                 21.96 
_refine.overall_SU_B                             ? 
_refine.overall_SU_R_Cruickshank_DPI             ? 
_refine.ls_redundancy_reflns_obs                 ? 
_refine.B_iso_min                                ? 
_refine.B_iso_max                                ? 
_refine.overall_SU_R_free                        ? 
_refine.ls_wR_factor_R_free                      ? 
_refine.ls_wR_factor_R_work                      ? 
_refine.overall_FOM_free_R_set                   ? 
_refine.overall_FOM_work_R_set                   ? 
_refine.pdbx_diffrn_id                           1 
_refine.pdbx_refine_id                           'X-RAY DIFFRACTION' 
_refine.pdbx_TLS_residual_ADP_flag               ? 
_refine.pdbx_overall_SU_R_free_Cruickshank_DPI   ? 
_refine.pdbx_overall_SU_R_Blow_DPI               ? 
_refine.pdbx_overall_SU_R_free_Blow_DPI          ? 
# 
_refine_hist.pdbx_refine_id                   'X-RAY DIFFRACTION' 
_refine_hist.cycle_id                         LAST 
_refine_hist.pdbx_number_atoms_protein        1362 
_refine_hist.pdbx_number_atoms_nucleic_acid   0 
_refine_hist.pdbx_number_atoms_ligand         48 
_refine_hist.number_atoms_solvent             131 
_refine_hist.number_atoms_total               1541 
_refine_hist.d_res_high                       2.1014 
_refine_hist.d_res_low                        40.628 
# 
loop_
_refine_ls_restr.type 
_refine_ls_restr.dev_ideal 
_refine_ls_restr.dev_ideal_target 
_refine_ls_restr.weight 
_refine_ls_restr.number 
_refine_ls_restr.pdbx_restraint_function 
_refine_ls_restr.pdbx_refine_id 
f_bond_d           0.008  ? ? 1504 ? 'X-RAY DIFFRACTION' 
f_angle_d          1.229  ? ? 2065 ? 'X-RAY DIFFRACTION' 
f_dihedral_angle_d 29.428 ? ? 624  ? 'X-RAY DIFFRACTION' 
f_chiral_restr     0.108  ? ? 227  ? 'X-RAY DIFFRACTION' 
f_plane_restr      0.008  ? ? 249  ? 'X-RAY DIFFRACTION' 
# 
loop_
_refine_ls_shell.pdbx_total_number_of_bins_used 
_refine_ls_shell.d_res_high 
_refine_ls_shell.d_res_low 
_refine_ls_shell.number_reflns_R_work 
_refine_ls_shell.R_factor_R_work 
_refine_ls_shell.percent_reflns_obs 
_refine_ls_shell.R_factor_R_free 
_refine_ls_shell.R_factor_R_free_error 
_refine_ls_shell.percent_reflns_R_free 
_refine_ls_shell.number_reflns_R_free 
_refine_ls_shell.number_reflns_all 
_refine_ls_shell.R_factor_all 
_refine_ls_shell.number_reflns_obs 
_refine_ls_shell.redundancy_reflns_obs 
_refine_ls_shell.pdbx_refine_id 
. 2.1014 2.3128  2642 0.2157 95.00 0.2818 . . 143 . . . . 'X-RAY DIFFRACTION' 
. 2.3128 2.6475  2783 0.2051 99.00 0.2647 . . 145 . . . . 'X-RAY DIFFRACTION' 
. 2.6475 3.3353  2818 0.1914 99.00 0.2459 . . 148 . . . . 'X-RAY DIFFRACTION' 
. 3.3353 40.6358 2905 0.1631 97.00 0.1821 . . 153 . . . . 'X-RAY DIFFRACTION' 
# 
_struct.entry_id                  4M7U 
_struct.title                     'Dihydrofolate reductase from Enterococcus faecalis complexed with NADP(H)' 
_struct.pdbx_model_details        ? 
_struct.pdbx_CASP_flag            ? 
_struct.pdbx_model_type_details   ? 
# 
_struct_keywords.entry_id        4M7U 
_struct_keywords.pdbx_keywords   OXIDOREDUCTASE 
_struct_keywords.text            'oxidoreductase, reduction of dihydrofolate to tetrahydrofolate' 
# 
loop_
_struct_asym.id 
_struct_asym.pdbx_blank_PDB_chainid_flag 
_struct_asym.pdbx_modified 
_struct_asym.entity_id 
_struct_asym.details 
A N N 1 ? 
B N N 2 ? 
C N N 3 ? 
# 
_struct_biol.id        1 
_struct_biol.details   ? 
# 
loop_
_struct_conf.conf_type_id 
_struct_conf.id 
_struct_conf.pdbx_PDB_helix_id 
_struct_conf.beg_label_comp_id 
_struct_conf.beg_label_asym_id 
_struct_conf.beg_label_seq_id 
_struct_conf.pdbx_beg_PDB_ins_code 
_struct_conf.end_label_comp_id 
_struct_conf.end_label_asym_id 
_struct_conf.end_label_seq_id 
_struct_conf.pdbx_end_PDB_ins_code 
_struct_conf.beg_auth_comp_id 
_struct_conf.beg_auth_asym_id 
_struct_conf.beg_auth_seq_id 
_struct_conf.end_auth_comp_id 
_struct_conf.end_auth_asym_id 
_struct_conf.end_auth_seq_id 
_struct_conf.pdbx_PDB_helix_class 
_struct_conf.details 
_struct_conf.pdbx_PDB_helix_length 
HELX_P HELX_P1 1 LEU A 32  ? ILE A 44  ? LEU A 24  ILE A 36  1 ? 13 
HELX_P HELX_P2 2 ARG A 52  ? MET A 58  ? ARG A 44  MET A 50  1 ? 7  
HELX_P HELX_P3 3 SER A 87  ? TYR A 98  ? SER A 79  TYR A 90  1 ? 12 
HELX_P HELX_P4 4 GLY A 107 ? ILE A 115 ? GLY A 99  ILE A 107 1 ? 9  
HELX_P HELX_P5 5 PRO A 116 ? CYS A 118 ? PRO A 108 CYS A 110 5 ? 3  
HELX_P HELX_P6 6 ASP A 140 ? SER A 142 ? ASP A 132 SER A 134 5 ? 3  
# 
_struct_conf_type.id          HELX_P 
_struct_conf_type.criteria    ? 
_struct_conf_type.reference   ? 
# 
_struct_mon_prot_cis.pdbx_id                1 
_struct_mon_prot_cis.label_comp_id          GLY 
_struct_mon_prot_cis.label_seq_id           106 
_struct_mon_prot_cis.label_asym_id          A 
_struct_mon_prot_cis.label_alt_id           . 
_struct_mon_prot_cis.pdbx_PDB_ins_code      ? 
_struct_mon_prot_cis.auth_comp_id           GLY 
_struct_mon_prot_cis.auth_seq_id            98 
_struct_mon_prot_cis.auth_asym_id           A 
_struct_mon_prot_cis.pdbx_label_comp_id_2   GLY 
_struct_mon_prot_cis.pdbx_label_seq_id_2    107 
_struct_mon_prot_cis.pdbx_label_asym_id_2   A 
_struct_mon_prot_cis.pdbx_PDB_ins_code_2    ? 
_struct_mon_prot_cis.pdbx_auth_comp_id_2    GLY 
_struct_mon_prot_cis.pdbx_auth_seq_id_2     99 
_struct_mon_prot_cis.pdbx_auth_asym_id_2    A 
_struct_mon_prot_cis.pdbx_PDB_model_num     1 
_struct_mon_prot_cis.pdbx_omega_angle       2.48 
# 
loop_
_struct_sheet.id 
_struct_sheet.type 
_struct_sheet.number_strands 
_struct_sheet.details 
A ? 8 ? 
B ? 2 ? 
# 
loop_
_struct_sheet_order.sheet_id 
_struct_sheet_order.range_id_1 
_struct_sheet_order.range_id_2 
_struct_sheet_order.offset 
_struct_sheet_order.sense 
A 1 2 ? parallel      
A 2 3 ? parallel      
A 3 4 ? parallel      
A 4 5 ? parallel      
A 5 6 ? parallel      
A 6 7 ? anti-parallel 
A 7 8 ? anti-parallel 
B 1 2 ? anti-parallel 
# 
loop_
_struct_sheet_range.sheet_id 
_struct_sheet_range.id 
_struct_sheet_range.beg_label_comp_id 
_struct_sheet_range.beg_label_asym_id 
_struct_sheet_range.beg_label_seq_id 
_struct_sheet_range.pdbx_beg_PDB_ins_code 
_struct_sheet_range.end_label_comp_id 
_struct_sheet_range.end_label_asym_id 
_struct_sheet_range.end_label_seq_id 
_struct_sheet_range.pdbx_end_PDB_ins_code 
_struct_sheet_range.beg_auth_comp_id 
_struct_sheet_range.beg_auth_asym_id 
_struct_sheet_range.beg_auth_seq_id 
_struct_sheet_range.end_auth_comp_id 
_struct_sheet_range.end_auth_asym_id 
_struct_sheet_range.end_auth_seq_id 
A 1 LEU A 83  ? MET A 85  ? LEU A 75  MET A 77  
A 2 THR A 67  ? LEU A 71  ? THR A 59  LEU A 63  
A 3 THR A 47  ? GLY A 51  ? THR A 39  GLY A 43  
A 4 VAL A 101 ? ILE A 104 ? VAL A 93  ILE A 96  
A 5 MET A 9   ? ASP A 17  ? MET A 1   ASP A 9   
A 6 VAL A 120 ? ILE A 126 ? VAL A 112 ILE A 118 
A 7 HIS A 162 ? ARG A 169 ? HIS A 154 ARG A 161 
A 8 TRP A 144 ? PRO A 151 ? TRP A 136 PRO A 143 
B 1 VAL A 21  ? GLY A 23  ? VAL A 13  GLY A 15  
B 2 THR A 134 ? PHE A 135 ? THR A 126 PHE A 127 
# 
loop_
_pdbx_struct_sheet_hbond.sheet_id 
_pdbx_struct_sheet_hbond.range_id_1 
_pdbx_struct_sheet_hbond.range_id_2 
_pdbx_struct_sheet_hbond.range_1_label_atom_id 
_pdbx_struct_sheet_hbond.range_1_label_comp_id 
_pdbx_struct_sheet_hbond.range_1_label_asym_id 
_pdbx_struct_sheet_hbond.range_1_label_seq_id 
_pdbx_struct_sheet_hbond.range_1_PDB_ins_code 
_pdbx_struct_sheet_hbond.range_1_auth_atom_id 
_pdbx_struct_sheet_hbond.range_1_auth_comp_id 
_pdbx_struct_sheet_hbond.range_1_auth_asym_id 
_pdbx_struct_sheet_hbond.range_1_auth_seq_id 
_pdbx_struct_sheet_hbond.range_2_label_atom_id 
_pdbx_struct_sheet_hbond.range_2_label_comp_id 
_pdbx_struct_sheet_hbond.range_2_label_asym_id 
_pdbx_struct_sheet_hbond.range_2_label_seq_id 
_pdbx_struct_sheet_hbond.range_2_PDB_ins_code 
_pdbx_struct_sheet_hbond.range_2_auth_atom_id 
_pdbx_struct_sheet_hbond.range_2_auth_comp_id 
_pdbx_struct_sheet_hbond.range_2_auth_asym_id 
_pdbx_struct_sheet_hbond.range_2_auth_seq_id 
A 1 2 O LEU A 83  ? O LEU A 75  N VAL A 70  ? N VAL A 62  
A 2 3 O ILE A 69  ? O ILE A 61  N LEU A 48  ? N LEU A 40  
A 3 4 N THR A 47  ? N THR A 39  O VAL A 103 ? O VAL A 95  
A 4 5 O ILE A 104 ? O ILE A 96  N ALA A 11  ? N ALA A 3   
A 5 6 N ALA A 12  ? N ALA A 4   O TYR A 122 ? O TYR A 114 
A 6 7 N ARG A 123 ? N ARG A 115 O GLU A 165 ? O GLU A 157 
A 7 8 O TYR A 164 ? O TYR A 156 N VAL A 150 ? N VAL A 142 
B 1 2 N ILE A 22  ? N ILE A 14  O THR A 134 ? O THR A 126 
# 
_struct_site.id                   AC1 
_struct_site.pdbx_evidence_code   Software 
_struct_site.pdbx_auth_asym_id    A 
_struct_site.pdbx_auth_comp_id    NAP 
_struct_site.pdbx_auth_seq_id     201 
_struct_site.pdbx_auth_ins_code   ? 
_struct_site.pdbx_num_residues    38 
_struct_site.details              'BINDING SITE FOR RESIDUE NAP A 201' 
# 
loop_
_struct_site_gen.id 
_struct_site_gen.site_id 
_struct_site_gen.pdbx_num_res 
_struct_site_gen.label_comp_id 
_struct_site_gen.label_asym_id 
_struct_site_gen.label_seq_id 
_struct_site_gen.pdbx_auth_ins_code 
_struct_site_gen.auth_comp_id 
_struct_site_gen.auth_asym_id 
_struct_site_gen.auth_seq_id 
_struct_site_gen.label_atom_id 
_struct_site_gen.label_alt_id 
_struct_site_gen.symmetry 
_struct_site_gen.details 
1  AC1 38 TRP A 14  ? TRP A 6   . ? 1_555 ? 
2  AC1 38 ALA A 15  ? ALA A 7   . ? 1_555 ? 
3  AC1 38 ILE A 22  ? ILE A 14  . ? 1_555 ? 
4  AC1 38 GLY A 23  ? GLY A 15  . ? 1_555 ? 
5  AC1 38 GLY A 26  ? GLY A 18  . ? 1_555 ? 
6  AC1 38 LYS A 27  ? LYS A 19  . ? 1_555 ? 
7  AC1 38 LEU A 28  ? LEU A 20  . ? 1_555 ? 
8  AC1 38 HIS A 45  ? HIS A 37  . ? 5_545 ? 
9  AC1 38 ASN A 46  ? ASN A 38  . ? 5_545 ? 
10 AC1 38 GLY A 51  ? GLY A 43  . ? 1_555 ? 
11 AC1 38 ARG A 52  ? ARG A 44  . ? 1_555 ? 
12 AC1 38 ALA A 53  ? ALA A 45  . ? 1_555 ? 
13 AC1 38 THR A 54  ? THR A 46  . ? 1_555 ? 
14 AC1 38 ASN A 65  ? ASN A 57  . ? 5_545 ? 
15 AC1 38 ARG A 66  ? ARG A 58  . ? 5_545 ? 
16 AC1 38 THR A 67  ? THR A 59  . ? 5_545 ? 
17 AC1 38 LEU A 71  ? LEU A 63  . ? 1_555 ? 
18 AC1 38 THR A 72  ? THR A 64  . ? 1_555 ? 
19 AC1 38 SER A 73  ? SER A 65  . ? 1_555 ? 
20 AC1 38 HIS A 86  ? HIS A 78  . ? 1_555 ? 
21 AC1 38 SER A 87  ? SER A 79  . ? 1_555 ? 
22 AC1 38 VAL A 88  ? VAL A 80  . ? 1_555 ? 
23 AC1 38 GLY A 105 ? GLY A 97  . ? 1_555 ? 
24 AC1 38 GLY A 106 ? GLY A 98  . ? 1_555 ? 
25 AC1 38 GLY A 107 ? GLY A 99  . ? 1_555 ? 
26 AC1 38 SER A 108 ? SER A 100 . ? 1_555 ? 
27 AC1 38 VAL A 109 ? VAL A 101 . ? 1_555 ? 
28 AC1 38 VAL A 110 ? VAL A 102 . ? 1_555 ? 
29 AC1 38 PHE A 111 ? PHE A 103 . ? 1_555 ? 
30 AC1 38 GLU A 113 ? GLU A 105 . ? 1_555 ? 
31 AC1 38 ASP A 133 ? ASP A 125 . ? 1_555 ? 
32 AC1 38 THR A 134 ? THR A 126 . ? 1_555 ? 
33 AC1 38 HOH C .   ? HOH A 307 . ? 1_555 ? 
34 AC1 38 HOH C .   ? HOH A 313 . ? 1_555 ? 
35 AC1 38 HOH C .   ? HOH A 317 . ? 1_555 ? 
36 AC1 38 HOH C .   ? HOH A 324 . ? 1_555 ? 
37 AC1 38 HOH C .   ? HOH A 345 . ? 1_555 ? 
38 AC1 38 HOH C .   ? HOH A 394 . ? 1_555 ? 
# 
_atom_sites.entry_id                    4M7U 
_atom_sites.fract_transf_matrix[1][1]   0.01130377 
_atom_sites.fract_transf_matrix[1][2]   -0.01103739 
_atom_sites.fract_transf_matrix[1][3]   0.00057031 
_atom_sites.fract_transf_matrix[2][1]   -0.01064056 
_atom_sites.fract_transf_matrix[2][2]   -0.01108889 
_atom_sites.fract_transf_matrix[2][3]   -0.00370667 
_atom_sites.fract_transf_matrix[3][1]   0.00194558 
_atom_sites.fract_transf_matrix[3][2]   0.00147582 
_atom_sites.fract_transf_matrix[3][3]   -0.01000016 
_atom_sites.fract_transf_vector[1]      0.278677 
_atom_sites.fract_transf_vector[2]      -0.266412 
_atom_sites.fract_transf_vector[3]      0.052657 
# 
loop_
_atom_type.symbol 
C 
N 
O 
P 
S 
# 
loop_
_atom_site.group_PDB 
_atom_site.id 
_atom_site.type_symbol 
_atom_site.label_atom_id 
_atom_site.label_alt_id 
_atom_site.label_comp_id 
_atom_site.label_asym_id 
_atom_site.label_entity_id 
_atom_site.label_seq_id 
_atom_site.pdbx_PDB_ins_code 
_atom_site.Cartn_x 
_atom_site.Cartn_y 
_atom_site.Cartn_z 
_atom_site.occupancy 
_atom_site.B_iso_or_equiv 
_atom_site.pdbx_formal_charge 
_atom_site.auth_seq_id 
_atom_site.auth_comp_id 
_atom_site.auth_asym_id 
_atom_site.auth_atom_id 
_atom_site.pdbx_PDB_model_num 
ATOM   1    N N   . MET A 1 1   ? -30.135 -0.141  9.693   1.00 46.18 ? -7  MET A N   1 
ATOM   2    C CA  . MET A 1 1   ? -29.007 0.663   9.208   1.00 76.33 ? -7  MET A CA  1 
ATOM   3    C C   . MET A 1 1   ? -27.877 0.854   10.231  1.00 76.28 ? -7  MET A C   1 
ATOM   4    O O   . MET A 1 1   ? -28.112 0.984   11.444  1.00 67.56 ? -7  MET A O   1 
ATOM   5    C CB  . MET A 1 1   ? -29.472 2.027   8.667   1.00 66.75 ? -7  MET A CB  1 
ATOM   6    C CG  . MET A 1 1   ? -30.394 2.807   9.601   1.00 70.30 ? -7  MET A CG  1 
ATOM   7    S SD  . MET A 1 1   ? -29.864 4.501   9.954   1.00 90.83 ? -7  MET A SD  1 
ATOM   8    C CE  . MET A 1 1   ? -28.457 4.194   11.030  1.00 46.40 ? -7  MET A CE  1 
ATOM   9    N N   . GLU A 1 2   ? -26.652 0.872   9.712   1.00 71.90 ? -6  GLU A N   1 
ATOM   10   C CA  . GLU A 1 2   ? -25.452 1.027   10.525  1.00 73.15 ? -6  GLU A CA  1 
ATOM   11   C C   . GLU A 1 2   ? -24.590 2.162   9.965   1.00 59.89 ? -6  GLU A C   1 
ATOM   12   O O   . GLU A 1 2   ? -23.359 2.074   9.945   1.00 45.08 ? -6  GLU A O   1 
ATOM   13   C CB  . GLU A 1 2   ? -24.659 -0.289  10.567  1.00 61.01 ? -6  GLU A CB  1 
ATOM   14   C CG  . GLU A 1 2   ? -25.521 -1.553  10.677  1.00 46.38 ? -6  GLU A CG  1 
ATOM   15   C CD  . GLU A 1 2   ? -25.925 -2.124  9.315   1.00 64.19 ? -6  GLU A CD  1 
ATOM   16   O OE1 . GLU A 1 2   ? -25.064 -2.738  8.634   1.00 53.96 ? -6  GLU A OE1 1 
ATOM   17   O OE2 . GLU A 1 2   ? -27.106 -1.966  8.921   1.00 55.26 ? -6  GLU A OE2 1 
ATOM   18   N N   . ASN A 1 3   ? -25.251 3.227   9.517   1.00 59.41 ? -5  ASN A N   1 
ATOM   19   C CA  . ASN A 1 3   ? -24.581 4.406   8.962   1.00 61.78 ? -5  ASN A CA  1 
ATOM   20   C C   . ASN A 1 3   ? -23.709 5.161   9.975   1.00 57.54 ? -5  ASN A C   1 
ATOM   21   O O   . ASN A 1 3   ? -22.962 6.076   9.617   1.00 50.66 ? -5  ASN A O   1 
ATOM   22   C CB  . ASN A 1 3   ? -25.618 5.370   8.370   1.00 71.56 ? -5  ASN A CB  1 
ATOM   23   C CG  . ASN A 1 3   ? -26.415 4.753   7.227   1.00 75.57 ? -5  ASN A CG  1 
ATOM   24   O OD1 . ASN A 1 3   ? -26.620 3.536   7.175   1.00 84.64 ? -5  ASN A OD1 1 
ATOM   25   N ND2 . ASN A 1 3   ? -26.867 5.596   6.300   1.00 64.62 ? -5  ASN A ND2 1 
ATOM   26   N N   . LEU A 1 4   ? -23.818 4.772   11.240  1.00 44.54 ? -4  LEU A N   1 
ATOM   27   C CA  . LEU A 1 4   ? -23.106 5.432   12.321  1.00 36.39 ? -4  LEU A CA  1 
ATOM   28   C C   . LEU A 1 4   ? -21.875 4.614   12.750  1.00 34.97 ? -4  LEU A C   1 
ATOM   29   O O   . LEU A 1 4   ? -21.192 4.964   13.714  1.00 41.55 ? -4  LEU A O   1 
ATOM   30   C CB  . LEU A 1 4   ? -24.066 5.640   13.498  1.00 40.66 ? -4  LEU A CB  1 
ATOM   31   C CG  . LEU A 1 4   ? -25.480 6.081   13.087  1.00 32.30 ? -4  LEU A CG  1 
ATOM   32   C CD1 . LEU A 1 4   ? -26.473 5.873   14.211  1.00 29.00 ? -4  LEU A CD1 1 
ATOM   33   C CD2 . LEU A 1 4   ? -25.492 7.529   12.661  1.00 27.13 ? -4  LEU A CD2 1 
ATOM   34   N N   . TYR A 1 5   ? -21.607 3.523   12.032  1.00 35.79 ? -3  TYR A N   1 
ATOM   35   C CA  . TYR A 1 5   ? -20.427 2.689   12.260  1.00 30.96 ? -3  TYR A CA  1 
ATOM   36   C C   . TYR A 1 5   ? -19.617 2.606   10.980  1.00 35.39 ? -3  TYR A C   1 
ATOM   37   O O   . TYR A 1 5   ? -20.175 2.642   9.881   1.00 33.28 ? -3  TYR A O   1 
ATOM   38   C CB  . TYR A 1 5   ? -20.824 1.248   12.596  1.00 36.28 ? -3  TYR A CB  1 
ATOM   39   C CG  . TYR A 1 5   ? -21.578 1.037   13.875  1.00 35.90 ? -3  TYR A CG  1 
ATOM   40   C CD1 . TYR A 1 5   ? -20.904 0.745   15.059  1.00 37.49 ? -3  TYR A CD1 1 
ATOM   41   C CD2 . TYR A 1 5   ? -22.965 1.093   13.897  1.00 34.46 ? -3  TYR A CD2 1 
ATOM   42   C CE1 . TYR A 1 5   ? -21.592 0.540   16.241  1.00 22.83 ? -3  TYR A CE1 1 
ATOM   43   C CE2 . TYR A 1 5   ? -23.665 0.889   15.070  1.00 33.24 ? -3  TYR A CE2 1 
ATOM   44   C CZ  . TYR A 1 5   ? -22.975 0.611   16.238  1.00 31.63 ? -3  TYR A CZ  1 
ATOM   45   O OH  . TYR A 1 5   ? -23.673 0.399   17.405  1.00 17.02 ? -3  TYR A OH  1 
ATOM   46   N N   . PHE A 1 6   ? -18.303 2.463   11.122  1.00 45.36 ? -2  PHE A N   1 
ATOM   47   C CA  . PHE A 1 6   ? -17.466 2.048   10.008  1.00 26.55 ? -2  PHE A CA  1 
ATOM   48   C C   . PHE A 1 6   ? -17.052 0.588   10.234  1.00 28.51 ? -2  PHE A C   1 
ATOM   49   O O   . PHE A 1 6   ? -16.273 0.283   11.143  1.00 27.56 ? -2  PHE A O   1 
ATOM   50   C CB  . PHE A 1 6   ? -16.240 2.948   9.880   1.00 27.12 ? -2  PHE A CB  1 
ATOM   51   C CG  . PHE A 1 6   ? -15.415 2.662   8.659   1.00 33.63 ? -2  PHE A CG  1 
ATOM   52   C CD1 . PHE A 1 6   ? -15.802 3.145   7.415   1.00 31.40 ? -2  PHE A CD1 1 
ATOM   53   C CD2 . PHE A 1 6   ? -14.267 1.898   8.748   1.00 27.13 ? -2  PHE A CD2 1 
ATOM   54   C CE1 . PHE A 1 6   ? -15.049 2.875   6.287   1.00 32.47 ? -2  PHE A CE1 1 
ATOM   55   C CE2 . PHE A 1 6   ? -13.509 1.627   7.623   1.00 31.06 ? -2  PHE A CE2 1 
ATOM   56   C CZ  . PHE A 1 6   ? -13.901 2.111   6.393   1.00 23.40 ? -2  PHE A CZ  1 
ATOM   57   N N   . GLN A 1 7   ? -17.569 -0.318  9.415   1.00 26.55 ? -1  GLN A N   1 
ATOM   58   C CA  . GLN A 1 7   ? -17.387 -1.737  9.707   1.00 43.03 ? -1  GLN A CA  1 
ATOM   59   C C   . GLN A 1 7   ? -16.382 -2.466  8.807   1.00 38.64 ? -1  GLN A C   1 
ATOM   60   O O   . GLN A 1 7   ? -16.370 -3.697  8.759   1.00 40.36 ? -1  GLN A O   1 
ATOM   61   C CB  . GLN A 1 7   ? -18.742 -2.463  9.756   1.00 49.28 ? -1  GLN A CB  1 
ATOM   62   C CG  . GLN A 1 7   ? -19.594 -2.313  8.507   1.00 50.19 ? -1  GLN A CG  1 
ATOM   63   C CD  . GLN A 1 7   ? -21.082 -2.170  8.819   1.00 58.47 ? -1  GLN A CD  1 
ATOM   64   O OE1 . GLN A 1 7   ? -21.505 -2.269  9.977   1.00 66.84 ? -1  GLN A OE1 1 
ATOM   65   N NE2 . GLN A 1 7   ? -21.879 -1.926  7.785   1.00 48.05 ? -1  GLN A NE2 1 
ATOM   66   N N   . GLY A 1 8   ? -15.528 -1.709  8.117   1.00 35.99 ? 0   GLY A N   1 
ATOM   67   C CA  . GLY A 1 8   ? -14.455 -2.300  7.330   1.00 33.11 ? 0   GLY A CA  1 
ATOM   68   C C   . GLY A 1 8   ? -13.088 -2.097  7.969   1.00 35.14 ? 0   GLY A C   1 
ATOM   69   O O   . GLY A 1 8   ? -12.993 -1.659  9.122   1.00 22.42 ? 0   GLY A O   1 
ATOM   70   N N   . MET A 1 9   ? -12.022 -2.432  7.245   1.00 30.41 ? 1   MET A N   1 
ATOM   71   C CA  . MET A 1 9   ? -10.677 -2.161  7.758   1.00 28.80 ? 1   MET A CA  1 
ATOM   72   C C   . MET A 1 9   ? -9.684  -1.796  6.669   1.00 20.55 ? 1   MET A C   1 
ATOM   73   O O   . MET A 1 9   ? -9.588  -2.475  5.641   1.00 25.60 ? 1   MET A O   1 
ATOM   74   C CB  . MET A 1 9   ? -10.107 -3.304  8.618   1.00 32.28 ? 1   MET A CB  1 
ATOM   75   C CG  . MET A 1 9   ? -8.734  -2.911  9.225   1.00 31.58 ? 1   MET A CG  1 
ATOM   76   S SD  . MET A 1 9   ? -7.896  -4.055  10.346  1.00 47.25 ? 1   MET A SD  1 
ATOM   77   C CE  . MET A 1 9   ? -7.138  -5.232  9.233   1.00 24.89 ? 1   MET A CE  1 
ATOM   78   N N   . LEU A 1 10  ? -8.951  -0.713  6.915   1.00 18.91 ? 2   LEU A N   1 
ATOM   79   C CA  . LEU A 1 10  ? -7.908  -0.263  6.010   1.00 27.47 ? 2   LEU A CA  1 
ATOM   80   C C   . LEU A 1 10  ? -6.519  -0.537  6.601   1.00 11.44 ? 2   LEU A C   1 
ATOM   81   O O   . LEU A 1 10  ? -6.225  -0.160  7.730   1.00 18.77 ? 2   LEU A O   1 
ATOM   82   C CB  . LEU A 1 10  ? -8.075  1.226   5.685   1.00 16.08 ? 2   LEU A CB  1 
ATOM   83   C CG  . LEU A 1 10  ? -9.111  1.601   4.623   1.00 20.50 ? 2   LEU A CG  1 
ATOM   84   C CD1 . LEU A 1 10  ? -10.488 1.695   5.235   1.00 20.42 ? 2   LEU A CD1 1 
ATOM   85   C CD2 . LEU A 1 10  ? -8.743  2.912   3.962   1.00 22.05 ? 2   LEU A CD2 1 
ATOM   86   N N   . ALA A 1 11  ? -5.688  -1.226  5.827   1.00 20.63 ? 3   ALA A N   1 
ATOM   87   C CA  . ALA A 1 11  ? -4.282  -1.407  6.151   1.00 14.87 ? 3   ALA A CA  1 
ATOM   88   C C   . ALA A 1 11  ? -3.507  -0.705  5.061   1.00 12.87 ? 3   ALA A C   1 
ATOM   89   O O   . ALA A 1 11  ? -3.863  -0.814  3.885   1.00 17.14 ? 3   ALA A O   1 
ATOM   90   C CB  . ALA A 1 11  ? -3.918  -2.888  6.161   1.00 12.06 ? 3   ALA A CB  1 
ATOM   91   N N   . ALA A 1 12  ? -2.456  0.022   5.431   1.00 12.03 ? 4   ALA A N   1 
ATOM   92   C CA  . ALA A 1 12  ? -1.517  0.515   4.425   1.00 10.79 ? 4   ALA A CA  1 
ATOM   93   C C   . ALA A 1 12  ? -0.271  -0.379  4.452   1.00 14.59 ? 4   ALA A C   1 
ATOM   94   O O   . ALA A 1 12  ? 0.260   -0.696  5.527   1.00 10.71 ? 4   ALA A O   1 
ATOM   95   C CB  . ALA A 1 12  ? -1.153  1.970   4.682   1.00 13.88 ? 4   ALA A CB  1 
ATOM   96   N N   . ILE A 1 13  ? 0.176   -0.811  3.275   1.00 9.65  ? 5   ILE A N   1 
ATOM   97   C CA  . ILE A 1 13  ? 1.362   -1.661  3.180   1.00 12.33 ? 5   ILE A CA  1 
ATOM   98   C C   . ILE A 1 13  ? 2.347   -1.109  2.155   1.00 12.19 ? 5   ILE A C   1 
ATOM   99   O O   . ILE A 1 13  ? 1.960   -0.714  1.052   1.00 15.07 ? 5   ILE A O   1 
ATOM   100  C CB  . ILE A 1 13  ? 1.003   -3.120  2.828   1.00 11.36 ? 5   ILE A CB  1 
ATOM   101  C CG1 . ILE A 1 13  ? 2.259   -3.996  2.863   1.00 17.03 ? 5   ILE A CG1 1 
ATOM   102  C CG2 . ILE A 1 13  ? 0.396   -3.193  1.452   1.00 24.92 ? 5   ILE A CG2 1 
ATOM   103  C CD1 . ILE A 1 13  ? 1.963   -5.475  2.821   1.00 20.52 ? 5   ILE A CD1 1 
ATOM   104  N N   . TRP A 1 14  ? 3.622   -1.052  2.519   1.00 13.52 ? 6   TRP A N   1 
ATOM   105  C CA  . TRP A 1 14  ? 4.614   -0.556  1.579   1.00 11.08 ? 6   TRP A CA  1 
ATOM   106  C C   . TRP A 1 14  ? 6.003   -0.977  1.992   1.00 17.35 ? 6   TRP A C   1 
ATOM   107  O O   . TRP A 1 14  ? 6.223   -1.383  3.141   1.00 11.71 ? 6   TRP A O   1 
ATOM   108  C CB  . TRP A 1 14  ? 4.528   0.975   1.416   1.00 12.54 ? 6   TRP A CB  1 
ATOM   109  C CG  . TRP A 1 14  ? 5.115   1.779   2.541   1.00 11.71 ? 6   TRP A CG  1 
ATOM   110  C CD1 . TRP A 1 14  ? 6.361   2.352   2.586   1.00 11.87 ? 6   TRP A CD1 1 
ATOM   111  C CD2 . TRP A 1 14  ? 4.476   2.091   3.793   1.00 10.40 ? 6   TRP A CD2 1 
ATOM   112  N NE1 . TRP A 1 14  ? 6.531   3.002   3.790   1.00 17.67 ? 6   TRP A NE1 1 
ATOM   113  C CE2 . TRP A 1 14  ? 5.401   2.852   4.543   1.00 12.97 ? 6   TRP A CE2 1 
ATOM   114  C CE3 . TRP A 1 14  ? 3.218   1.807   4.336   1.00 13.65 ? 6   TRP A CE3 1 
ATOM   115  C CZ2 . TRP A 1 14  ? 5.085   3.344   5.823   1.00 16.74 ? 6   TRP A CZ2 1 
ATOM   116  C CZ3 . TRP A 1 14  ? 2.912   2.283   5.602   1.00 10.67 ? 6   TRP A CZ3 1 
ATOM   117  C CH2 . TRP A 1 14  ? 3.847   3.048   6.335   1.00 17.94 ? 6   TRP A CH2 1 
ATOM   118  N N   . ALA A 1 15  ? 6.923   -0.905  1.031   1.00 11.95 ? 7   ALA A N   1 
ATOM   119  C CA  . ALA A 1 15  ? 8.342   -1.043  1.312   1.00 11.38 ? 7   ALA A CA  1 
ATOM   120  C C   . ALA A 1 15  ? 8.999   0.284   0.970   1.00 12.67 ? 7   ALA A C   1 
ATOM   121  O O   . ALA A 1 15  ? 8.632   0.934   -0.020  1.00 14.50 ? 7   ALA A O   1 
ATOM   122  C CB  . ALA A 1 15  ? 8.953   -2.162  0.488   1.00 9.95  ? 7   ALA A CB  1 
ATOM   123  N N   . GLN A 1 16  ? 9.956   0.694   1.796   1.00 9.87  ? 8   GLN A N   1 
ATOM   124  C CA  . GLN A 1 16  ? 10.753  1.887   1.514   1.00 9.62  ? 8   GLN A CA  1 
ATOM   125  C C   . GLN A 1 16  ? 12.207  1.656   1.919   1.00 14.18 ? 8   GLN A C   1 
ATOM   126  O O   . GLN A 1 16  ? 12.494  0.757   2.733   1.00 11.29 ? 8   GLN A O   1 
ATOM   127  C CB  . GLN A 1 16  ? 10.194  3.088   2.283   1.00 7.80  ? 8   GLN A CB  1 
ATOM   128  C CG  . GLN A 1 16  ? 10.361  2.962   3.790   1.00 11.10 ? 8   GLN A CG  1 
ATOM   129  C CD  . GLN A 1 16  ? 9.923   4.196   4.529   1.00 24.57 ? 8   GLN A CD  1 
ATOM   130  O OE1 . GLN A 1 16  ? 8.728   4.503   4.602   1.00 25.94 ? 8   GLN A OE1 1 
ATOM   131  N NE2 . GLN A 1 16  ? 10.891  4.922   5.087   1.00 22.62 ? 8   GLN A NE2 1 
ATOM   132  N N   . ASP A 1 17  ? 13.108  2.486   1.373   1.00 13.08 ? 9   ASP A N   1 
ATOM   133  C CA  . ASP A 1 17  ? 14.529  2.446   1.732   1.00 12.89 ? 9   ASP A CA  1 
ATOM   134  C C   . ASP A 1 17  ? 14.807  3.413   2.892   1.00 12.95 ? 9   ASP A C   1 
ATOM   135  O O   . ASP A 1 17  ? 13.883  4.062   3.384   1.00 14.83 ? 9   ASP A O   1 
ATOM   136  C CB  . ASP A 1 17  ? 15.430  2.700   0.502   1.00 12.60 ? 9   ASP A CB  1 
ATOM   137  C CG  . ASP A 1 17  ? 15.583  4.175   0.144   1.00 12.66 ? 9   ASP A CG  1 
ATOM   138  O OD1 . ASP A 1 17  ? 14.881  5.054   0.736   1.00 12.75 ? 9   ASP A OD1 1 
ATOM   139  O OD2 . ASP A 1 17  ? 16.416  4.460   -0.765  1.00 13.36 ? 9   ASP A OD2 1 
ATOM   140  N N   . GLU A 1 18  ? 16.051  3.521   3.338   1.00 13.50 ? 10  GLU A N   1 
ATOM   141  C CA  . GLU A 1 18  ? 16.318  4.361   4.513   1.00 18.35 ? 10  GLU A CA  1 
ATOM   142  C C   . GLU A 1 18  ? 16.166  5.879   4.250   1.00 22.59 ? 10  GLU A C   1 
ATOM   143  O O   . GLU A 1 18  ? 16.181  6.680   5.181   1.00 15.09 ? 10  GLU A O   1 
ATOM   144  C CB  . GLU A 1 18  ? 17.671  4.008   5.161   1.00 16.30 ? 10  GLU A CB  1 
ATOM   145  C CG  . GLU A 1 18  ? 18.817  3.911   4.193   1.00 25.22 ? 10  GLU A CG  1 
ATOM   146  C CD  . GLU A 1 18  ? 20.071  3.257   4.790   1.00 37.05 ? 10  GLU A CD  1 
ATOM   147  O OE1 . GLU A 1 18  ? 19.987  2.611   5.870   1.00 30.34 ? 10  GLU A OE1 1 
ATOM   148  O OE2 . GLU A 1 18  ? 21.152  3.384   4.162   1.00 32.00 ? 10  GLU A OE2 1 
ATOM   149  N N   . GLN A 1 19  ? 15.988  6.269   2.989   1.00 13.27 ? 11  GLN A N   1 
ATOM   150  C CA  . GLN A 1 19  ? 15.726  7.671   2.670   1.00 21.43 ? 11  GLN A CA  1 
ATOM   151  C C   . GLN A 1 19  ? 14.233  7.960   2.615   1.00 16.08 ? 11  GLN A C   1 
ATOM   152  O O   . GLN A 1 19  ? 13.823  9.114   2.519   1.00 17.28 ? 11  GLN A O   1 
ATOM   153  C CB  . GLN A 1 19  ? 16.326  8.023   1.311   1.00 12.34 ? 11  GLN A CB  1 
ATOM   154  C CG  . GLN A 1 19  ? 17.806  7.767   1.201   1.00 15.69 ? 11  GLN A CG  1 
ATOM   155  C CD  . GLN A 1 19  ? 18.277  7.802   -0.235  1.00 20.65 ? 11  GLN A CD  1 
ATOM   156  O OE1 . GLN A 1 19  ? 19.153  8.593   -0.591  1.00 19.69 ? 11  GLN A OE1 1 
ATOM   157  N NE2 . GLN A 1 19  ? 17.689  6.941   -1.079  1.00 16.42 ? 11  GLN A NE2 1 
ATOM   158  N N   . GLY A 1 20  ? 13.422  6.907   2.644   1.00 10.40 ? 12  GLY A N   1 
ATOM   159  C CA  . GLY A 1 20  ? 11.997  7.061   2.430   1.00 10.72 ? 12  GLY A CA  1 
ATOM   160  C C   . GLY A 1 20  ? 11.605  6.893   0.963   1.00 12.61 ? 12  GLY A C   1 
ATOM   161  O O   . GLY A 1 20  ? 10.451  7.125   0.597   1.00 13.85 ? 12  GLY A O   1 
ATOM   162  N N   . VAL A 1 21  ? 12.549  6.493   0.113   1.00 10.22 ? 13  VAL A N   1 
ATOM   163  C CA  . VAL A 1 21  ? 12.215  6.220   -1.299  1.00 18.06 ? 13  VAL A CA  1 
ATOM   164  C C   . VAL A 1 21  ? 11.272  5.023   -1.434  1.00 17.00 ? 13  VAL A C   1 
ATOM   165  O O   . VAL A 1 21  ? 11.549  3.953   -0.869  1.00 15.38 ? 13  VAL A O   1 
ATOM   166  C CB  . VAL A 1 21  ? 13.470  5.913   -2.174  1.00 14.81 ? 13  VAL A CB  1 
ATOM   167  C CG1 . VAL A 1 21  ? 13.039  5.525   -3.584  1.00 13.29 ? 13  VAL A CG1 1 
ATOM   168  C CG2 . VAL A 1 21  ? 14.434  7.110   -2.223  1.00 13.13 ? 13  VAL A CG2 1 
ATOM   169  N N   . ILE A 1 22  ? 10.182  5.191   -2.195  1.00 16.38 ? 14  ILE A N   1 
ATOM   170  C CA  . ILE A 1 22  ? 9.245   4.091   -2.488  1.00 13.43 ? 14  ILE A CA  1 
ATOM   171  C C   . ILE A 1 22  ? 9.115   3.761   -3.975  1.00 19.85 ? 14  ILE A C   1 
ATOM   172  O O   . ILE A 1 22  ? 8.572   2.716   -4.349  1.00 15.13 ? 14  ILE A O   1 
ATOM   173  C CB  . ILE A 1 22  ? 7.826   4.357   -1.947  1.00 15.87 ? 14  ILE A CB  1 
ATOM   174  C CG1 . ILE A 1 22  ? 7.257   5.664   -2.526  1.00 17.60 ? 14  ILE A CG1 1 
ATOM   175  C CG2 . ILE A 1 22  ? 7.820   4.346   -0.422  1.00 8.48  ? 14  ILE A CG2 1 
ATOM   176  C CD1 . ILE A 1 22  ? 5.771   5.892   -2.206  1.00 11.14 ? 14  ILE A CD1 1 
ATOM   177  N N   . GLY A 1 23  ? 9.608   4.650   -4.824  1.00 15.42 ? 15  GLY A N   1 
ATOM   178  C CA  . GLY A 1 23  ? 9.546   4.414   -6.253  1.00 14.23 ? 15  GLY A CA  1 
ATOM   179  C C   . GLY A 1 23  ? 10.450  5.303   -7.093  1.00 20.56 ? 15  GLY A C   1 
ATOM   180  O O   . GLY A 1 23  ? 10.957  6.336   -6.628  1.00 17.98 ? 15  GLY A O   1 
ATOM   181  N N   . LYS A 1 24  ? 10.659  4.876   -8.334  1.00 20.11 ? 16  LYS A N   1 
ATOM   182  C CA  . LYS A 1 24  ? 11.414  5.628   -9.330  1.00 26.92 ? 16  LYS A CA  1 
ATOM   183  C C   . LYS A 1 24  ? 10.833  5.364   -10.716 1.00 35.75 ? 16  LYS A C   1 
ATOM   184  O O   . LYS A 1 24  ? 10.821  4.208   -11.166 1.00 39.74 ? 16  LYS A O   1 
ATOM   185  C CB  . LYS A 1 24  ? 12.873  5.189   -9.329  1.00 21.30 ? 16  LYS A CB  1 
ATOM   186  C CG  . LYS A 1 24  ? 13.664  5.729   -10.518 1.00 27.39 ? 16  LYS A CG  1 
ATOM   187  C CD  . LYS A 1 24  ? 15.108  5.265   -10.500 1.00 25.26 ? 16  LYS A CD  1 
ATOM   188  C CE  . LYS A 1 24  ? 16.004  6.165   -11.379 1.00 53.60 ? 16  LYS A CE  1 
ATOM   189  N NZ  . LYS A 1 24  ? 15.652  6.162   -12.834 1.00 47.02 ? 16  LYS A NZ  1 
ATOM   190  N N   . GLU A 1 25  ? 10.373  6.423   -11.391 1.00 40.66 ? 17  GLU A N   1 
ATOM   191  C CA  . GLU A 1 25  ? 9.801   6.311   -12.741 1.00 37.18 ? 17  GLU A CA  1 
ATOM   192  C C   . GLU A 1 25  ? 8.715   5.225   -12.765 1.00 46.39 ? 17  GLU A C   1 
ATOM   193  O O   . GLU A 1 25  ? 8.761   4.294   -13.584 1.00 34.65 ? 17  GLU A O   1 
ATOM   194  C CB  . GLU A 1 25  ? 10.895  6.018   -13.783 1.00 42.09 ? 17  GLU A CB  1 
ATOM   195  C CG  . GLU A 1 25  ? 11.723  7.233   -14.210 1.00 49.33 ? 17  GLU A CG  1 
ATOM   196  C CD  . GLU A 1 25  ? 13.145  6.857   -14.630 1.00 67.07 ? 17  GLU A CD  1 
ATOM   197  O OE1 . GLU A 1 25  ? 13.621  5.766   -14.235 1.00 59.74 ? 17  GLU A OE1 1 
ATOM   198  O OE2 . GLU A 1 25  ? 13.794  7.648   -15.352 1.00 71.53 ? 17  GLU A OE2 1 
ATOM   199  N N   . GLY A 1 26  ? 7.769   5.337   -11.830 1.00 37.33 ? 18  GLY A N   1 
ATOM   200  C CA  . GLY A 1 26  ? 6.678   4.388   -11.700 1.00 38.14 ? 18  GLY A CA  1 
ATOM   201  C C   . GLY A 1 26  ? 6.989   3.046   -11.042 1.00 36.72 ? 18  GLY A C   1 
ATOM   202  O O   . GLY A 1 26  ? 6.089   2.415   -10.479 1.00 34.60 ? 18  GLY A O   1 
ATOM   203  N N   . LYS A 1 27  ? 8.250   2.618   -11.102 1.00 25.92 ? 19  LYS A N   1 
ATOM   204  C CA  . LYS A 1 27  ? 8.644   1.265   -10.704 1.00 29.93 ? 19  LYS A CA  1 
ATOM   205  C C   . LYS A 1 27  ? 9.343   1.212   -9.340  1.00 32.51 ? 19  LYS A C   1 
ATOM   206  O O   . LYS A 1 27  ? 9.598   2.252   -8.724  1.00 24.22 ? 19  LYS A O   1 
ATOM   207  C CB  . LYS A 1 27  ? 9.577   0.683   -11.772 1.00 36.34 ? 19  LYS A CB  1 
ATOM   208  C CG  . LYS A 1 27  ? 8.998   0.692   -13.185 1.00 52.73 ? 19  LYS A CG  1 
ATOM   209  C CD  . LYS A 1 27  ? 10.096  0.657   -14.263 1.00 56.90 ? 19  LYS A CD  1 
ATOM   210  C CE  . LYS A 1 27  ? 11.009  -0.560  -14.124 1.00 56.30 ? 19  LYS A CE  1 
ATOM   211  N NZ  . LYS A 1 27  ? 11.965  -0.686  -15.263 1.00 55.30 ? 19  LYS A NZ  1 
ATOM   212  N N   . LEU A 1 28  ? 9.652   0.000   -8.876  1.00 28.54 ? 20  LEU A N   1 
ATOM   213  C CA  . LEU A 1 28  ? 10.453  -0.181  -7.662  1.00 26.13 ? 20  LEU A CA  1 
ATOM   214  C C   . LEU A 1 28  ? 11.944  -0.086  -7.977  1.00 25.79 ? 20  LEU A C   1 
ATOM   215  O O   . LEU A 1 28  ? 12.415  -0.698  -8.934  1.00 36.32 ? 20  LEU A O   1 
ATOM   216  C CB  . LEU A 1 28  ? 10.172  -1.538  -7.019  1.00 24.03 ? 20  LEU A CB  1 
ATOM   217  C CG  . LEU A 1 28  ? 8.873   -1.659  -6.238  1.00 27.75 ? 20  LEU A CG  1 
ATOM   218  C CD1 . LEU A 1 28  ? 8.758   -3.043  -5.611  1.00 26.70 ? 20  LEU A CD1 1 
ATOM   219  C CD2 . LEU A 1 28  ? 8.803   -0.566  -5.181  1.00 24.63 ? 20  LEU A CD2 1 
ATOM   220  N N   . PRO A 1 29  ? 12.695  0.688   -7.179  1.00 22.50 ? 21  PRO A N   1 
ATOM   221  C CA  . PRO A 1 29  ? 14.125  0.819   -7.482  1.00 22.86 ? 21  PRO A CA  1 
ATOM   222  C C   . PRO A 1 29  ? 14.976  -0.322  -6.953  1.00 18.96 ? 21  PRO A C   1 
ATOM   223  O O   . PRO A 1 29  ? 16.190  -0.294  -7.134  1.00 24.88 ? 21  PRO A O   1 
ATOM   224  C CB  . PRO A 1 29  ? 14.516  2.142   -6.819  1.00 19.49 ? 21  PRO A CB  1 
ATOM   225  C CG  . PRO A 1 29  ? 13.493  2.368   -5.771  1.00 21.13 ? 21  PRO A CG  1 
ATOM   226  C CD  . PRO A 1 29  ? 12.225  1.701   -6.221  1.00 27.96 ? 21  PRO A CD  1 
ATOM   227  N N   . TRP A 1 30  ? 14.356  -1.316  -6.329  1.00 18.70 ? 22  TRP A N   1 
ATOM   228  C CA  . TRP A 1 30  ? 15.093  -2.477  -5.824  1.00 17.61 ? 22  TRP A CA  1 
ATOM   229  C C   . TRP A 1 30  ? 14.334  -3.734  -6.176  1.00 24.07 ? 22  TRP A C   1 
ATOM   230  O O   . TRP A 1 30  ? 13.180  -3.680  -6.599  1.00 24.97 ? 22  TRP A O   1 
ATOM   231  C CB  . TRP A 1 30  ? 15.219  -2.427  -4.299  1.00 15.48 ? 22  TRP A CB  1 
ATOM   232  C CG  . TRP A 1 30  ? 13.876  -2.265  -3.662  1.00 13.69 ? 22  TRP A CG  1 
ATOM   233  C CD1 . TRP A 1 30  ? 12.941  -3.236  -3.463  1.00 13.33 ? 22  TRP A CD1 1 
ATOM   234  C CD2 . TRP A 1 30  ? 13.302  -1.045  -3.186  1.00 11.19 ? 22  TRP A CD2 1 
ATOM   235  N NE1 . TRP A 1 30  ? 11.820  -2.698  -2.885  1.00 16.76 ? 22  TRP A NE1 1 
ATOM   236  C CE2 . TRP A 1 30  ? 12.019  -1.363  -2.696  1.00 15.45 ? 22  TRP A CE2 1 
ATOM   237  C CE3 . TRP A 1 30  ? 13.752  0.272   -3.112  1.00 11.86 ? 22  TRP A CE3 1 
ATOM   238  C CZ2 . TRP A 1 30  ? 11.180  -0.390  -2.140  1.00 13.90 ? 22  TRP A CZ2 1 
ATOM   239  C CZ3 . TRP A 1 30  ? 12.916  1.230   -2.553  1.00 11.05 ? 22  TRP A CZ3 1 
ATOM   240  C CH2 . TRP A 1 30  ? 11.644  0.894   -2.084  1.00 9.49  ? 22  TRP A CH2 1 
ATOM   241  N N   . HIS A 1 31  ? 14.967  -4.878  -5.972  1.00 22.45 ? 23  HIS A N   1 
ATOM   242  C CA  . HIS A 1 31  ? 14.245  -6.129  -6.064  1.00 24.13 ? 23  HIS A CA  1 
ATOM   243  C C   . HIS A 1 31  ? 14.471  -6.870  -4.754  1.00 22.44 ? 23  HIS A C   1 
ATOM   244  O O   . HIS A 1 31  ? 15.609  -7.067  -4.329  1.00 25.67 ? 23  HIS A O   1 
ATOM   245  C CB  . HIS A 1 31  ? 14.714  -6.948  -7.272  1.00 33.72 ? 23  HIS A CB  1 
ATOM   246  C CG  . HIS A 1 31  ? 13.939  -8.213  -7.489  1.00 48.31 ? 23  HIS A CG  1 
ATOM   247  N ND1 . HIS A 1 31  ? 12.558  -8.267  -7.412  1.00 52.79 ? 23  HIS A ND1 1 
ATOM   248  C CD2 . HIS A 1 31  ? 14.346  -9.469  -7.782  1.00 43.21 ? 23  HIS A CD2 1 
ATOM   249  C CE1 . HIS A 1 31  ? 12.157  -9.504  -7.647  1.00 46.47 ? 23  HIS A CE1 1 
ATOM   250  N NE2 . HIS A 1 31  ? 13.220  -10.255 -7.874  1.00 48.47 ? 23  HIS A NE2 1 
ATOM   251  N N   . LEU A 1 32  ? 13.379  -7.242  -4.096  1.00 18.49 ? 24  LEU A N   1 
ATOM   252  C CA  . LEU A 1 32  ? 13.438  -7.955  -2.830  1.00 18.96 ? 24  LEU A CA  1 
ATOM   253  C C   . LEU A 1 32  ? 12.298  -8.972  -2.805  1.00 18.54 ? 24  LEU A C   1 
ATOM   254  O O   . LEU A 1 32  ? 11.235  -8.695  -2.237  1.00 18.23 ? 24  LEU A O   1 
ATOM   255  C CB  . LEU A 1 32  ? 13.312  -6.967  -1.656  1.00 11.28 ? 24  LEU A CB  1 
ATOM   256  C CG  . LEU A 1 32  ? 13.605  -7.478  -0.245  1.00 13.04 ? 24  LEU A CG  1 
ATOM   257  C CD1 . LEU A 1 32  ? 15.090  -7.859  -0.132  1.00 14.59 ? 24  LEU A CD1 1 
ATOM   258  C CD2 . LEU A 1 32  ? 13.250  -6.399  0.798   1.00 10.21 ? 24  LEU A CD2 1 
ATOM   259  N N   . PRO A 1 33  ? 12.516  -10.151 -3.428  1.00 17.16 ? 25  PRO A N   1 
ATOM   260  C CA  . PRO A 1 33  ? 11.479  -11.183 -3.613  1.00 15.24 ? 25  PRO A CA  1 
ATOM   261  C C   . PRO A 1 33  ? 10.695  -11.551 -2.359  1.00 21.98 ? 25  PRO A C   1 
ATOM   262  O O   . PRO A 1 33  ? 9.472   -11.744 -2.468  1.00 24.20 ? 25  PRO A O   1 
ATOM   263  C CB  . PRO A 1 33  ? 12.280  -12.411 -4.083  1.00 22.86 ? 25  PRO A CB  1 
ATOM   264  C CG  . PRO A 1 33  ? 13.489  -11.839 -4.763  1.00 12.82 ? 25  PRO A CG  1 
ATOM   265  C CD  . PRO A 1 33  ? 13.797  -10.537 -4.058  1.00 12.57 ? 25  PRO A CD  1 
ATOM   266  N N   . ASN A 1 34  ? 11.353  -11.692 -1.205  1.00 20.82 ? 26  ASN A N   1 
ATOM   267  C CA  . ASN A 1 34  ? 10.611  -12.062 0.005   1.00 20.33 ? 26  ASN A CA  1 
ATOM   268  C C   . ASN A 1 34  ? 9.524   -11.039 0.347   1.00 18.89 ? 26  ASN A C   1 
ATOM   269  O O   . ASN A 1 34  ? 8.426   -11.394 0.787   1.00 20.60 ? 26  ASN A O   1 
ATOM   270  C CB  . ASN A 1 34  ? 11.533  -12.287 1.211   1.00 19.38 ? 26  ASN A CB  1 
ATOM   271  C CG  . ASN A 1 34  ? 12.513  -13.437 1.002   1.00 29.58 ? 26  ASN A CG  1 
ATOM   272  O OD1 . ASN A 1 34  ? 12.334  -14.268 0.106   1.00 22.63 ? 26  ASN A OD1 1 
ATOM   273  N ND2 . ASN A 1 34  ? 13.562  -13.485 1.833   1.00 28.04 ? 26  ASN A ND2 1 
ATOM   274  N N   . ASP A 1 35  ? 9.823   -9.768  0.124   1.00 14.59 ? 27  ASP A N   1 
ATOM   275  C CA  . ASP A 1 35  ? 8.843   -8.731  0.430   1.00 25.41 ? 27  ASP A CA  1 
ATOM   276  C C   . ASP A 1 35  ? 7.618   -8.817  -0.499  1.00 19.98 ? 27  ASP A C   1 
ATOM   277  O O   . ASP A 1 35  ? 6.483   -8.719  -0.046  1.00 16.02 ? 27  ASP A O   1 
ATOM   278  C CB  . ASP A 1 35  ? 9.479   -7.343  0.407   1.00 13.47 ? 27  ASP A CB  1 
ATOM   279  C CG  . ASP A 1 35  ? 8.485   -6.248  0.732   1.00 18.30 ? 27  ASP A CG  1 
ATOM   280  O OD1 . ASP A 1 35  ? 7.947   -6.233  1.870   1.00 15.69 ? 27  ASP A OD1 1 
ATOM   281  O OD2 . ASP A 1 35  ? 8.243   -5.400  -0.154  1.00 17.46 ? 27  ASP A OD2 1 
ATOM   282  N N   . LEU A 1 36  ? 7.852   -9.025  -1.789  1.00 20.14 ? 28  LEU A N   1 
ATOM   283  C CA  . LEU A 1 36  ? 6.755   -9.273  -2.726  1.00 26.96 ? 28  LEU A CA  1 
ATOM   284  C C   . LEU A 1 36  ? 5.892   -10.465 -2.284  1.00 21.06 ? 28  LEU A C   1 
ATOM   285  O O   . LEU A 1 36  ? 4.666   -10.445 -2.410  1.00 24.60 ? 28  LEU A O   1 
ATOM   286  C CB  . LEU A 1 36  ? 7.308   -9.508  -4.137  1.00 26.04 ? 28  LEU A CB  1 
ATOM   287  C CG  . LEU A 1 36  ? 8.189   -8.355  -4.639  1.00 38.14 ? 28  LEU A CG  1 
ATOM   288  C CD1 . LEU A 1 36  ? 8.841   -8.668  -5.992  1.00 42.46 ? 28  LEU A CD1 1 
ATOM   289  C CD2 . LEU A 1 36  ? 7.415   -7.029  -4.694  1.00 33.71 ? 28  LEU A CD2 1 
ATOM   290  N N   . LYS A 1 37  ? 6.529   -11.494 -1.743  1.00 20.61 ? 29  LYS A N   1 
ATOM   291  C CA  . LYS A 1 37  ? 5.782   -12.652 -1.267  1.00 25.01 ? 29  LYS A CA  1 
ATOM   292  C C   . LYS A 1 37  ? 4.978   -12.304 -0.004  1.00 27.99 ? 29  LYS A C   1 
ATOM   293  O O   . LYS A 1 37  ? 3.810   -12.681 0.116   1.00 23.67 ? 29  LYS A O   1 
ATOM   294  C CB  . LYS A 1 37  ? 6.705   -13.867 -1.071  1.00 19.72 ? 29  LYS A CB  1 
ATOM   295  C CG  . LYS A 1 37  ? 5.986   -15.094 -0.548  1.00 29.88 ? 29  LYS A CG  1 
ATOM   296  C CD  . LYS A 1 37  ? 6.793   -16.382 -0.708  1.00 36.94 ? 29  LYS A CD  1 
ATOM   297  C CE  . LYS A 1 37  ? 8.136   -16.336 0.018   1.00 58.03 ? 29  LYS A CE  1 
ATOM   298  N NZ  . LYS A 1 37  ? 9.274   -15.971 -0.894  1.00 50.82 ? 29  LYS A NZ  1 
ATOM   299  N N   . PHE A 1 38  ? 5.581   -11.551 0.914   1.00 17.31 ? 30  PHE A N   1 
ATOM   300  C CA  . PHE A 1 38  ? 4.840   -11.067 2.082   1.00 25.82 ? 30  PHE A CA  1 
ATOM   301  C C   . PHE A 1 38  ? 3.637   -10.209 1.643   1.00 24.78 ? 30  PHE A C   1 
ATOM   302  O O   . PHE A 1 38  ? 2.534   -10.320 2.178   1.00 19.00 ? 30  PHE A O   1 
ATOM   303  C CB  . PHE A 1 38  ? 5.761   -10.247 2.989   1.00 24.27 ? 30  PHE A CB  1 
ATOM   304  C CG  . PHE A 1 38  ? 5.055   -9.605  4.157   1.00 18.68 ? 30  PHE A CG  1 
ATOM   305  C CD1 . PHE A 1 38  ? 4.793   -10.329 5.315   1.00 32.91 ? 30  PHE A CD1 1 
ATOM   306  C CD2 . PHE A 1 38  ? 4.670   -8.276  4.109   1.00 23.73 ? 30  PHE A CD2 1 
ATOM   307  C CE1 . PHE A 1 38  ? 4.145   -9.741  6.391   1.00 28.86 ? 30  PHE A CE1 1 
ATOM   308  C CE2 . PHE A 1 38  ? 4.022   -7.677  5.193   1.00 25.25 ? 30  PHE A CE2 1 
ATOM   309  C CZ  . PHE A 1 38  ? 3.763   -8.407  6.330   1.00 18.57 ? 30  PHE A CZ  1 
ATOM   310  N N   . PHE A 1 39  ? 3.873   -9.360  0.651   1.00 21.25 ? 31  PHE A N   1 
ATOM   311  C CA  . PHE A 1 39  ? 2.865   -8.448  0.135   1.00 12.66 ? 31  PHE A CA  1 
ATOM   312  C C   . PHE A 1 39  ? 1.699   -9.237  -0.459  1.00 21.36 ? 31  PHE A C   1 
ATOM   313  O O   . PHE A 1 39  ? 0.519   -8.907  -0.247  1.00 18.00 ? 31  PHE A O   1 
ATOM   314  C CB  . PHE A 1 39  ? 3.506   -7.550  -0.925  1.00 15.87 ? 31  PHE A CB  1 
ATOM   315  C CG  . PHE A 1 39  ? 2.543   -6.616  -1.608  1.00 26.38 ? 31  PHE A CG  1 
ATOM   316  C CD1 . PHE A 1 39  ? 2.280   -5.361  -1.079  1.00 24.35 ? 31  PHE A CD1 1 
ATOM   317  C CD2 . PHE A 1 39  ? 1.919   -6.984  -2.789  1.00 20.01 ? 31  PHE A CD2 1 
ATOM   318  C CE1 . PHE A 1 39  ? 1.410   -4.496  -1.708  1.00 21.44 ? 31  PHE A CE1 1 
ATOM   319  C CE2 . PHE A 1 39  ? 1.034   -6.122  -3.420  1.00 20.45 ? 31  PHE A CE2 1 
ATOM   320  C CZ  . PHE A 1 39  ? 0.784   -4.878  -2.881  1.00 24.75 ? 31  PHE A CZ  1 
ATOM   321  N N   . LYS A 1 40  ? 2.017   -10.279 -1.212  1.00 15.70 ? 32  LYS A N   1 
ATOM   322  C CA  . LYS A 1 40  ? 0.949   -11.075 -1.802  1.00 31.30 ? 32  LYS A CA  1 
ATOM   323  C C   . LYS A 1 40  ? 0.120   -11.778 -0.731  1.00 22.07 ? 32  LYS A C   1 
ATOM   324  O O   . LYS A 1 40  ? -1.097  -11.900 -0.870  1.00 23.48 ? 32  LYS A O   1 
ATOM   325  C CB  . LYS A 1 40  ? 1.489   -12.053 -2.849  1.00 26.20 ? 32  LYS A CB  1 
ATOM   326  C CG  . LYS A 1 40  ? 1.923   -11.354 -4.135  1.00 35.64 ? 32  LYS A CG  1 
ATOM   327  C CD  . LYS A 1 40  ? 2.307   -12.352 -5.218  1.00 49.07 ? 32  LYS A CD  1 
ATOM   328  C CE  . LYS A 1 40  ? 3.204   -11.721 -6.279  1.00 41.01 ? 32  LYS A CE  1 
ATOM   329  N NZ  . LYS A 1 40  ? 3.677   -12.746 -7.255  1.00 51.14 ? 32  LYS A NZ  1 
ATOM   330  N N   . GLU A 1 41  ? 0.773   -12.209 0.343   1.00 21.21 ? 33  GLU A N   1 
ATOM   331  C CA  . GLU A 1 41  ? 0.079   -12.863 1.446   1.00 21.43 ? 33  GLU A CA  1 
ATOM   332  C C   . GLU A 1 41  ? -0.943  -11.925 2.087   1.00 22.55 ? 33  GLU A C   1 
ATOM   333  O O   . GLU A 1 41  ? -2.043  -12.338 2.449   1.00 25.73 ? 33  GLU A O   1 
ATOM   334  C CB  . GLU A 1 41  ? 1.086   -13.323 2.499   1.00 28.45 ? 33  GLU A CB  1 
ATOM   335  C CG  . GLU A 1 41  ? 0.461   -13.738 3.826   1.00 43.74 ? 33  GLU A CG  1 
ATOM   336  C CD  . GLU A 1 41  ? 0.230   -15.240 3.919   1.00 78.77 ? 33  GLU A CD  1 
ATOM   337  O OE1 . GLU A 1 41  ? 1.168   -16.008 3.595   1.00 77.77 ? 33  GLU A OE1 1 
ATOM   338  O OE2 . GLU A 1 41  ? -0.885  -15.649 4.318   1.00 70.73 ? 33  GLU A OE2 1 
ATOM   339  N N   . LYS A 1 42  ? -0.577  -10.652 2.201   1.00 22.26 ? 34  LYS A N   1 
ATOM   340  C CA  . LYS A 1 42  ? -1.421  -9.657  2.858   1.00 20.65 ? 34  LYS A CA  1 
ATOM   341  C C   . LYS A 1 42  ? -2.561  -9.149  1.972   1.00 24.23 ? 34  LYS A C   1 
ATOM   342  O O   . LYS A 1 42  ? -3.580  -8.670  2.474   1.00 28.01 ? 34  LYS A O   1 
ATOM   343  C CB  . LYS A 1 42  ? -0.569  -8.472  3.331   1.00 20.03 ? 34  LYS A CB  1 
ATOM   344  C CG  . LYS A 1 42  ? 0.287   -8.739  4.569   1.00 21.53 ? 34  LYS A CG  1 
ATOM   345  C CD  . LYS A 1 42  ? -0.573  -8.707  5.843   1.00 21.29 ? 34  LYS A CD  1 
ATOM   346  C CE  . LYS A 1 42  ? 0.301   -8.679  7.106   1.00 32.23 ? 34  LYS A CE  1 
ATOM   347  N NZ  . LYS A 1 42  ? 0.259   -9.930  7.924   1.00 43.59 ? 34  LYS A NZ  1 
ATOM   348  N N   . THR A 1 43  ? -2.395  -9.244  0.655   1.00 18.36 ? 35  THR A N   1 
ATOM   349  C CA  . THR A 1 43  ? -3.412  -8.724  -0.257  1.00 24.17 ? 35  THR A CA  1 
ATOM   350  C C   . THR A 1 43  ? -4.298  -9.805  -0.896  1.00 24.76 ? 35  THR A C   1 
ATOM   351  O O   . THR A 1 43  ? -5.404  -9.502  -1.352  1.00 18.73 ? 35  THR A O   1 
ATOM   352  C CB  . THR A 1 43  ? -2.795  -7.828  -1.355  1.00 24.15 ? 35  THR A CB  1 
ATOM   353  O OG1 . THR A 1 43  ? -1.835  -8.583  -2.104  1.00 20.49 ? 35  THR A OG1 1 
ATOM   354  C CG2 . THR A 1 43  ? -2.106  -6.601  -0.730  1.00 17.31 ? 35  THR A CG2 1 
ATOM   355  N N   . ILE A 1 44  ? -3.809  -11.047 -0.937  1.00 19.33 ? 36  ILE A N   1 
ATOM   356  C CA  . ILE A 1 44  ? -4.537  -12.159 -1.563  1.00 25.64 ? 36  ILE A CA  1 
ATOM   357  C C   . ILE A 1 44  ? -5.958  -12.258 -1.014  1.00 20.58 ? 36  ILE A C   1 
ATOM   358  O O   . ILE A 1 44  ? -6.173  -12.133 0.193   1.00 24.22 ? 36  ILE A O   1 
ATOM   359  C CB  . ILE A 1 44  ? -3.790  -13.524 -1.402  1.00 21.81 ? 36  ILE A CB  1 
ATOM   360  C CG1 . ILE A 1 44  ? -4.413  -14.595 -2.292  1.00 32.35 ? 36  ILE A CG1 1 
ATOM   361  C CG2 . ILE A 1 44  ? -3.774  -13.992 0.036   1.00 22.39 ? 36  ILE A CG2 1 
ATOM   362  C CD1 . ILE A 1 44  ? -4.042  -14.434 -3.744  1.00 42.76 ? 36  ILE A CD1 1 
ATOM   363  N N   . HIS A 1 45  ? -6.927  -12.408 -1.914  1.00 20.77 ? 37  HIS A N   1 
ATOM   364  C CA  . HIS A 1 45  ? -8.348  -12.458 -1.548  1.00 20.19 ? 37  HIS A CA  1 
ATOM   365  C C   . HIS A 1 45  ? -8.850  -11.215 -0.809  1.00 29.68 ? 37  HIS A C   1 
ATOM   366  O O   . HIS A 1 45  ? -9.955  -11.227 -0.252  1.00 28.60 ? 37  HIS A O   1 
ATOM   367  C CB  . HIS A 1 45  ? -8.669  -13.732 -0.750  1.00 28.59 ? 37  HIS A CB  1 
ATOM   368  C CG  . HIS A 1 45  ? -8.207  -14.988 -1.425  1.00 29.88 ? 37  HIS A CG  1 
ATOM   369  N ND1 . HIS A 1 45  ? -7.484  -15.965 -0.774  1.00 40.47 ? 37  HIS A ND1 1 
ATOM   370  C CD2 . HIS A 1 45  ? -8.342  -15.407 -2.706  1.00 32.26 ? 37  HIS A CD2 1 
ATOM   371  C CE1 . HIS A 1 45  ? -7.198  -16.938 -1.623  1.00 32.94 ? 37  HIS A CE1 1 
ATOM   372  N NE2 . HIS A 1 45  ? -7.705  -16.624 -2.801  1.00 45.27 ? 37  HIS A NE2 1 
ATOM   373  N N   . ASN A 1 46  ? -8.059  -10.138 -0.817  1.00 20.93 ? 38  ASN A N   1 
ATOM   374  C CA  . ASN A 1 46  ? -8.534  -8.853  -0.296  1.00 19.39 ? 38  ASN A CA  1 
ATOM   375  C C   . ASN A 1 46  ? -8.725  -7.814  -1.405  1.00 19.40 ? 38  ASN A C   1 
ATOM   376  O O   . ASN A 1 46  ? -8.796  -8.155  -2.590  1.00 23.39 ? 38  ASN A O   1 
ATOM   377  C CB  . ASN A 1 46  ? -7.591  -8.313  0.785   1.00 17.10 ? 38  ASN A CB  1 
ATOM   378  C CG  . ASN A 1 46  ? -7.701  -9.083  2.085   1.00 29.70 ? 38  ASN A CG  1 
ATOM   379  O OD1 . ASN A 1 46  ? -8.801  -9.275  2.619   1.00 21.66 ? 38  ASN A OD1 1 
ATOM   380  N ND2 . ASN A 1 46  ? -6.562  -9.537  2.601   1.00 26.96 ? 38  ASN A ND2 1 
ATOM   381  N N   . THR A 1 47  ? -8.820  -6.546  -1.014  1.00 14.41 ? 39  THR A N   1 
ATOM   382  C CA  . THR A 1 47  ? -8.851  -5.463  -1.982  1.00 16.39 ? 39  THR A CA  1 
ATOM   383  C C   . THR A 1 47  ? -7.569  -4.636  -1.895  1.00 12.73 ? 39  THR A C   1 
ATOM   384  O O   . THR A 1 47  ? -7.066  -4.358  -0.803  1.00 16.79 ? 39  THR A O   1 
ATOM   385  C CB  . THR A 1 47  ? -10.102 -4.577  -1.804  1.00 12.79 ? 39  THR A CB  1 
ATOM   386  O OG1 . THR A 1 47  ? -11.269 -5.384  -2.009  1.00 16.37 ? 39  THR A OG1 1 
ATOM   387  C CG2 . THR A 1 47  ? -10.102 -3.438  -2.824  1.00 13.27 ? 39  THR A CG2 1 
ATOM   388  N N   . LEU A 1 48  ? -7.025  -4.276  -3.050  1.00 14.99 ? 40  LEU A N   1 
ATOM   389  C CA  . LEU A 1 48  ? -5.827  -3.456  -3.110  1.00 11.67 ? 40  LEU A CA  1 
ATOM   390  C C   . LEU A 1 48  ? -6.164  -2.112  -3.790  1.00 12.06 ? 40  LEU A C   1 
ATOM   391  O O   . LEU A 1 48  ? -6.719  -2.096  -4.898  1.00 15.05 ? 40  LEU A O   1 
ATOM   392  C CB  . LEU A 1 48  ? -4.740  -4.196  -3.895  1.00 15.71 ? 40  LEU A CB  1 
ATOM   393  C CG  . LEU A 1 48  ? -3.442  -3.412  -4.103  1.00 16.17 ? 40  LEU A CG  1 
ATOM   394  C CD1 . LEU A 1 48  ? -2.722  -3.216  -2.762  1.00 8.97  ? 40  LEU A CD1 1 
ATOM   395  C CD2 . LEU A 1 48  ? -2.536  -4.102  -5.115  1.00 16.23 ? 40  LEU A CD2 1 
ATOM   396  N N   . VAL A 1 49  ? -5.843  -1.001  -3.125  1.00 9.52  ? 41  VAL A N   1 
ATOM   397  C CA  . VAL A 1 49  ? -6.122  0.344   -3.657  1.00 11.43 ? 41  VAL A CA  1 
ATOM   398  C C   . VAL A 1 49  ? -4.839  0.992   -4.154  1.00 17.07 ? 41  VAL A C   1 
ATOM   399  O O   . VAL A 1 49  ? -3.873  1.106   -3.399  1.00 11.23 ? 41  VAL A O   1 
ATOM   400  C CB  . VAL A 1 49  ? -6.752  1.273   -2.583  1.00 11.05 ? 41  VAL A CB  1 
ATOM   401  C CG1 . VAL A 1 49  ? -7.040  2.664   -3.168  1.00 9.96  ? 41  VAL A CG1 1 
ATOM   402  C CG2 . VAL A 1 49  ? -8.027  0.653   -2.031  1.00 8.35  ? 41  VAL A CG2 1 
ATOM   403  N N   . LEU A 1 50  ? -4.832  1.422   -5.418  1.00 12.73 ? 42  LEU A N   1 
ATOM   404  C CA  . LEU A 1 50  ? -3.646  2.033   -6.020  1.00 11.55 ? 42  LEU A CA  1 
ATOM   405  C C   . LEU A 1 50  ? -3.980  3.361   -6.722  1.00 19.15 ? 42  LEU A C   1 
ATOM   406  O O   . LEU A 1 50  ? -4.954  3.442   -7.477  1.00 13.11 ? 42  LEU A O   1 
ATOM   407  C CB  . LEU A 1 50  ? -3.022  1.080   -7.045  1.00 13.16 ? 42  LEU A CB  1 
ATOM   408  C CG  . LEU A 1 50  ? -2.532  -0.293  -6.591  1.00 15.38 ? 42  LEU A CG  1 
ATOM   409  C CD1 . LEU A 1 50  ? -2.052  -1.101  -7.802  1.00 10.73 ? 42  LEU A CD1 1 
ATOM   410  C CD2 . LEU A 1 50  ? -1.397  -0.105  -5.602  1.00 12.97 ? 42  LEU A CD2 1 
ATOM   411  N N   . GLY A 1 51  ? -3.167  4.395   -6.491  1.00 8.97  ? 43  GLY A N   1 
ATOM   412  C CA  . GLY A 1 51  ? -3.300  5.622   -7.262  1.00 8.99  ? 43  GLY A CA  1 
ATOM   413  C C   . GLY A 1 51  ? -2.979  5.324   -8.716  1.00 13.65 ? 43  GLY A C   1 
ATOM   414  O O   . GLY A 1 51  ? -2.314  4.318   -9.012  1.00 14.33 ? 43  GLY A O   1 
ATOM   415  N N   . ARG A 1 52  ? -3.437  6.179   -9.633  1.00 18.08 ? 44  ARG A N   1 
ATOM   416  C CA  . ARG A 1 52  ? -3.239  5.911   -11.061 1.00 16.88 ? 44  ARG A CA  1 
ATOM   417  C C   . ARG A 1 52  ? -1.769  5.739   -11.443 1.00 14.22 ? 44  ARG A C   1 
ATOM   418  O O   . ARG A 1 52  ? -1.425  4.816   -12.190 1.00 14.99 ? 44  ARG A O   1 
ATOM   419  C CB  . ARG A 1 52  ? -3.883  6.998   -11.931 1.00 14.21 ? 44  ARG A CB  1 
ATOM   420  C CG  . ARG A 1 52  ? -3.548  6.839   -13.418 1.00 19.62 ? 44  ARG A CG  1 
ATOM   421  C CD  . ARG A 1 52  ? -4.087  7.978   -14.260 1.00 21.45 ? 44  ARG A CD  1 
ATOM   422  N NE  . ARG A 1 52  ? -3.560  9.273   -13.829 1.00 27.52 ? 44  ARG A NE  1 
ATOM   423  C CZ  . ARG A 1 52  ? -2.349  9.731   -14.138 1.00 22.24 ? 44  ARG A CZ  1 
ATOM   424  N NH1 . ARG A 1 52  ? -1.530  8.997   -14.881 1.00 23.35 ? 44  ARG A NH1 1 
ATOM   425  N NH2 . ARG A 1 52  ? -1.955  10.920  -13.694 1.00 21.67 ? 44  ARG A NH2 1 
ATOM   426  N N   . ALA A 1 53  ? -0.900  6.608   -10.923 1.00 12.42 ? 45  ALA A N   1 
ATOM   427  C CA  . ALA A 1 53  ? 0.499   6.610   -11.364 1.00 10.94 ? 45  ALA A CA  1 
ATOM   428  C C   . ALA A 1 53  ? 1.205   5.309   -11.008 1.00 17.16 ? 45  ALA A C   1 
ATOM   429  O O   . ALA A 1 53  ? 1.983   4.766   -11.811 1.00 18.15 ? 45  ALA A O   1 
ATOM   430  C CB  . ALA A 1 53  ? 1.246   7.797   -10.785 1.00 14.30 ? 45  ALA A CB  1 
ATOM   431  N N   . THR A 1 54  ? 0.938   4.817   -9.801  1.00 17.22 ? 46  THR A N   1 
ATOM   432  C CA  . THR A 1 54  ? 1.468   3.531   -9.350  1.00 12.70 ? 46  THR A CA  1 
ATOM   433  C C   . THR A 1 54  ? 0.917   2.387   -10.193 1.00 14.32 ? 46  THR A C   1 
ATOM   434  O O   . THR A 1 54  ? 1.654   1.482   -10.590 1.00 23.91 ? 46  THR A O   1 
ATOM   435  C CB  . THR A 1 54  ? 1.108   3.284   -7.862  1.00 17.09 ? 46  THR A CB  1 
ATOM   436  O OG1 . THR A 1 54  ? 1.760   4.266   -7.053  1.00 19.03 ? 46  THR A OG1 1 
ATOM   437  C CG2 . THR A 1 54  ? 1.538   1.910   -7.405  1.00 15.87 ? 46  THR A CG2 1 
ATOM   438  N N   . PHE A 1 55  ? -0.387  2.423   -10.460 1.00 18.16 ? 47  PHE A N   1 
ATOM   439  C CA  . PHE A 1 55  ? -1.016  1.395   -11.279 1.00 13.00 ? 47  PHE A CA  1 
ATOM   440  C C   . PHE A 1 55  ? -0.337  1.316   -12.644 1.00 24.80 ? 47  PHE A C   1 
ATOM   441  O O   . PHE A 1 55  ? 0.012   0.234   -13.124 1.00 19.83 ? 47  PHE A O   1 
ATOM   442  C CB  . PHE A 1 55  ? -2.497  1.688   -11.471 1.00 15.82 ? 47  PHE A CB  1 
ATOM   443  C CG  . PHE A 1 55  ? -3.200  0.678   -12.338 1.00 19.99 ? 47  PHE A CG  1 
ATOM   444  C CD1 . PHE A 1 55  ? -3.271  -0.653  -11.952 1.00 16.29 ? 47  PHE A CD1 1 
ATOM   445  C CD2 . PHE A 1 55  ? -3.786  1.056   -13.540 1.00 15.97 ? 47  PHE A CD2 1 
ATOM   446  C CE1 . PHE A 1 55  ? -3.922  -1.591  -12.750 1.00 27.54 ? 47  PHE A CE1 1 
ATOM   447  C CE2 . PHE A 1 55  ? -4.429  0.126   -14.331 1.00 18.48 ? 47  PHE A CE2 1 
ATOM   448  C CZ  . PHE A 1 55  ? -4.498  -1.196  -13.938 1.00 22.39 ? 47  PHE A CZ  1 
ATOM   449  N N   . GLU A 1 56  ? -0.141  2.470   -13.264 1.00 21.55 ? 48  GLU A N   1 
ATOM   450  C CA  . GLU A 1 56  ? 0.485   2.504   -14.573 1.00 23.39 ? 48  GLU A CA  1 
ATOM   451  C C   . GLU A 1 56  ? 1.974   2.112   -14.491 1.00 28.54 ? 48  GLU A C   1 
ATOM   452  O O   . GLU A 1 56  ? 2.510   1.517   -15.418 1.00 23.35 ? 48  GLU A O   1 
ATOM   453  C CB  . GLU A 1 56  ? 0.252   3.871   -15.232 1.00 19.74 ? 48  GLU A CB  1 
ATOM   454  C CG  . GLU A 1 56  ? -1.239  4.155   -15.404 1.00 19.05 ? 48  GLU A CG  1 
ATOM   455  C CD  . GLU A 1 56  ? -1.540  5.477   -16.088 1.00 20.50 ? 48  GLU A CD  1 
ATOM   456  O OE1 . GLU A 1 56  ? -0.683  6.390   -16.054 1.00 22.11 ? 48  GLU A OE1 1 
ATOM   457  O OE2 . GLU A 1 56  ? -2.654  5.603   -16.662 1.00 25.91 ? 48  GLU A OE2 1 
ATOM   458  N N   . GLY A 1 57  ? 2.627   2.412   -13.370 1.00 25.66 ? 49  GLY A N   1 
ATOM   459  C CA  . GLY A 1 57  ? 3.995   1.968   -13.162 1.00 24.33 ? 49  GLY A CA  1 
ATOM   460  C C   . GLY A 1 57  ? 4.131   0.452   -13.142 1.00 23.61 ? 49  GLY A C   1 
ATOM   461  O O   . GLY A 1 57  ? 5.215   -0.073  -13.376 1.00 33.11 ? 49  GLY A O   1 
ATOM   462  N N   . MET A 1 58  ? 3.030   -0.239  -12.853 1.00 26.31 ? 50  MET A N   1 
ATOM   463  C CA  . MET A 1 58  ? 2.969   -1.698  -12.825 1.00 31.54 ? 50  MET A CA  1 
ATOM   464  C C   . MET A 1 58  ? 2.522   -2.253  -14.181 1.00 40.24 ? 50  MET A C   1 
ATOM   465  O O   . MET A 1 58  ? 2.111   -3.411  -14.280 1.00 37.74 ? 50  MET A O   1 
ATOM   466  C CB  . MET A 1 58  ? 1.956   -2.173  -11.766 1.00 27.61 ? 50  MET A CB  1 
ATOM   467  C CG  . MET A 1 58  ? 2.281   -1.834  -10.314 1.00 49.02 ? 50  MET A CG  1 
ATOM   468  S SD  . MET A 1 58  ? 1.048   -2.505  -9.152  1.00 50.60 ? 50  MET A SD  1 
ATOM   469  C CE  . MET A 1 58  ? 1.758   -4.105  -8.732  1.00 39.26 ? 50  MET A CE  1 
ATOM   470  N N   . GLY A 1 59  ? 2.566   -1.423  -15.216 1.00 40.26 ? 51  GLY A N   1 
ATOM   471  C CA  . GLY A 1 59  ? 2.138   -1.853  -16.536 1.00 41.49 ? 51  GLY A CA  1 
ATOM   472  C C   . GLY A 1 59  ? 0.647   -2.121  -16.635 1.00 45.32 ? 51  GLY A C   1 
ATOM   473  O O   . GLY A 1 59  ? 0.210   -2.932  -17.463 1.00 45.79 ? 51  GLY A O   1 
ATOM   474  N N   . CYS A 1 60  ? -0.132  -1.443  -15.791 1.00 36.98 ? 52  CYS A N   1 
ATOM   475  C CA  . CYS A 1 60  ? -1.595  -1.543  -15.827 1.00 32.73 ? 52  CYS A CA  1 
ATOM   476  C C   . CYS A 1 60  ? -2.096  -2.982  -15.747 1.00 30.31 ? 52  CYS A C   1 
ATOM   477  O O   . CYS A 1 60  ? -3.000  -3.366  -16.489 1.00 49.29 ? 52  CYS A O   1 
ATOM   478  C CB  . CYS A 1 60  ? -2.153  -0.898  -17.098 1.00 33.28 ? 52  CYS A CB  1 
ATOM   479  S SG  . CYS A 1 60  ? -1.896  0.878   -17.225 1.00 39.37 ? 52  CYS A SG  1 
ATOM   480  N N   . ARG A 1 61  ? -1.519  -3.767  -14.843 1.00 32.34 ? 53  ARG A N   1 
ATOM   481  C CA  . ARG A 1 61  ? -1.859  -5.182  -14.717 1.00 40.55 ? 53  ARG A CA  1 
ATOM   482  C C   . ARG A 1 61  ? -2.399  -5.500  -13.330 1.00 32.81 ? 53  ARG A C   1 
ATOM   483  O O   . ARG A 1 61  ? -1.776  -5.166  -12.328 1.00 36.99 ? 53  ARG A O   1 
ATOM   484  C CB  . ARG A 1 61  ? -0.617  -6.037  -14.989 1.00 59.40 ? 53  ARG A CB  1 
ATOM   485  C CG  . ARG A 1 61  ? -0.832  -7.537  -14.828 1.00 55.18 ? 53  ARG A CG  1 
ATOM   486  C CD  . ARG A 1 61  ? -1.838  -8.065  -15.844 1.00 62.22 ? 53  ARG A CD  1 
ATOM   487  N NE  . ARG A 1 61  ? -1.382  -7.922  -17.229 1.00 78.38 ? 53  ARG A NE  1 
ATOM   488  C CZ  . ARG A 1 61  ? -0.946  -8.928  -17.988 1.00 82.47 ? 53  ARG A CZ  1 
ATOM   489  N NH1 . ARG A 1 61  ? -0.905  -10.165 -17.502 1.00 74.35 ? 53  ARG A NH1 1 
ATOM   490  N NH2 . ARG A 1 61  ? -0.557  -8.701  -19.239 1.00 77.74 ? 53  ARG A NH2 1 
ATOM   491  N N   . PRO A 1 62  ? -3.570  -6.139  -13.257 1.00 33.45 ? 54  PRO A N   1 
ATOM   492  C CA  . PRO A 1 62  ? -4.034  -6.486  -11.907 1.00 32.03 ? 54  PRO A CA  1 
ATOM   493  C C   . PRO A 1 62  ? -3.452  -7.811  -11.416 1.00 28.40 ? 54  PRO A C   1 
ATOM   494  O O   . PRO A 1 62  ? -3.200  -8.706  -12.226 1.00 29.46 ? 54  PRO A O   1 
ATOM   495  C CB  . PRO A 1 62  ? -5.551  -6.600  -12.074 1.00 28.79 ? 54  PRO A CB  1 
ATOM   496  C CG  . PRO A 1 62  ? -5.740  -6.962  -13.531 1.00 32.67 ? 54  PRO A CG  1 
ATOM   497  C CD  . PRO A 1 62  ? -4.630  -6.264  -14.273 1.00 33.27 ? 54  PRO A CD  1 
ATOM   498  N N   . LEU A 1 63  ? -3.227  -7.927  -10.108 1.00 25.90 ? 55  LEU A N   1 
ATOM   499  C CA  . LEU A 1 63  ? -2.786  -9.193  -9.530  1.00 28.45 ? 55  LEU A CA  1 
ATOM   500  C C   . LEU A 1 63  ? -3.990  -10.121 -9.413  1.00 28.82 ? 55  LEU A C   1 
ATOM   501  O O   . LEU A 1 63  ? -5.069  -9.703  -8.986  1.00 29.85 ? 55  LEU A O   1 
ATOM   502  C CB  . LEU A 1 63  ? -2.147  -8.975  -8.158  1.00 35.76 ? 55  LEU A CB  1 
ATOM   503  C CG  . LEU A 1 63  ? -0.934  -8.044  -8.090  1.00 38.92 ? 55  LEU A CG  1 
ATOM   504  C CD1 . LEU A 1 63  ? -0.518  -7.785  -6.647  1.00 43.55 ? 55  LEU A CD1 1 
ATOM   505  C CD2 . LEU A 1 63  ? 0.228   -8.627  -8.870  1.00 28.97 ? 55  LEU A CD2 1 
ATOM   506  N N   . PRO A 1 64  ? -3.819  -11.385 -9.810  1.00 28.80 ? 56  PRO A N   1 
ATOM   507  C CA  . PRO A 1 64  ? -4.931  -12.347 -9.752  1.00 23.38 ? 56  PRO A CA  1 
ATOM   508  C C   . PRO A 1 64  ? -5.437  -12.590 -8.326  1.00 30.99 ? 56  PRO A C   1 
ATOM   509  O O   . PRO A 1 64  ? -4.726  -12.289 -7.362  1.00 29.99 ? 56  PRO A O   1 
ATOM   510  C CB  . PRO A 1 64  ? -4.313  -13.636 -10.316 1.00 28.49 ? 56  PRO A CB  1 
ATOM   511  C CG  . PRO A 1 64  ? -2.822  -13.439 -10.222 1.00 31.98 ? 56  PRO A CG  1 
ATOM   512  C CD  . PRO A 1 64  ? -2.597  -11.966 -10.393 1.00 26.23 ? 56  PRO A CD  1 
ATOM   513  N N   . ASN A 1 65  ? -6.656  -13.115 -8.206  1.00 26.68 ? 57  ASN A N   1 
ATOM   514  C CA  . ASN A 1 65  ? -7.236  -13.483 -6.917  1.00 23.47 ? 57  ASN A CA  1 
ATOM   515  C C   . ASN A 1 65  ? -7.287  -12.377 -5.842  1.00 26.79 ? 57  ASN A C   1 
ATOM   516  O O   . ASN A 1 65  ? -7.309  -12.675 -4.645  1.00 32.20 ? 57  ASN A O   1 
ATOM   517  C CB  . ASN A 1 65  ? -6.530  -14.728 -6.372  1.00 35.04 ? 57  ASN A CB  1 
ATOM   518  C CG  . ASN A 1 65  ? -6.526  -15.874 -7.370  1.00 42.28 ? 57  ASN A CG  1 
ATOM   519  O OD1 . ASN A 1 65  ? -7.556  -16.506 -7.597  1.00 51.04 ? 57  ASN A OD1 1 
ATOM   520  N ND2 . ASN A 1 65  ? -5.368  -16.143 -7.975  1.00 39.72 ? 57  ASN A ND2 1 
ATOM   521  N N   . ARG A 1 66  ? -7.291  -11.118 -6.282  1.00 23.30 ? 58  ARG A N   1 
ATOM   522  C CA  . ARG A 1 66  ? -7.600  -9.952  -5.442  1.00 27.11 ? 58  ARG A CA  1 
ATOM   523  C C   . ARG A 1 66  ? -8.495  -9.029  -6.251  1.00 18.68 ? 58  ARG A C   1 
ATOM   524  O O   . ARG A 1 66  ? -8.493  -9.087  -7.480  1.00 22.93 ? 58  ARG A O   1 
ATOM   525  C CB  . ARG A 1 66  ? -6.339  -9.138  -5.142  1.00 22.15 ? 58  ARG A CB  1 
ATOM   526  C CG  . ARG A 1 66  ? -5.232  -9.898  -4.534  1.00 40.83 ? 58  ARG A CG  1 
ATOM   527  C CD  . ARG A 1 66  ? -3.909  -9.454  -5.090  1.00 21.79 ? 58  ARG A CD  1 
ATOM   528  N NE  . ARG A 1 66  ? -2.850  -10.194 -4.416  1.00 44.88 ? 58  ARG A NE  1 
ATOM   529  C CZ  . ARG A 1 66  ? -2.447  -11.410 -4.768  1.00 46.36 ? 58  ARG A CZ  1 
ATOM   530  N NH1 . ARG A 1 66  ? -2.996  -12.022 -5.808  1.00 41.05 ? 58  ARG A NH1 1 
ATOM   531  N NH2 . ARG A 1 66  ? -1.487  -12.011 -4.080  1.00 66.53 ? 58  ARG A NH2 1 
ATOM   532  N N   . THR A 1 67  ? -9.221  -8.149  -5.577  1.00 17.27 ? 59  THR A N   1 
ATOM   533  C CA  . THR A 1 67  ? -9.859  -7.040  -6.269  1.00 16.53 ? 59  THR A CA  1 
ATOM   534  C C   . THR A 1 67  ? -8.920  -5.841  -6.163  1.00 18.98 ? 59  THR A C   1 
ATOM   535  O O   . THR A 1 67  ? -8.502  -5.481  -5.060  1.00 17.30 ? 59  THR A O   1 
ATOM   536  C CB  . THR A 1 67  ? -11.219 -6.676  -5.628  1.00 22.78 ? 59  THR A CB  1 
ATOM   537  O OG1 . THR A 1 67  ? -12.129 -7.774  -5.766  1.00 24.86 ? 59  THR A OG1 1 
ATOM   538  C CG2 . THR A 1 67  ? -11.825 -5.438  -6.302  1.00 19.19 ? 59  THR A CG2 1 
ATOM   539  N N   . THR A 1 68  ? -8.573  -5.237  -7.297  1.00 7.87  ? 60  THR A N   1 
ATOM   540  C CA  . THR A 1 68  ? -7.806  -3.991  -7.291  1.00 12.68 ? 60  THR A CA  1 
ATOM   541  C C   . THR A 1 68  ? -8.708  -2.796  -7.607  1.00 16.09 ? 60  THR A C   1 
ATOM   542  O O   . THR A 1 68  ? -9.519  -2.853  -8.544  1.00 12.81 ? 60  THR A O   1 
ATOM   543  C CB  . THR A 1 68  ? -6.666  -4.031  -8.308  1.00 10.90 ? 60  THR A CB  1 
ATOM   544  O OG1 . THR A 1 68  ? -5.784  -5.121  -7.998  1.00 17.91 ? 60  THR A OG1 1 
ATOM   545  C CG2 . THR A 1 68  ? -5.872  -2.707  -8.293  1.00 11.98 ? 60  THR A CG2 1 
ATOM   546  N N   . ILE A 1 69  ? -8.586  -1.723  -6.824  1.00 12.50 ? 61  ILE A N   1 
ATOM   547  C CA  . ILE A 1 69  ? -9.241  -0.451  -7.168  1.00 10.20 ? 61  ILE A CA  1 
ATOM   548  C C   . ILE A 1 69  ? -8.197  0.590   -7.620  1.00 13.79 ? 61  ILE A C   1 
ATOM   549  O O   . ILE A 1 69  ? -7.207  0.825   -6.919  1.00 11.64 ? 61  ILE A O   1 
ATOM   550  C CB  . ILE A 1 69  ? -10.038 0.130   -5.974  1.00 13.02 ? 61  ILE A CB  1 
ATOM   551  C CG1 . ILE A 1 69  ? -11.165 -0.823  -5.541  1.00 11.56 ? 61  ILE A CG1 1 
ATOM   552  C CG2 . ILE A 1 69  ? -10.614 1.489   -6.331  1.00 6.00  ? 61  ILE A CG2 1 
ATOM   553  C CD1 . ILE A 1 69  ? -11.731 -0.507  -4.153  1.00 13.93 ? 61  ILE A CD1 1 
ATOM   554  N N   . VAL A 1 70  ? -8.398  1.204   -8.790  1.00 14.46 ? 62  VAL A N   1 
ATOM   555  C CA  . VAL A 1 70  ? -7.520  2.303   -9.222  1.00 9.34  ? 62  VAL A CA  1 
ATOM   556  C C   . VAL A 1 70  ? -8.188  3.661   -8.997  1.00 18.39 ? 62  VAL A C   1 
ATOM   557  O O   . VAL A 1 70  ? -9.350  3.866   -9.377  1.00 8.49  ? 62  VAL A O   1 
ATOM   558  C CB  . VAL A 1 70  ? -7.057  2.158   -10.681 1.00 9.25  ? 62  VAL A CB  1 
ATOM   559  C CG1 . VAL A 1 70  ? -6.199  3.330   -11.072 1.00 8.07  ? 62  VAL A CG1 1 
ATOM   560  C CG2 . VAL A 1 70  ? -6.257  0.866   -10.844 1.00 9.94  ? 62  VAL A CG2 1 
ATOM   561  N N   . LEU A 1 71  ? -7.463  4.573   -8.349  1.00 8.58  ? 63  LEU A N   1 
ATOM   562  C CA  . LEU A 1 71  ? -8.019  5.870   -7.976  1.00 9.72  ? 63  LEU A CA  1 
ATOM   563  C C   . LEU A 1 71  ? -7.567  6.915   -9.000  1.00 12.08 ? 63  LEU A C   1 
ATOM   564  O O   . LEU A 1 71  ? -6.374  7.015   -9.301  1.00 15.24 ? 63  LEU A O   1 
ATOM   565  C CB  . LEU A 1 71  ? -7.543  6.240   -6.565  1.00 12.53 ? 63  LEU A CB  1 
ATOM   566  C CG  . LEU A 1 71  ? -8.193  7.359   -5.752  1.00 22.02 ? 63  LEU A CG  1 
ATOM   567  C CD1 . LEU A 1 71  ? -9.697  7.209   -5.730  1.00 15.19 ? 63  LEU A CD1 1 
ATOM   568  C CD2 . LEU A 1 71  ? -7.637  7.323   -4.330  1.00 18.91 ? 63  LEU A CD2 1 
ATOM   569  N N   . THR A 1 72  ? -8.515  7.669   -9.557  1.00 17.08 ? 64  THR A N   1 
ATOM   570  C CA  . THR A 1 72  ? -8.207  8.690   -10.568 1.00 14.79 ? 64  THR A CA  1 
ATOM   571  C C   . THR A 1 72  ? -9.338  9.698   -10.642 1.00 14.71 ? 64  THR A C   1 
ATOM   572  O O   . THR A 1 72  ? -10.486 9.344   -10.410 1.00 12.39 ? 64  THR A O   1 
ATOM   573  C CB  . THR A 1 72  ? -7.960  8.057   -11.976 1.00 21.40 ? 64  THR A CB  1 
ATOM   574  O OG1 . THR A 1 72  ? -7.665  9.081   -12.944 1.00 15.19 ? 64  THR A OG1 1 
ATOM   575  C CG2 . THR A 1 72  ? -9.174  7.267   -12.433 1.00 13.94 ? 64  THR A CG2 1 
ATOM   576  N N   . SER A 1 73  ? -9.016  10.956  -10.943 1.00 12.73 ? 65  SER A N   1 
ATOM   577  C CA  . SER A 1 73  ? -10.047 11.984  -11.086 1.00 18.95 ? 65  SER A CA  1 
ATOM   578  C C   . SER A 1 73  ? -10.696 11.936  -12.475 1.00 17.12 ? 65  SER A C   1 
ATOM   579  O O   . SER A 1 73  ? -11.759 12.514  -12.693 1.00 17.40 ? 65  SER A O   1 
ATOM   580  C CB  . SER A 1 73  ? -9.474  13.376  -10.804 1.00 20.02 ? 65  SER A CB  1 
ATOM   581  O OG  . SER A 1 73  ? -8.489  13.722  -11.760 1.00 23.80 ? 65  SER A OG  1 
ATOM   582  N N   . ASN A 1 74  ? -10.052 11.231  -13.402 1.00 13.51 ? 66  ASN A N   1 
ATOM   583  C CA  . ASN A 1 74  ? -10.542 11.069  -14.772 1.00 16.70 ? 66  ASN A CA  1 
ATOM   584  C C   . ASN A 1 74  ? -11.798 10.172  -14.856 1.00 18.50 ? 66  ASN A C   1 
ATOM   585  O O   . ASN A 1 74  ? -11.726 8.956   -14.625 1.00 17.58 ? 66  ASN A O   1 
ATOM   586  C CB  . ASN A 1 74  ? -9.396  10.499  -15.617 1.00 9.77  ? 66  ASN A CB  1 
ATOM   587  C CG  . ASN A 1 74  ? -9.768  10.284  -17.082 1.00 24.85 ? 66  ASN A CG  1 
ATOM   588  O OD1 . ASN A 1 74  ? -10.900 10.528  -17.508 1.00 24.22 ? 66  ASN A OD1 1 
ATOM   589  N ND2 . ASN A 1 74  ? -8.791  9.824   -17.865 1.00 25.86 ? 66  ASN A ND2 1 
ATOM   590  N N   . PRO A 1 75  ? -12.948 10.765  -15.218 1.00 16.54 ? 67  PRO A N   1 
ATOM   591  C CA  . PRO A 1 75  ? -14.231 10.041  -15.211 1.00 19.80 ? 67  PRO A CA  1 
ATOM   592  C C   . PRO A 1 75  ? -14.258 8.906   -16.217 1.00 17.05 ? 67  PRO A C   1 
ATOM   593  O O   . PRO A 1 75  ? -15.069 7.985   -16.092 1.00 18.43 ? 67  PRO A O   1 
ATOM   594  C CB  . PRO A 1 75  ? -15.247 11.095  -15.677 1.00 16.12 ? 67  PRO A CB  1 
ATOM   595  C CG  . PRO A 1 75  ? -14.527 12.393  -15.652 1.00 23.99 ? 67  PRO A CG  1 
ATOM   596  C CD  . PRO A 1 75  ? -13.076 12.106  -15.804 1.00 19.38 ? 67  PRO A CD  1 
ATOM   597  N N   . ASP A 1 76  ? -13.395 8.993   -17.224 1.00 24.33 ? 68  ASP A N   1 
ATOM   598  C CA  . ASP A 1 76  ? -13.417 8.045   -18.323 1.00 21.91 ? 68  ASP A CA  1 
ATOM   599  C C   . ASP A 1 76  ? -12.302 7.010   -18.249 1.00 32.21 ? 68  ASP A C   1 
ATOM   600  O O   . ASP A 1 76  ? -12.138 6.205   -19.160 1.00 30.94 ? 68  ASP A O   1 
ATOM   601  C CB  . ASP A 1 76  ? -13.322 8.796   -19.648 1.00 25.97 ? 68  ASP A CB  1 
ATOM   602  C CG  . ASP A 1 76  ? -14.472 9.752   -19.844 1.00 23.55 ? 68  ASP A CG  1 
ATOM   603  O OD1 . ASP A 1 76  ? -15.591 9.406   -19.412 1.00 19.65 ? 68  ASP A OD1 1 
ATOM   604  O OD2 . ASP A 1 76  ? -14.255 10.848  -20.411 1.00 31.63 ? 68  ASP A OD2 1 
ATOM   605  N N   . TYR A 1 77  ? -11.533 7.021   -17.169 1.00 24.37 ? 69  TYR A N   1 
ATOM   606  C CA  . TYR A 1 77  ? -10.407 6.110   -17.093 1.00 17.52 ? 69  TYR A CA  1 
ATOM   607  C C   . TYR A 1 77  ? -10.904 4.676   -16.994 1.00 30.80 ? 69  TYR A C   1 
ATOM   608  O O   . TYR A 1 77  ? -11.689 4.333   -16.101 1.00 29.70 ? 69  TYR A O   1 
ATOM   609  C CB  . TYR A 1 77  ? -9.534  6.436   -15.887 1.00 18.50 ? 69  TYR A CB  1 
ATOM   610  C CG  . TYR A 1 77  ? -8.195  5.747   -15.913 1.00 17.84 ? 69  TYR A CG  1 
ATOM   611  C CD1 . TYR A 1 77  ? -7.117  6.318   -16.578 1.00 19.13 ? 69  TYR A CD1 1 
ATOM   612  C CD2 . TYR A 1 77  ? -8.007  4.533   -15.275 1.00 16.91 ? 69  TYR A CD2 1 
ATOM   613  C CE1 . TYR A 1 77  ? -5.888  5.696   -16.603 1.00 19.79 ? 69  TYR A CE1 1 
ATOM   614  C CE2 . TYR A 1 77  ? -6.774  3.897   -15.289 1.00 16.58 ? 69  TYR A CE2 1 
ATOM   615  C CZ  . TYR A 1 77  ? -5.723  4.479   -15.953 1.00 15.35 ? 69  TYR A CZ  1 
ATOM   616  O OH  . TYR A 1 77  ? -4.495  3.856   -15.973 1.00 16.58 ? 69  TYR A OH  1 
ATOM   617  N N   . GLN A 1 78  ? -10.465 3.831   -17.918 1.00 27.58 ? 70  GLN A N   1 
ATOM   618  C CA  . GLN A 1 78  ? -10.687 2.402   -17.729 1.00 31.82 ? 70  GLN A CA  1 
ATOM   619  C C   . GLN A 1 78  ? -9.412  1.613   -17.994 1.00 34.32 ? 70  GLN A C   1 
ATOM   620  O O   . GLN A 1 78  ? -8.558  2.014   -18.787 1.00 21.11 ? 70  GLN A O   1 
ATOM   621  C CB  . GLN A 1 78  ? -11.880 1.866   -18.544 1.00 34.06 ? 70  GLN A CB  1 
ATOM   622  C CG  . GLN A 1 78  ? -13.271 2.256   -18.004 1.00 35.27 ? 70  GLN A CG  1 
ATOM   623  C CD  . GLN A 1 78  ? -13.498 1.840   -16.548 1.00 31.16 ? 70  GLN A CD  1 
ATOM   624  O OE1 . GLN A 1 78  ? -12.953 0.838   -16.084 1.00 44.12 ? 70  GLN A OE1 1 
ATOM   625  N NE2 . GLN A 1 78  ? -14.295 2.627   -15.820 1.00 47.87 ? 70  GLN A NE2 1 
ATOM   626  N N   . ALA A 1 79  ? -9.279  0.513   -17.268 1.00 31.12 ? 71  ALA A N   1 
ATOM   627  C CA  . ALA A 1 79  ? -8.144  -0.365  -17.394 1.00 41.42 ? 71  ALA A CA  1 
ATOM   628  C C   . ALA A 1 79  ? -8.685  -1.783  -17.365 1.00 42.24 ? 71  ALA A C   1 
ATOM   629  O O   . ALA A 1 79  ? -9.887  -1.996  -17.184 1.00 35.48 ? 71  ALA A O   1 
ATOM   630  C CB  . ALA A 1 79  ? -7.184  -0.140  -16.256 1.00 33.59 ? 71  ALA A CB  1 
ATOM   631  N N   . GLU A 1 80  ? -7.804  -2.756  -17.538 1.00 41.91 ? 72  GLU A N   1 
ATOM   632  C CA  . GLU A 1 80  ? -8.254  -4.135  -17.574 1.00 52.62 ? 72  GLU A CA  1 
ATOM   633  C C   . GLU A 1 80  ? -8.313  -4.742  -16.180 1.00 28.59 ? 72  GLU A C   1 
ATOM   634  O O   . GLU A 1 80  ? -7.329  -4.709  -15.443 1.00 35.12 ? 72  GLU A O   1 
ATOM   635  C CB  . GLU A 1 80  ? -7.359  -4.970  -18.500 1.00 59.60 ? 72  GLU A CB  1 
ATOM   636  C CG  . GLU A 1 80  ? -7.271  -4.419  -19.935 1.00 72.26 ? 72  GLU A CG  1 
ATOM   637  C CD  . GLU A 1 80  ? -8.637  -4.165  -20.569 1.00 59.44 ? 72  GLU A CD  1 
ATOM   638  O OE1 . GLU A 1 80  ? -9.529  -5.041  -20.456 1.00 59.70 ? 72  GLU A OE1 1 
ATOM   639  O OE2 . GLU A 1 80  ? -8.820  -3.085  -21.180 1.00 54.62 ? 72  GLU A OE2 1 
ATOM   640  N N   . GLY A 1 81  ? -9.478  -5.275  -15.819 1.00 28.60 ? 73  GLY A N   1 
ATOM   641  C CA  . GLY A 1 81  ? -9.615  -6.077  -14.615 1.00 23.49 ? 73  GLY A CA  1 
ATOM   642  C C   . GLY A 1 81  ? -9.571  -5.345  -13.283 1.00 22.09 ? 73  GLY A C   1 
ATOM   643  O O   . GLY A 1 81  ? -9.298  -5.965  -12.253 1.00 20.49 ? 73  GLY A O   1 
ATOM   644  N N   . VAL A 1 82  ? -9.840  -4.042  -13.283 1.00 17.01 ? 74  VAL A N   1 
ATOM   645  C CA  . VAL A 1 82  ? -9.843  -3.291  -12.029 1.00 19.76 ? 74  VAL A CA  1 
ATOM   646  C C   . VAL A 1 82  ? -11.104 -2.448  -11.898 1.00 18.10 ? 74  VAL A C   1 
ATOM   647  O O   . VAL A 1 82  ? -11.723 -2.078  -12.888 1.00 22.34 ? 74  VAL A O   1 
ATOM   648  C CB  . VAL A 1 82  ? -8.592  -2.386  -11.884 1.00 18.78 ? 74  VAL A CB  1 
ATOM   649  C CG1 . VAL A 1 82  ? -7.299  -3.193  -12.047 1.00 15.72 ? 74  VAL A CG1 1 
ATOM   650  C CG2 . VAL A 1 82  ? -8.639  -1.271  -12.897 1.00 14.27 ? 74  VAL A CG2 1 
ATOM   651  N N   . LEU A 1 83  ? -11.500 -2.172  -10.664 1.00 16.14 ? 75  LEU A N   1 
ATOM   652  C CA  . LEU A 1 83  ? -12.515 -1.175  -10.415 1.00 10.39 ? 75  LEU A CA  1 
ATOM   653  C C   . LEU A 1 83  ? -11.788 0.164   -10.515 1.00 13.54 ? 75  LEU A C   1 
ATOM   654  O O   . LEU A 1 83  ? -10.594 0.256   -10.215 1.00 13.54 ? 75  LEU A O   1 
ATOM   655  C CB  . LEU A 1 83  ? -13.105 -1.349  -9.011  1.00 10.15 ? 75  LEU A CB  1 
ATOM   656  C CG  . LEU A 1 83  ? -13.744 -2.713  -8.737  1.00 18.71 ? 75  LEU A CG  1 
ATOM   657  C CD1 . LEU A 1 83  ? -14.332 -2.799  -7.329  1.00 4.74  ? 75  LEU A CD1 1 
ATOM   658  C CD2 . LEU A 1 83  ? -14.824 -2.939  -9.756  1.00 20.46 ? 75  LEU A CD2 1 
ATOM   659  N N   . VAL A 1 84  ? -12.500 1.193   -10.950 1.00 11.52 ? 76  VAL A N   1 
ATOM   660  C CA  . VAL A 1 84  ? -11.942 2.531   -11.014 1.00 14.00 ? 76  VAL A CA  1 
ATOM   661  C C   . VAL A 1 84  ? -12.810 3.409   -10.154 1.00 10.82 ? 76  VAL A C   1 
ATOM   662  O O   . VAL A 1 84  ? -14.027 3.372   -10.278 1.00 17.84 ? 76  VAL A O   1 
ATOM   663  C CB  . VAL A 1 84  ? -11.980 3.085   -12.445 1.00 17.47 ? 76  VAL A CB  1 
ATOM   664  C CG1 . VAL A 1 84  ? -11.471 4.510   -12.460 1.00 14.94 ? 76  VAL A CG1 1 
ATOM   665  C CG2 . VAL A 1 84  ? -11.139 2.224   -13.376 1.00 16.18 ? 76  VAL A CG2 1 
ATOM   666  N N   . MET A 1 85  ? -12.209 4.181   -9.257  1.00 12.89 ? 77  MET A N   1 
ATOM   667  C CA  . MET A 1 85  ? -12.992 5.079   -8.408  1.00 12.33 ? 77  MET A CA  1 
ATOM   668  C C   . MET A 1 85  ? -12.385 6.472   -8.433  1.00 16.96 ? 77  MET A C   1 
ATOM   669  O O   . MET A 1 85  ? -11.250 6.650   -8.908  1.00 13.78 ? 77  MET A O   1 
ATOM   670  C CB  . MET A 1 85  ? -13.118 4.532   -6.971  1.00 14.62 ? 77  MET A CB  1 
ATOM   671  C CG  . MET A 1 85  ? -13.954 3.263   -6.861  1.00 12.97 ? 77  MET A CG  1 
ATOM   672  S SD  . MET A 1 85  ? -14.155 2.637   -5.168  1.00 15.20 ? 77  MET A SD  1 
ATOM   673  C CE  . MET A 1 85  ? -14.806 0.986   -5.531  1.00 9.37  ? 77  MET A CE  1 
ATOM   674  N N   . HIS A 1 86  ? -13.122 7.460   -7.926  1.00 12.38 ? 78  HIS A N   1 
ATOM   675  C CA  . HIS A 1 86  ? -12.748 8.847   -8.209  1.00 15.85 ? 78  HIS A CA  1 
ATOM   676  C C   . HIS A 1 86  ? -12.650 9.767   -6.998  1.00 13.43 ? 78  HIS A C   1 
ATOM   677  O O   . HIS A 1 86  ? -12.569 10.985  -7.149  1.00 17.76 ? 78  HIS A O   1 
ATOM   678  C CB  . HIS A 1 86  ? -13.715 9.450   -9.231  1.00 15.89 ? 78  HIS A CB  1 
ATOM   679  C CG  . HIS A 1 86  ? -13.896 8.612   -10.455 1.00 17.17 ? 78  HIS A CG  1 
ATOM   680  N ND1 . HIS A 1 86  ? -13.010 8.630   -11.508 1.00 15.27 ? 78  HIS A ND1 1 
ATOM   681  C CD2 . HIS A 1 86  ? -14.863 7.721   -10.790 1.00 17.31 ? 78  HIS A CD2 1 
ATOM   682  C CE1 . HIS A 1 86  ? -13.422 7.793   -12.442 1.00 13.30 ? 78  HIS A CE1 1 
ATOM   683  N NE2 . HIS A 1 86  ? -14.540 7.230   -12.035 1.00 13.45 ? 78  HIS A NE2 1 
ATOM   684  N N   . SER A 1 87  ? -12.661 9.198   -5.800  1.00 13.87 ? 79  SER A N   1 
ATOM   685  C CA  . SER A 1 87  ? -12.533 10.009  -4.601  1.00 13.34 ? 79  SER A CA  1 
ATOM   686  C C   . SER A 1 87  ? -12.250 9.146   -3.390  1.00 15.05 ? 79  SER A C   1 
ATOM   687  O O   . SER A 1 87  ? -12.551 7.943   -3.382  1.00 12.86 ? 79  SER A O   1 
ATOM   688  C CB  . SER A 1 87  ? -13.800 10.823  -4.352  1.00 12.33 ? 79  SER A CB  1 
ATOM   689  O OG  . SER A 1 87  ? -14.873 9.975   -3.997  1.00 17.67 ? 79  SER A OG  1 
ATOM   690  N N   . VAL A 1 88  ? -11.667 9.782   -2.379  1.00 15.23 ? 80  VAL A N   1 
ATOM   691  C CA  . VAL A 1 88  ? -11.438 9.168   -1.083  1.00 17.84 ? 80  VAL A CA  1 
ATOM   692  C C   . VAL A 1 88  ? -12.748 8.682   -0.499  1.00 20.18 ? 80  VAL A C   1 
ATOM   693  O O   . VAL A 1 88  ? -12.826 7.554   -0.002  1.00 20.30 ? 80  VAL A O   1 
ATOM   694  C CB  . VAL A 1 88  ? -10.782 10.159  -0.111  1.00 16.88 ? 80  VAL A CB  1 
ATOM   695  C CG1 . VAL A 1 88  ? -10.826 9.630   1.316   1.00 20.45 ? 80  VAL A CG1 1 
ATOM   696  C CG2 . VAL A 1 88  ? -9.352  10.409  -0.531  1.00 16.07 ? 80  VAL A CG2 1 
ATOM   697  N N   . GLU A 1 89  ? -13.782 9.518   -0.583  1.00 19.26 ? 81  GLU A N   1 
ATOM   698  C CA  . GLU A 1 89  ? -15.100 9.161   -0.051  1.00 24.48 ? 81  GLU A CA  1 
ATOM   699  C C   . GLU A 1 89  ? -15.571 7.844   -0.651  1.00 16.72 ? 81  GLU A C   1 
ATOM   700  O O   . GLU A 1 89  ? -15.997 6.945   0.076   1.00 17.56 ? 81  GLU A O   1 
ATOM   701  C CB  . GLU A 1 89  ? -16.133 10.270  -0.301  1.00 19.82 ? 81  GLU A CB  1 
ATOM   702  C CG  . GLU A 1 89  ? -15.804 11.615  0.364   1.00 30.30 ? 81  GLU A CG  1 
ATOM   703  C CD  . GLU A 1 89  ? -14.638 12.355  -0.306  1.00 40.49 ? 81  GLU A CD  1 
ATOM   704  O OE1 . GLU A 1 89  ? -14.504 12.280  -1.548  1.00 37.24 ? 81  GLU A OE1 1 
ATOM   705  O OE2 . GLU A 1 89  ? -13.846 13.007  0.409   1.00 43.75 ? 81  GLU A OE2 1 
ATOM   706  N N   . GLU A 1 90  ? -15.447 7.728   -1.973  1.00 16.72 ? 82  GLU A N   1 
ATOM   707  C CA  . GLU A 1 90  ? -15.864 6.535   -2.705  1.00 15.66 ? 82  GLU A CA  1 
ATOM   708  C C   . GLU A 1 90  ? -15.100 5.296   -2.230  1.00 19.43 ? 82  GLU A C   1 
ATOM   709  O O   . GLU A 1 90  ? -15.700 4.237   -2.041  1.00 19.44 ? 82  GLU A O   1 
ATOM   710  C CB  . GLU A 1 90  ? -15.663 6.748   -4.215  1.00 15.86 ? 82  GLU A CB  1 
ATOM   711  C CG  . GLU A 1 90  ? -16.635 5.989   -5.115  1.00 30.29 ? 82  GLU A CG  1 
ATOM   712  C CD  . GLU A 1 90  ? -16.326 6.172   -6.607  1.00 35.67 ? 82  GLU A CD  1 
ATOM   713  O OE1 . GLU A 1 90  ? -15.739 7.213   -6.976  1.00 20.73 ? 82  GLU A OE1 1 
ATOM   714  O OE2 . GLU A 1 90  ? -16.653 5.265   -7.414  1.00 34.38 ? 82  GLU A OE2 1 
ATOM   715  N N   . ILE A 1 91  ? -13.786 5.433   -2.032  1.00 18.80 ? 83  ILE A N   1 
ATOM   716  C CA  . ILE A 1 91  ? -12.964 4.359   -1.469  1.00 14.82 ? 83  ILE A CA  1 
ATOM   717  C C   . ILE A 1 91  ? -13.483 3.967   -0.083  1.00 14.21 ? 83  ILE A C   1 
ATOM   718  O O   . ILE A 1 91  ? -13.645 2.787   0.222   1.00 14.20 ? 83  ILE A O   1 
ATOM   719  C CB  . ILE A 1 91  ? -11.476 4.776   -1.324  1.00 13.71 ? 83  ILE A CB  1 
ATOM   720  C CG1 . ILE A 1 91  ? -10.842 5.077   -2.688  1.00 16.18 ? 83  ILE A CG1 1 
ATOM   721  C CG2 . ILE A 1 91  ? -10.676 3.690   -0.589  1.00 13.92 ? 83  ILE A CG2 1 
ATOM   722  C CD1 . ILE A 1 91  ? -10.797 3.888   -3.629  1.00 15.16 ? 83  ILE A CD1 1 
ATOM   723  N N   . LEU A 1 92  ? -13.758 4.960   0.759   1.00 17.46 ? 84  LEU A N   1 
ATOM   724  C CA  . LEU A 1 92  ? -14.214 4.678   2.126   1.00 17.07 ? 84  LEU A CA  1 
ATOM   725  C C   . LEU A 1 92  ? -15.584 3.986   2.172   1.00 24.06 ? 84  LEU A C   1 
ATOM   726  O O   . LEU A 1 92  ? -15.849 3.165   3.061   1.00 22.37 ? 84  LEU A O   1 
ATOM   727  C CB  . LEU A 1 92  ? -14.204 5.958   2.967   1.00 17.39 ? 84  LEU A CB  1 
ATOM   728  C CG  . LEU A 1 92  ? -12.797 6.516   3.205   1.00 20.26 ? 84  LEU A CG  1 
ATOM   729  C CD1 . LEU A 1 92  ? -12.835 7.802   4.024   1.00 16.04 ? 84  LEU A CD1 1 
ATOM   730  C CD2 . LEU A 1 92  ? -11.936 5.467   3.891   1.00 17.70 ? 84  LEU A CD2 1 
ATOM   731  N N   . ALA A 1 93  ? -16.441 4.293   1.202   1.00 15.95 ? 85  ALA A N   1 
ATOM   732  C CA  . ALA A 1 93  ? -17.763 3.684   1.159   1.00 17.16 ? 85  ALA A CA  1 
ATOM   733  C C   . ALA A 1 93  ? -17.676 2.214   0.776   1.00 15.76 ? 85  ALA A C   1 
ATOM   734  O O   . ALA A 1 93  ? -18.406 1.375   1.315   1.00 18.65 ? 85  ALA A O   1 
ATOM   735  C CB  . ALA A 1 93  ? -18.671 4.440   0.198   1.00 23.89 ? 85  ALA A CB  1 
ATOM   736  N N   . TYR A 1 94  ? -16.798 1.907   -0.174  1.00 16.29 ? 86  TYR A N   1 
ATOM   737  C CA  . TYR A 1 94  ? -16.522 0.519   -0.544  1.00 19.49 ? 86  TYR A CA  1 
ATOM   738  C C   . TYR A 1 94  ? -15.938 -0.245  0.654   1.00 22.01 ? 86  TYR A C   1 
ATOM   739  O O   . TYR A 1 94  ? -16.370 -1.363  0.961   1.00 20.05 ? 86  TYR A O   1 
ATOM   740  C CB  . TYR A 1 94  ? -15.537 0.470   -1.718  1.00 15.40 ? 86  TYR A CB  1 
ATOM   741  C CG  . TYR A 1 94  ? -15.042 -0.929  -2.059  1.00 20.01 ? 86  TYR A CG  1 
ATOM   742  C CD1 . TYR A 1 94  ? -15.649 -1.677  -3.059  1.00 19.25 ? 86  TYR A CD1 1 
ATOM   743  C CD2 . TYR A 1 94  ? -13.955 -1.494  -1.392  1.00 16.40 ? 86  TYR A CD2 1 
ATOM   744  C CE1 . TYR A 1 94  ? -15.189 -2.956  -3.384  1.00 16.93 ? 86  TYR A CE1 1 
ATOM   745  C CE2 . TYR A 1 94  ? -13.499 -2.769  -1.702  1.00 20.56 ? 86  TYR A CE2 1 
ATOM   746  C CZ  . TYR A 1 94  ? -14.113 -3.492  -2.702  1.00 18.23 ? 86  TYR A CZ  1 
ATOM   747  O OH  . TYR A 1 94  ? -13.654 -4.757  -3.011  1.00 15.71 ? 86  TYR A OH  1 
ATOM   748  N N   . ALA A 1 95  ? -14.944 0.360   1.309   1.00 20.48 ? 87  ALA A N   1 
ATOM   749  C CA  . ALA A 1 95  ? -14.248 -0.269  2.439   1.00 15.98 ? 87  ALA A CA  1 
ATOM   750  C C   . ALA A 1 95  ? -15.189 -0.558  3.613   1.00 19.27 ? 87  ALA A C   1 
ATOM   751  O O   . ALA A 1 95  ? -15.072 -1.581  4.284   1.00 21.57 ? 87  ALA A O   1 
ATOM   752  C CB  . ALA A 1 95  ? -13.091 0.604   2.892   1.00 12.28 ? 87  ALA A CB  1 
ATOM   753  N N   . ASP A 1 96  ? -16.120 0.352   3.857   1.00 25.11 ? 88  ASP A N   1 
ATOM   754  C CA  . ASP A 1 96  ? -17.091 0.188   4.937   1.00 32.32 ? 88  ASP A CA  1 
ATOM   755  C C   . ASP A 1 96  ? -17.908 -1.099  4.795   1.00 35.71 ? 88  ASP A C   1 
ATOM   756  O O   . ASP A 1 96  ? -18.166 -1.802  5.770   1.00 37.85 ? 88  ASP A O   1 
ATOM   757  C CB  . ASP A 1 96  ? -18.024 1.401   4.985   1.00 24.69 ? 88  ASP A CB  1 
ATOM   758  C CG  . ASP A 1 96  ? -19.202 1.196   5.914   1.00 38.55 ? 88  ASP A CG  1 
ATOM   759  O OD1 . ASP A 1 96  ? -18.986 1.182   7.147   1.00 35.77 ? 88  ASP A OD1 1 
ATOM   760  O OD2 . ASP A 1 96  ? -20.349 1.070   5.413   1.00 31.72 ? 88  ASP A OD2 1 
ATOM   761  N N   . LYS A 1 97  ? -18.291 -1.418  3.568   1.00 35.12 ? 89  LYS A N   1 
ATOM   762  C CA  . LYS A 1 97  ? -19.170 -2.550  3.333   1.00 30.78 ? 89  LYS A CA  1 
ATOM   763  C C   . LYS A 1 97  ? -18.477 -3.783  2.749   1.00 38.80 ? 89  LYS A C   1 
ATOM   764  O O   . LYS A 1 97  ? -19.127 -4.798  2.497   1.00 38.98 ? 89  LYS A O   1 
ATOM   765  C CB  . LYS A 1 97  ? -20.346 -2.117  2.462   1.00 39.08 ? 89  LYS A CB  1 
ATOM   766  C CG  . LYS A 1 97  ? -21.066 -0.922  3.050   1.00 43.32 ? 89  LYS A CG  1 
ATOM   767  C CD  . LYS A 1 97  ? -22.518 -0.881  2.619   1.00 78.28 ? 89  LYS A CD  1 
ATOM   768  C CE  . LYS A 1 97  ? -23.324 0.066   3.500   1.00 62.55 ? 89  LYS A CE  1 
ATOM   769  N NZ  . LYS A 1 97  ? -24.753 0.089   3.083   1.00 50.23 ? 89  LYS A NZ  1 
ATOM   770  N N   . TYR A 1 98  ? -17.163 -3.700  2.548   1.00 32.86 ? 90  TYR A N   1 
ATOM   771  C CA  . TYR A 1 98  ? -16.396 -4.846  2.062   1.00 32.41 ? 90  TYR A CA  1 
ATOM   772  C C   . TYR A 1 98  ? -16.098 -5.785  3.231   1.00 27.33 ? 90  TYR A C   1 
ATOM   773  O O   . TYR A 1 98  ? -15.756 -5.329  4.333   1.00 32.93 ? 90  TYR A O   1 
ATOM   774  C CB  . TYR A 1 98  ? -15.103 -4.384  1.364   1.00 29.83 ? 90  TYR A CB  1 
ATOM   775  C CG  . TYR A 1 98  ? -14.238 -5.507  0.825   1.00 29.15 ? 90  TYR A CG  1 
ATOM   776  C CD1 . TYR A 1 98  ? -14.702 -6.358  -0.181  1.00 21.15 ? 90  TYR A CD1 1 
ATOM   777  C CD2 . TYR A 1 98  ? -12.950 -5.707  1.313   1.00 21.71 ? 90  TYR A CD2 1 
ATOM   778  C CE1 . TYR A 1 98  ? -13.900 -7.387  -0.678  1.00 21.09 ? 90  TYR A CE1 1 
ATOM   779  C CE2 . TYR A 1 98  ? -12.143 -6.724  0.821   1.00 19.67 ? 90  TYR A CE2 1 
ATOM   780  C CZ  . TYR A 1 98  ? -12.621 -7.557  -0.176  1.00 20.86 ? 90  TYR A CZ  1 
ATOM   781  O OH  . TYR A 1 98  ? -11.816 -8.565  -0.658  1.00 26.78 ? 90  TYR A OH  1 
ATOM   782  N N   . GLU A 1 99  ? -16.246 -7.088  2.986   1.00 31.16 ? 91  GLU A N   1 
ATOM   783  C CA  . GLU A 1 99  ? -16.120 -8.105  4.038   1.00 47.74 ? 91  GLU A CA  1 
ATOM   784  C C   . GLU A 1 99  ? -14.679 -8.401  4.468   1.00 39.78 ? 91  GLU A C   1 
ATOM   785  O O   . GLU A 1 99  ? -14.452 -8.910  5.568   1.00 59.44 ? 91  GLU A O   1 
ATOM   786  C CB  . GLU A 1 99  ? -16.819 -9.417  3.632   1.00 35.68 ? 91  GLU A CB  1 
ATOM   787  C CG  . GLU A 1 99  ? -18.208 -9.267  3.010   1.00 44.42 ? 91  GLU A CG  1 
ATOM   788  C CD  . GLU A 1 99  ? -19.286 -8.833  4.001   1.00 73.51 ? 91  GLU A CD  1 
ATOM   789  O OE1 . GLU A 1 99  ? -19.040 -7.908  4.807   1.00 66.89 ? 91  GLU A OE1 1 
ATOM   790  O OE2 . GLU A 1 99  ? -20.396 -9.417  3.965   1.00 75.91 ? 91  GLU A OE2 1 
ATOM   791  N N   . GLY A 1 100 ? -13.712 -8.100  3.608   1.00 21.28 ? 92  GLY A N   1 
ATOM   792  C CA  . GLY A 1 100 ? -12.314 -8.332  3.932   1.00 25.76 ? 92  GLY A CA  1 
ATOM   793  C C   . GLY A 1 100 ? -11.572 -7.034  4.206   1.00 23.75 ? 92  GLY A C   1 
ATOM   794  O O   . GLY A 1 100 ? -12.184 -6.026  4.559   1.00 25.21 ? 92  GLY A O   1 
ATOM   795  N N   . VAL A 1 101 ? -10.254 -7.049  4.041   1.00 13.02 ? 93  VAL A N   1 
ATOM   796  C CA  . VAL A 1 101 ? -9.459  -5.868  4.344   1.00 16.54 ? 93  VAL A CA  1 
ATOM   797  C C   . VAL A 1 101 ? -9.243  -5.064  3.055   1.00 17.94 ? 93  VAL A C   1 
ATOM   798  O O   . VAL A 1 101 ? -9.041  -5.638  1.979   1.00 18.93 ? 93  VAL A O   1 
ATOM   799  C CB  . VAL A 1 101 ? -8.079  -6.243  4.982   1.00 21.05 ? 93  VAL A CB  1 
ATOM   800  C CG1 . VAL A 1 101 ? -7.328  -4.983  5.427   1.00 21.78 ? 93  VAL A CG1 1 
ATOM   801  C CG2 . VAL A 1 101 ? -8.257  -7.181  6.169   1.00 25.77 ? 93  VAL A CG2 1 
ATOM   802  N N   . THR A 1 102 ? -9.307  -3.742  3.168   1.00 13.83 ? 94  THR A N   1 
ATOM   803  C CA  . THR A 1 102 ? -9.029  -2.841  2.055   1.00 13.00 ? 94  THR A CA  1 
ATOM   804  C C   . THR A 1 102 ? -7.602  -2.332  2.235   1.00 16.55 ? 94  THR A C   1 
ATOM   805  O O   . THR A 1 102 ? -7.324  -1.512  3.117   1.00 12.92 ? 94  THR A O   1 
ATOM   806  C CB  . THR A 1 102 ? -10.013 -1.642  2.023   1.00 15.00 ? 94  THR A CB  1 
ATOM   807  O OG1 . THR A 1 102 ? -11.367 -2.123  1.997   1.00 12.09 ? 94  THR A OG1 1 
ATOM   808  C CG2 . THR A 1 102 ? -9.764  -0.766  0.794   1.00 9.42  ? 94  THR A CG2 1 
ATOM   809  N N   . VAL A 1 103 ? -6.695  -2.842  1.408   1.00 15.44 ? 95  VAL A N   1 
ATOM   810  C CA  . VAL A 1 103 ? -5.282  -2.541  1.553   1.00 8.88  ? 95  VAL A CA  1 
ATOM   811  C C   . VAL A 1 103 ? -4.910  -1.359  0.682   1.00 8.12  ? 95  VAL A C   1 
ATOM   812  O O   . VAL A 1 103 ? -5.195  -1.336  -0.528  1.00 13.80 ? 95  VAL A O   1 
ATOM   813  C CB  . VAL A 1 103 ? -4.426  -3.746  1.167   1.00 9.87  ? 95  VAL A CB  1 
ATOM   814  C CG1 . VAL A 1 103 ? -2.965  -3.403  1.273   1.00 9.86  ? 95  VAL A CG1 1 
ATOM   815  C CG2 . VAL A 1 103 ? -4.757  -4.927  2.070   1.00 11.78 ? 95  VAL A CG2 1 
ATOM   816  N N   . ILE A 1 104 ? -4.304  -0.358  1.306   1.00 10.09 ? 96  ILE A N   1 
ATOM   817  C CA  . ILE A 1 104 ? -3.868  0.837   0.596   1.00 8.93  ? 96  ILE A CA  1 
ATOM   818  C C   . ILE A 1 104 ? -2.440  0.588   0.127   1.00 9.94  ? 96  ILE A C   1 
ATOM   819  O O   . ILE A 1 104 ? -1.518  0.516   0.937   1.00 11.73 ? 96  ILE A O   1 
ATOM   820  C CB  . ILE A 1 104 ? -3.894  2.088   1.506   1.00 11.97 ? 96  ILE A CB  1 
ATOM   821  C CG1 . ILE A 1 104 ? -5.237  2.210   2.230   1.00 11.51 ? 96  ILE A CG1 1 
ATOM   822  C CG2 . ILE A 1 104 ? -3.621  3.336   0.688   1.00 7.35  ? 96  ILE A CG2 1 
ATOM   823  C CD1 . ILE A 1 104 ? -6.448  2.182   1.272   1.00 14.76 ? 96  ILE A CD1 1 
ATOM   824  N N   . GLY A 1 105 ? -2.250  0.441   -1.177  1.00 10.79 ? 97  GLY A N   1 
ATOM   825  C CA  . GLY A 1 105 ? -0.946  0.068   -1.691  1.00 9.18  ? 97  GLY A CA  1 
ATOM   826  C C   . GLY A 1 105 ? -0.083  1.198   -2.217  1.00 12.80 ? 97  GLY A C   1 
ATOM   827  O O   . GLY A 1 105 ? 1.023   0.936   -2.681  1.00 14.55 ? 97  GLY A O   1 
ATOM   828  N N   . GLY A 1 106 ? -0.577  2.439   -2.160  1.00 12.30 ? 98  GLY A N   1 
ATOM   829  C CA  . GLY A 1 106 ? 0.174   3.597   -2.645  1.00 15.11 ? 98  GLY A CA  1 
ATOM   830  C C   . GLY A 1 106 ? -0.425  4.224   -3.901  1.00 16.73 ? 98  GLY A C   1 
ATOM   831  O O   . GLY A 1 106 ? -1.520  3.826   -4.321  1.00 13.50 ? 98  GLY A O   1 
ATOM   832  N N   . GLY A 1 107 ? 0.262   5.191   -4.516  1.00 12.71 ? 99  GLY A N   1 
ATOM   833  C CA  . GLY A 1 107 ? 1.577   5.659   -4.101  1.00 12.91 ? 99  GLY A CA  1 
ATOM   834  C C   . GLY A 1 107 ? 1.548   6.783   -3.075  1.00 13.91 ? 99  GLY A C   1 
ATOM   835  O O   . GLY A 1 107 ? 0.745   6.758   -2.144  1.00 12.65 ? 99  GLY A O   1 
ATOM   836  N N   . SER A 1 108 ? 2.420   7.776   -3.220  1.00 12.57 ? 100 SER A N   1 
ATOM   837  C CA  . SER A 1 108 ? 2.557   8.790   -2.163  1.00 13.03 ? 100 SER A CA  1 
ATOM   838  C C   . SER A 1 108 ? 1.299   9.647   -1.880  1.00 15.04 ? 100 SER A C   1 
ATOM   839  O O   . SER A 1 108 ? 0.931   9.857   -0.720  1.00 13.26 ? 100 SER A O   1 
ATOM   840  C CB  . SER A 1 108 ? 3.775   9.677   -2.429  1.00 16.29 ? 100 SER A CB  1 
ATOM   841  O OG  . SER A 1 108 ? 3.924   10.616  -1.373  1.00 22.20 ? 100 SER A OG  1 
ATOM   842  N N   . VAL A 1 109 ? 0.633   10.136  -2.926  1.00 22.87 ? 101 VAL A N   1 
ATOM   843  C CA  . VAL A 1 109 ? -0.622  10.888  -2.745  1.00 20.11 ? 101 VAL A CA  1 
ATOM   844  C C   . VAL A 1 109 ? -1.694  10.053  -2.041  1.00 16.31 ? 101 VAL A C   1 
ATOM   845  O O   . VAL A 1 109 ? -2.365  10.525  -1.107  1.00 16.37 ? 101 VAL A O   1 
ATOM   846  C CB  . VAL A 1 109 ? -1.208  11.376  -4.085  1.00 19.60 ? 101 VAL A CB  1 
ATOM   847  C CG1 . VAL A 1 109 ? -2.565  12.028  -3.857  1.00 17.30 ? 101 VAL A CG1 1 
ATOM   848  C CG2 . VAL A 1 109 ? -0.262  12.367  -4.745  1.00 20.95 ? 101 VAL A CG2 1 
ATOM   849  N N   . VAL A 1 110 ? -1.847  8.810   -2.488  1.00 15.10 ? 102 VAL A N   1 
ATOM   850  C CA  . VAL A 1 110 ? -2.814  7.908   -1.888  1.00 11.44 ? 102 VAL A CA  1 
ATOM   851  C C   . VAL A 1 110 ? -2.519  7.655   -0.415  1.00 10.74 ? 102 VAL A C   1 
ATOM   852  O O   . VAL A 1 110 ? -3.427  7.707   0.418   1.00 13.62 ? 102 VAL A O   1 
ATOM   853  C CB  . VAL A 1 110 ? -2.900  6.594   -2.679  1.00 11.22 ? 102 VAL A CB  1 
ATOM   854  C CG1 . VAL A 1 110 ? -3.925  5.656   -2.062  1.00 11.61 ? 102 VAL A CG1 1 
ATOM   855  C CG2 . VAL A 1 110 ? -3.318  6.896   -4.095  1.00 10.40 ? 102 VAL A CG2 1 
ATOM   856  N N   . PHE A 1 111 ? -1.253  7.398   -0.085  1.00 14.41 ? 103 PHE A N   1 
ATOM   857  C CA  . PHE A 1 111 ? -0.859  7.173   1.325   1.00 12.68 ? 103 PHE A CA  1 
ATOM   858  C C   . PHE A 1 111 ? -1.192  8.369   2.234   1.00 15.03 ? 103 PHE A C   1 
ATOM   859  O O   . PHE A 1 111 ? -1.804  8.217   3.296   1.00 11.66 ? 103 PHE A O   1 
ATOM   860  C CB  . PHE A 1 111 ? 0.641   6.879   1.418   1.00 11.26 ? 103 PHE A CB  1 
ATOM   861  C CG  . PHE A 1 111 ? 1.020   5.476   1.028   1.00 9.57  ? 103 PHE A CG  1 
ATOM   862  C CD1 . PHE A 1 111 ? 0.259   4.387   1.436   1.00 13.78 ? 103 PHE A CD1 1 
ATOM   863  C CD2 . PHE A 1 111 ? 2.163   5.244   0.279   1.00 14.53 ? 103 PHE A CD2 1 
ATOM   864  C CE1 . PHE A 1 111 ? 0.633   3.080   1.080   1.00 9.63  ? 103 PHE A CE1 1 
ATOM   865  C CE2 . PHE A 1 111 ? 2.543   3.954   -0.076  1.00 9.13  ? 103 PHE A CE2 1 
ATOM   866  C CZ  . PHE A 1 111 ? 1.768   2.870   0.323   1.00 9.96  ? 103 PHE A CZ  1 
ATOM   867  N N   . LYS A 1 112 ? -0.786  9.562   1.807   1.00 16.83 ? 104 LYS A N   1 
ATOM   868  C CA  . LYS A 1 112 ? -1.035  10.786  2.571   1.00 20.31 ? 104 LYS A CA  1 
ATOM   869  C C   . LYS A 1 112 ? -2.532  11.040  2.820   1.00 16.71 ? 104 LYS A C   1 
ATOM   870  O O   . LYS A 1 112 ? -2.909  11.520  3.884   1.00 15.88 ? 104 LYS A O   1 
ATOM   871  C CB  . LYS A 1 112 ? -0.419  11.977  1.839   1.00 18.22 ? 104 LYS A CB  1 
ATOM   872  C CG  . LYS A 1 112 ? -0.259  13.240  2.670   1.00 20.42 ? 104 LYS A CG  1 
ATOM   873  C CD  . LYS A 1 112 ? 0.132   14.411  1.770   1.00 22.67 ? 104 LYS A CD  1 
ATOM   874  C CE  . LYS A 1 112 ? 1.302   15.191  2.346   1.00 35.07 ? 104 LYS A CE  1 
ATOM   875  N NZ  . LYS A 1 112 ? 0.967   15.760  3.675   1.00 40.95 ? 104 LYS A NZ  1 
ATOM   876  N N   . GLU A 1 113 ? -3.381  10.713  1.845   1.00 12.25 ? 105 GLU A N   1 
ATOM   877  C CA  . GLU A 1 113 ? -4.824  10.934  1.983   1.00 12.50 ? 105 GLU A CA  1 
ATOM   878  C C   . GLU A 1 113 ? -5.516  9.893   2.808   1.00 14.79 ? 105 GLU A C   1 
ATOM   879  O O   . GLU A 1 113 ? -6.512  10.183  3.464   1.00 19.77 ? 105 GLU A O   1 
ATOM   880  C CB  . GLU A 1 113 ? -5.512  10.834  0.627   1.00 14.61 ? 105 GLU A CB  1 
ATOM   881  C CG  . GLU A 1 113 ? -5.087  11.809  -0.379  1.00 19.48 ? 105 GLU A CG  1 
ATOM   882  C CD  . GLU A 1 113 ? -5.705  11.470  -1.702  1.00 27.41 ? 105 GLU A CD  1 
ATOM   883  O OE1 . GLU A 1 113 ? -5.626  10.277  -2.107  1.00 21.61 ? 105 GLU A OE1 1 
ATOM   884  O OE2 . GLU A 1 113 ? -6.300  12.387  -2.308  1.00 34.18 ? 105 GLU A OE2 1 
ATOM   885  N N   . LEU A 1 114 ? -5.036  8.659   2.722   1.00 16.28 ? 106 LEU A N   1 
ATOM   886  C CA  . LEU A 1 114 ? -5.810  7.531   3.235   1.00 14.06 ? 106 LEU A CA  1 
ATOM   887  C C   . LEU A 1 114 ? -5.241  6.941   4.516   1.00 14.67 ? 106 LEU A C   1 
ATOM   888  O O   . LEU A 1 114 ? -5.952  6.260   5.258   1.00 14.86 ? 106 LEU A O   1 
ATOM   889  C CB  . LEU A 1 114 ? -5.989  6.462   2.144   1.00 12.50 ? 106 LEU A CB  1 
ATOM   890  C CG  . LEU A 1 114 ? -7.147  6.832   1.196   1.00 14.60 ? 106 LEU A CG  1 
ATOM   891  C CD1 . LEU A 1 114 ? -7.112  6.023   -0.088  1.00 18.75 ? 106 LEU A CD1 1 
ATOM   892  C CD2 . LEU A 1 114 ? -8.467  6.601   1.916   1.00 17.92 ? 106 LEU A CD2 1 
ATOM   893  N N   . ILE A 1 115 ? -3.967  7.205   4.787   1.00 15.16 ? 107 ILE A N   1 
ATOM   894  C CA  . ILE A 1 115 ? -3.407  6.779   6.073   1.00 14.68 ? 107 ILE A CA  1 
ATOM   895  C C   . ILE A 1 115 ? -4.198  7.296   7.292   1.00 12.54 ? 107 ILE A C   1 
ATOM   896  O O   . ILE A 1 115 ? -4.395  6.539   8.237   1.00 12.52 ? 107 ILE A O   1 
ATOM   897  C CB  . ILE A 1 115 ? -1.879  7.000   6.172   1.00 12.15 ? 107 ILE A CB  1 
ATOM   898  C CG1 . ILE A 1 115 ? -1.178  5.881   5.394   1.00 11.79 ? 107 ILE A CG1 1 
ATOM   899  C CG2 . ILE A 1 115 ? -1.414  7.014   7.629   1.00 17.71 ? 107 ILE A CG2 1 
ATOM   900  C CD1 . ILE A 1 115 ? 0.314   5.888   5.466   1.00 16.20 ? 107 ILE A CD1 1 
ATOM   901  N N   . PRO A 1 116 ? -4.707  8.556   7.254   1.00 13.70 ? 108 PRO A N   1 
ATOM   902  C CA  . PRO A 1 116 ? -5.572  8.964   8.376   1.00 19.06 ? 108 PRO A CA  1 
ATOM   903  C C   . PRO A 1 116 ? -6.791  8.053   8.609   1.00 19.89 ? 108 PRO A C   1 
ATOM   904  O O   . PRO A 1 116 ? -7.316  8.056   9.721   1.00 23.94 ? 108 PRO A O   1 
ATOM   905  C CB  . PRO A 1 116 ? -6.035  10.366  7.964   1.00 13.23 ? 108 PRO A CB  1 
ATOM   906  C CG  . PRO A 1 116 ? -4.874  10.899  7.176   1.00 15.23 ? 108 PRO A CG  1 
ATOM   907  C CD  . PRO A 1 116 ? -4.412  9.701   6.366   1.00 15.51 ? 108 PRO A CD  1 
ATOM   908  N N   . ALA A 1 117 ? -7.224  7.294   7.599   1.00 13.55 ? 109 ALA A N   1 
ATOM   909  C CA  . ALA A 1 117 ? -8.343  6.356   7.764   1.00 15.56 ? 109 ALA A CA  1 
ATOM   910  C C   . ALA A 1 117 ? -7.894  4.907   8.026   1.00 20.09 ? 109 ALA A C   1 
ATOM   911  O O   . ALA A 1 117 ? -8.727  4.009   8.171   1.00 16.71 ? 109 ALA A O   1 
ATOM   912  C CB  . ALA A 1 117 ? -9.283  6.410   6.568   1.00 14.16 ? 109 ALA A CB  1 
ATOM   913  N N   . CYS A 1 118 ? -6.584  4.676   8.098   1.00 15.27 ? 110 CYS A N   1 
ATOM   914  C CA  . CYS A 1 118 ? -6.084  3.316   8.297   1.00 19.97 ? 110 CYS A CA  1 
ATOM   915  C C   . CYS A 1 118 ? -6.066  2.907   9.760   1.00 19.28 ? 110 CYS A C   1 
ATOM   916  O O   . CYS A 1 118 ? -6.019  3.757   10.655  1.00 22.52 ? 110 CYS A O   1 
ATOM   917  C CB  . CYS A 1 118 ? -4.689  3.148   7.686   1.00 19.43 ? 110 CYS A CB  1 
ATOM   918  S SG  . CYS A 1 118 ? -4.684  3.162   5.879   1.00 14.76 ? 110 CYS A SG  1 
ATOM   919  N N   . ASP A 1 119 ? -6.122  1.600   9.997   1.00 21.85 ? 111 ASP A N   1 
ATOM   920  C CA  . ASP A 1 119 ? -6.021  1.057   11.351  1.00 19.03 ? 111 ASP A CA  1 
ATOM   921  C C   . ASP A 1 119 ? -4.720  0.329   11.609  1.00 19.24 ? 111 ASP A C   1 
ATOM   922  O O   . ASP A 1 119 ? -4.410  0.000   12.750  1.00 18.41 ? 111 ASP A O   1 
ATOM   923  C CB  . ASP A 1 119 ? -7.174  0.114   11.629  1.00 15.84 ? 111 ASP A CB  1 
ATOM   924  C CG  . ASP A 1 119 ? -8.453  0.862   11.908  1.00 34.11 ? 111 ASP A CG  1 
ATOM   925  O OD1 . ASP A 1 119 ? -8.384  1.913   12.598  1.00 21.30 ? 111 ASP A OD1 1 
ATOM   926  O OD2 . ASP A 1 119 ? -9.510  0.417   11.420  1.00 33.63 ? 111 ASP A OD2 1 
ATOM   927  N N   . VAL A 1 120 ? -3.959  0.061   10.554  1.00 20.33 ? 112 VAL A N   1 
ATOM   928  C CA  . VAL A 1 120 ? -2.669  -0.603  10.721  1.00 14.35 ? 112 VAL A CA  1 
ATOM   929  C C   . VAL A 1 120 ? -1.766  -0.214  9.570   1.00 14.56 ? 112 VAL A C   1 
ATOM   930  O O   . VAL A 1 120 ? -2.258  0.023   8.465   1.00 14.88 ? 112 VAL A O   1 
ATOM   931  C CB  . VAL A 1 120 ? -2.833  -2.149  10.797  1.00 22.72 ? 112 VAL A CB  1 
ATOM   932  C CG1 . VAL A 1 120 ? -3.680  -2.638  9.661   1.00 26.14 ? 112 VAL A CG1 1 
ATOM   933  C CG2 . VAL A 1 120 ? -1.479  -2.865  10.777  1.00 20.85 ? 112 VAL A CG2 1 
ATOM   934  N N   . LEU A 1 121 ? -0.461  -0.104  9.853   1.00 18.55 ? 113 LEU A N   1 
ATOM   935  C CA  . LEU A 1 121 ? 0.574   0.106   8.839   1.00 16.04 ? 113 LEU A CA  1 
ATOM   936  C C   . LEU A 1 121 ? 1.511   -1.103  8.812   1.00 16.61 ? 113 LEU A C   1 
ATOM   937  O O   . LEU A 1 121 ? 2.066   -1.507  9.847   1.00 10.94 ? 113 LEU A O   1 
ATOM   938  C CB  . LEU A 1 121 ? 1.390   1.365   9.150   1.00 12.22 ? 113 LEU A CB  1 
ATOM   939  C CG  . LEU A 1 121 ? 0.595   2.648   9.419   1.00 15.49 ? 113 LEU A CG  1 
ATOM   940  C CD1 . LEU A 1 121 ? 1.544   3.781   9.779   1.00 9.02  ? 113 LEU A CD1 1 
ATOM   941  C CD2 . LEU A 1 121 ? -0.261  3.037   8.199   1.00 10.36 ? 113 LEU A CD2 1 
ATOM   942  N N   . TYR A 1 122 ? 1.684   -1.678  7.629   1.00 9.91  ? 114 TYR A N   1 
ATOM   943  C CA  . TYR A 1 122 ? 2.698   -2.702  7.416   1.00 9.49  ? 114 TYR A CA  1 
ATOM   944  C C   . TYR A 1 122 ? 3.824   -2.112  6.585   1.00 13.02 ? 114 TYR A C   1 
ATOM   945  O O   . TYR A 1 122 ? 3.651   -1.845  5.391   1.00 16.34 ? 114 TYR A O   1 
ATOM   946  C CB  . TYR A 1 122 ? 2.100   -3.884  6.667   1.00 12.55 ? 114 TYR A CB  1 
ATOM   947  C CG  . TYR A 1 122 ? 1.016   -4.606  7.432   1.00 17.01 ? 114 TYR A CG  1 
ATOM   948  C CD1 . TYR A 1 122 ? -0.290  -4.636  6.960   1.00 15.51 ? 114 TYR A CD1 1 
ATOM   949  C CD2 . TYR A 1 122 ? 1.302   -5.277  8.618   1.00 17.27 ? 114 TYR A CD2 1 
ATOM   950  C CE1 . TYR A 1 122 ? -1.287  -5.311  7.644   1.00 18.04 ? 114 TYR A CE1 1 
ATOM   951  C CE2 . TYR A 1 122 ? 0.304   -5.957  9.317   1.00 20.02 ? 114 TYR A CE2 1 
ATOM   952  C CZ  . TYR A 1 122 ? -0.984  -5.965  8.822   1.00 20.93 ? 114 TYR A CZ  1 
ATOM   953  O OH  . TYR A 1 122 ? -1.974  -6.633  9.506   1.00 31.11 ? 114 TYR A OH  1 
ATOM   954  N N   . ARG A 1 123 ? 4.978   -1.899  7.205   1.00 15.99 ? 115 ARG A N   1 
ATOM   955  C CA  . ARG A 1 123 ? 6.111   -1.292  6.503   1.00 8.51  ? 115 ARG A CA  1 
ATOM   956  C C   . ARG A 1 123 ? 7.314   -2.215  6.444   1.00 10.94 ? 115 ARG A C   1 
ATOM   957  O O   . ARG A 1 123 ? 7.753   -2.762  7.472   1.00 8.18  ? 115 ARG A O   1 
ATOM   958  C CB  . ARG A 1 123 ? 6.532   0.022   7.180   1.00 12.71 ? 115 ARG A CB  1 
ATOM   959  C CG  . ARG A 1 123 ? 7.728   0.694   6.489   1.00 15.60 ? 115 ARG A CG  1 
ATOM   960  C CD  . ARG A 1 123 ? 8.029   2.061   7.098   1.00 18.96 ? 115 ARG A CD  1 
ATOM   961  N NE  . ARG A 1 123 ? 8.792   1.955   8.336   1.00 19.59 ? 115 ARG A NE  1 
ATOM   962  C CZ  . ARG A 1 123 ? 9.489   2.953   8.868   1.00 30.82 ? 115 ARG A CZ  1 
ATOM   963  N NH1 . ARG A 1 123 ? 9.510   4.142   8.272   1.00 10.52 ? 115 ARG A NH1 1 
ATOM   964  N NH2 . ARG A 1 123 ? 10.176  2.758   9.986   1.00 20.69 ? 115 ARG A NH2 1 
ATOM   965  N N   . THR A 1 124 ? 7.857   -2.385  5.242   1.00 10.79 ? 116 THR A N   1 
ATOM   966  C CA  . THR A 1 124 ? 9.126   -3.095  5.087   1.00 10.60 ? 116 THR A CA  1 
ATOM   967  C C   . THR A 1 124 ? 10.231  -2.056  4.977   1.00 8.85  ? 116 THR A C   1 
ATOM   968  O O   . THR A 1 124 ? 10.327  -1.342  3.976   1.00 15.26 ? 116 THR A O   1 
ATOM   969  C CB  . THR A 1 124 ? 9.151   -3.964  3.827   1.00 11.13 ? 116 THR A CB  1 
ATOM   970  O OG1 . THR A 1 124 ? 8.126   -4.967  3.917   1.00 11.33 ? 116 THR A OG1 1 
ATOM   971  C CG2 . THR A 1 124 ? 10.529  -4.638  3.672   1.00 11.35 ? 116 THR A CG2 1 
ATOM   972  N N   . MET A 1 125 ? 11.047  -1.944  6.017   1.00 12.87 ? 117 MET A N   1 
ATOM   973  C CA  . MET A 1 125 ? 12.136  -0.963  6.033   1.00 10.65 ? 117 MET A CA  1 
ATOM   974  C C   . MET A 1 125 ? 13.402  -1.609  5.468   1.00 15.85 ? 117 MET A C   1 
ATOM   975  O O   . MET A 1 125 ? 13.937  -2.561  6.044   1.00 11.26 ? 117 MET A O   1 
ATOM   976  C CB  . MET A 1 125 ? 12.355  -0.444  7.465   1.00 12.71 ? 117 MET A CB  1 
ATOM   977  C CG  . MET A 1 125 ? 13.477  0.595   7.602   1.00 21.38 ? 117 MET A CG  1 
ATOM   978  S SD  . MET A 1 125 ? 13.399  1.954   6.404   1.00 33.82 ? 117 MET A SD  1 
ATOM   979  C CE  . MET A 1 125 ? 12.401  3.110   7.289   1.00 20.75 ? 117 MET A CE  1 
ATOM   980  N N   . ILE A 1 126 ? 13.865  -1.109  4.326   1.00 11.72 ? 118 ILE A N   1 
ATOM   981  C CA  . ILE A 1 126 ? 15.042  -1.675  3.677   1.00 12.42 ? 118 ILE A CA  1 
ATOM   982  C C   . ILE A 1 126 ? 16.270  -0.815  3.974   1.00 17.14 ? 118 ILE A C   1 
ATOM   983  O O   . ILE A 1 126 ? 16.321  0.375   3.628   1.00 13.42 ? 118 ILE A O   1 
ATOM   984  C CB  . ILE A 1 126 ? 14.828  -1.783  2.151   1.00 9.17  ? 118 ILE A CB  1 
ATOM   985  C CG1 . ILE A 1 126 ? 13.532  -2.561  1.849   1.00 11.10 ? 118 ILE A CG1 1 
ATOM   986  C CG2 . ILE A 1 126 ? 16.005  -2.448  1.501   1.00 9.55  ? 118 ILE A CG2 1 
ATOM   987  C CD1 . ILE A 1 126 ? 13.179  -2.624  0.347   1.00 5.93  ? 118 ILE A CD1 1 
ATOM   988  N N   . HIS A 1 127 ? 17.262  -1.426  4.614   1.00 12.20 ? 119 HIS A N   1 
ATOM   989  C CA  . HIS A 1 127 ? 18.427  -0.694  5.099   1.00 16.49 ? 119 HIS A CA  1 
ATOM   990  C C   . HIS A 1 127 ? 19.499  -0.586  4.017   1.00 14.14 ? 119 HIS A C   1 
ATOM   991  O O   . HIS A 1 127 ? 20.529  -1.261  4.049   1.00 17.18 ? 119 HIS A O   1 
ATOM   992  C CB  . HIS A 1 127 ? 18.965  -1.335  6.380   1.00 11.76 ? 119 HIS A CB  1 
ATOM   993  C CG  . HIS A 1 127 ? 17.909  -1.538  7.425   1.00 8.59  ? 119 HIS A CG  1 
ATOM   994  N ND1 . HIS A 1 127 ? 17.324  -0.493  8.110   1.00 10.96 ? 119 HIS A ND1 1 
ATOM   995  C CD2 . HIS A 1 127 ? 17.335  -2.673  7.895   1.00 11.63 ? 119 HIS A CD2 1 
ATOM   996  C CE1 . HIS A 1 127 ? 16.438  -0.979  8.966   1.00 16.71 ? 119 HIS A CE1 1 
ATOM   997  N NE2 . HIS A 1 127 ? 16.421  -2.287  8.858   1.00 13.08 ? 119 HIS A NE2 1 
ATOM   998  N N   . GLU A 1 128 ? 19.216  0.275   3.051   1.00 11.34 ? 120 GLU A N   1 
ATOM   999  C CA  . GLU A 1 128 ? 20.102  0.536   1.933   1.00 14.45 ? 120 GLU A CA  1 
ATOM   1000 C C   . GLU A 1 128 ? 19.544  1.786   1.284   1.00 18.41 ? 120 GLU A C   1 
ATOM   1001 O O   . GLU A 1 128 ? 18.372  2.142   1.498   1.00 14.09 ? 120 GLU A O   1 
ATOM   1002 C CB  . GLU A 1 128 ? 20.110  -0.645  0.948   1.00 11.73 ? 120 GLU A CB  1 
ATOM   1003 C CG  . GLU A 1 128 ? 21.239  -0.619  -0.091  1.00 15.57 ? 120 GLU A CG  1 
ATOM   1004 C CD  . GLU A 1 128 ? 22.517  -0.009  0.467   1.00 19.82 ? 120 GLU A CD  1 
ATOM   1005 O OE1 . GLU A 1 128 ? 23.349  -0.764  1.010   1.00 24.31 ? 120 GLU A OE1 1 
ATOM   1006 O OE2 . GLU A 1 128 ? 22.689  1.229   0.379   1.00 23.20 ? 120 GLU A OE2 1 
ATOM   1007 N N   . THR A 1 129 ? 20.369  2.477   0.509   1.00 11.90 ? 121 THR A N   1 
ATOM   1008 C CA  . THR A 1 129 ? 19.877  3.660   -0.194  1.00 17.92 ? 121 THR A CA  1 
ATOM   1009 C C   . THR A 1 129 ? 19.847  3.422   -1.695  1.00 16.93 ? 121 THR A C   1 
ATOM   1010 O O   . THR A 1 129 ? 20.785  2.853   -2.259  1.00 15.48 ? 121 THR A O   1 
ATOM   1011 C CB  . THR A 1 129 ? 20.706  4.921   0.110   1.00 15.82 ? 121 THR A CB  1 
ATOM   1012 O OG1 . THR A 1 129 ? 22.054  4.722   -0.320  1.00 36.77 ? 121 THR A OG1 1 
ATOM   1013 C CG2 . THR A 1 129 ? 20.692  5.213   1.579   1.00 13.77 ? 121 THR A CG2 1 
ATOM   1014 N N   . PHE A 1 130 ? 18.763  3.852   -2.330  1.00 12.61 ? 122 PHE A N   1 
ATOM   1015 C CA  . PHE A 1 130 ? 18.604  3.723   -3.779  1.00 10.85 ? 122 PHE A CA  1 
ATOM   1016 C C   . PHE A 1 130 ? 18.234  5.084   -4.370  1.00 22.93 ? 122 PHE A C   1 
ATOM   1017 O O   . PHE A 1 130 ? 17.867  6.020   -3.639  1.00 18.12 ? 122 PHE A O   1 
ATOM   1018 C CB  . PHE A 1 130 ? 17.509  2.704   -4.117  1.00 8.97  ? 122 PHE A CB  1 
ATOM   1019 C CG  . PHE A 1 130 ? 17.728  1.340   -3.505  1.00 16.85 ? 122 PHE A CG  1 
ATOM   1020 C CD1 . PHE A 1 130 ? 17.357  1.081   -2.192  1.00 11.66 ? 122 PHE A CD1 1 
ATOM   1021 C CD2 . PHE A 1 130 ? 18.305  0.321   -4.244  1.00 8.67  ? 122 PHE A CD2 1 
ATOM   1022 C CE1 . PHE A 1 130 ? 17.561  -0.188  -1.618  1.00 10.88 ? 122 PHE A CE1 1 
ATOM   1023 C CE2 . PHE A 1 130 ? 18.501  -0.947  -3.686  1.00 21.70 ? 122 PHE A CE2 1 
ATOM   1024 C CZ  . PHE A 1 130 ? 18.127  -1.197  -2.370  1.00 16.11 ? 122 PHE A CZ  1 
ATOM   1025 N N   . GLU A 1 131 ? 18.331  5.198   -5.690  1.00 18.25 ? 123 GLU A N   1 
ATOM   1026 C CA  . GLU A 1 131 ? 17.938  6.427   -6.375  1.00 21.32 ? 123 GLU A CA  1 
ATOM   1027 C C   . GLU A 1 131 ? 16.470  6.297   -6.729  1.00 20.53 ? 123 GLU A C   1 
ATOM   1028 O O   . GLU A 1 131 ? 16.046  5.284   -7.300  1.00 23.80 ? 123 GLU A O   1 
ATOM   1029 C CB  . GLU A 1 131 ? 18.774  6.651   -7.649  1.00 27.22 ? 123 GLU A CB  1 
ATOM   1030 C CG  . GLU A 1 131 ? 20.211  7.097   -7.376  1.00 43.53 ? 123 GLU A CG  1 
ATOM   1031 C CD  . GLU A 1 131 ? 21.033  7.358   -8.642  1.00 47.99 ? 123 GLU A CD  1 
ATOM   1032 O OE1 . GLU A 1 131 ? 20.471  7.375   -9.769  1.00 37.76 ? 123 GLU A OE1 1 
ATOM   1033 O OE2 . GLU A 1 131 ? 22.261  7.550   -8.494  1.00 39.58 ? 123 GLU A OE2 1 
ATOM   1034 N N   . GLY A 1 132 ? 15.694  7.311   -6.367  1.00 17.47 ? 124 GLY A N   1 
ATOM   1035 C CA  . GLY A 1 132 ? 14.284  7.333   -6.693  1.00 22.00 ? 124 GLY A CA  1 
ATOM   1036 C C   . GLY A 1 132 ? 13.782  8.759   -6.763  1.00 26.25 ? 124 GLY A C   1 
ATOM   1037 O O   . GLY A 1 132 ? 14.515  9.697   -6.416  1.00 18.42 ? 124 GLY A O   1 
ATOM   1038 N N   . ASP A 1 133 ? 12.533  8.927   -7.195  1.00 16.78 ? 125 ASP A N   1 
ATOM   1039 C CA  . ASP A 1 133 ? 11.959  10.256  -7.353  1.00 16.92 ? 125 ASP A CA  1 
ATOM   1040 C C   . ASP A 1 133 ? 10.686  10.403  -6.520  1.00 29.45 ? 125 ASP A C   1 
ATOM   1041 O O   . ASP A 1 133 ? 10.121  11.494  -6.437  1.00 30.14 ? 125 ASP A O   1 
ATOM   1042 C CB  . ASP A 1 133 ? 11.656  10.523  -8.826  1.00 25.11 ? 125 ASP A CB  1 
ATOM   1043 C CG  . ASP A 1 133 ? 10.825  9.412   -9.451  1.00 35.56 ? 125 ASP A CG  1 
ATOM   1044 O OD1 . ASP A 1 133 ? 9.913   8.913   -8.764  1.00 24.41 ? 125 ASP A OD1 1 
ATOM   1045 O OD2 . ASP A 1 133 ? 11.093  9.019   -10.612 1.00 35.94 ? 125 ASP A OD2 1 
ATOM   1046 N N   . THR A 1 134 ? 10.240  9.306   -5.906  1.00 13.83 ? 126 THR A N   1 
ATOM   1047 C CA  . THR A 1 134 ? 9.000   9.313   -5.127  1.00 14.56 ? 126 THR A CA  1 
ATOM   1048 C C   . THR A 1 134 ? 9.210   8.789   -3.707  1.00 15.84 ? 126 THR A C   1 
ATOM   1049 O O   . THR A 1 134 ? 9.735   7.689   -3.499  1.00 16.45 ? 126 THR A O   1 
ATOM   1050 C CB  . THR A 1 134 ? 7.913   8.457   -5.797  1.00 21.86 ? 126 THR A CB  1 
ATOM   1051 O OG1 . THR A 1 134 ? 7.830   8.786   -7.193  1.00 27.17 ? 126 THR A OG1 1 
ATOM   1052 C CG2 . THR A 1 134 ? 6.559   8.692   -5.121  1.00 24.81 ? 126 THR A CG2 1 
ATOM   1053 N N   . PHE A 1 135 ? 8.769   9.570   -2.732  1.00 14.53 ? 127 PHE A N   1 
ATOM   1054 C CA  . PHE A 1 135 ? 9.059   9.295   -1.342  1.00 19.29 ? 127 PHE A CA  1 
ATOM   1055 C C   . PHE A 1 135 ? 7.794   9.039   -0.559  1.00 19.63 ? 127 PHE A C   1 
ATOM   1056 O O   . PHE A 1 135 ? 6.729   9.570   -0.893  1.00 15.75 ? 127 PHE A O   1 
ATOM   1057 C CB  . PHE A 1 135 ? 9.802   10.490  -0.739  1.00 18.15 ? 127 PHE A CB  1 
ATOM   1058 C CG  . PHE A 1 135 ? 11.130  10.741  -1.385  1.00 19.98 ? 127 PHE A CG  1 
ATOM   1059 C CD1 . PHE A 1 135 ? 11.211  11.372  -2.617  1.00 15.41 ? 127 PHE A CD1 1 
ATOM   1060 C CD2 . PHE A 1 135 ? 12.301  10.316  -0.775  1.00 20.38 ? 127 PHE A CD2 1 
ATOM   1061 C CE1 . PHE A 1 135 ? 12.440  11.585  -3.230  1.00 27.14 ? 127 PHE A CE1 1 
ATOM   1062 C CE2 . PHE A 1 135 ? 13.533  10.528  -1.380  1.00 18.03 ? 127 PHE A CE2 1 
ATOM   1063 C CZ  . PHE A 1 135 ? 13.603  11.162  -2.608  1.00 21.86 ? 127 PHE A CZ  1 
ATOM   1064 N N   . PHE A 1 136 ? 7.909   8.226   0.486   1.00 16.96 ? 128 PHE A N   1 
ATOM   1065 C CA  . PHE A 1 136 ? 6.806   8.098   1.412   1.00 12.76 ? 128 PHE A CA  1 
ATOM   1066 C C   . PHE A 1 136 ? 6.529   9.481   1.989   1.00 16.92 ? 128 PHE A C   1 
ATOM   1067 O O   . PHE A 1 136 ? 7.458   10.202  2.342   1.00 17.64 ? 128 PHE A O   1 
ATOM   1068 C CB  . PHE A 1 136 ? 7.116   7.100   2.521   1.00 19.04 ? 128 PHE A CB  1 
ATOM   1069 C CG  . PHE A 1 136 ? 5.924   6.774   3.337   1.00 12.70 ? 128 PHE A CG  1 
ATOM   1070 C CD1 . PHE A 1 136 ? 4.971   5.893   2.853   1.00 16.51 ? 128 PHE A CD1 1 
ATOM   1071 C CD2 . PHE A 1 136 ? 5.712   7.403   4.551   1.00 15.31 ? 128 PHE A CD2 1 
ATOM   1072 C CE1 . PHE A 1 136 ? 3.838   5.616   3.585   1.00 14.09 ? 128 PHE A CE1 1 
ATOM   1073 C CE2 . PHE A 1 136 ? 4.592   7.128   5.291   1.00 14.17 ? 128 PHE A CE2 1 
ATOM   1074 C CZ  . PHE A 1 136 ? 3.648   6.234   4.805   1.00 13.36 ? 128 PHE A CZ  1 
ATOM   1075 N N   . PRO A 1 137 ? 5.247   9.867   2.068   1.00 14.22 ? 129 PRO A N   1 
ATOM   1076 C CA  . PRO A 1 137 ? 4.913   11.243  2.433   1.00 16.25 ? 129 PRO A CA  1 
ATOM   1077 C C   . PRO A 1 137 ? 5.070   11.498  3.919   1.00 17.87 ? 129 PRO A C   1 
ATOM   1078 O O   . PRO A 1 137 ? 5.147   10.562  4.718   1.00 16.09 ? 129 PRO A O   1 
ATOM   1079 C CB  . PRO A 1 137 ? 3.434   11.351  2.055   1.00 16.94 ? 129 PRO A CB  1 
ATOM   1080 C CG  . PRO A 1 137 ? 2.918   9.931   2.255   1.00 18.26 ? 129 PRO A CG  1 
ATOM   1081 C CD  . PRO A 1 137 ? 4.046   9.070   1.749   1.00 17.91 ? 129 PRO A CD  1 
ATOM   1082 N N   . GLU A 1 138 ? 5.110   12.772  4.279   1.00 15.95 ? 130 GLU A N   1 
ATOM   1083 C CA  . GLU A 1 138 ? 5.050   13.171  5.674   1.00 22.03 ? 130 GLU A CA  1 
ATOM   1084 C C   . GLU A 1 138 ? 3.671   12.856  6.234   1.00 26.47 ? 130 GLU A C   1 
ATOM   1085 O O   . GLU A 1 138 ? 2.663   13.371  5.741   1.00 33.18 ? 130 GLU A O   1 
ATOM   1086 C CB  . GLU A 1 138 ? 5.296   14.671  5.791   1.00 21.40 ? 130 GLU A CB  1 
ATOM   1087 C CG  . GLU A 1 138 ? 6.753   15.064  5.767   1.00 38.21 ? 130 GLU A CG  1 
ATOM   1088 C CD  . GLU A 1 138 ? 6.935   16.559  5.939   1.00 54.35 ? 130 GLU A CD  1 
ATOM   1089 O OE1 . GLU A 1 138 ? 7.584   17.170  5.062   1.00 55.66 ? 130 GLU A OE1 1 
ATOM   1090 O OE2 . GLU A 1 138 ? 6.422   17.120  6.937   1.00 40.39 ? 130 GLU A OE2 1 
ATOM   1091 N N   . ILE A 1 139 ? 3.613   12.005  7.252   1.00 18.31 ? 131 ILE A N   1 
ATOM   1092 C CA  . ILE A 1 139 ? 2.338   11.742  7.904   1.00 15.76 ? 131 ILE A CA  1 
ATOM   1093 C C   . ILE A 1 139 ? 2.422   12.079  9.376   1.00 13.40 ? 131 ILE A C   1 
ATOM   1094 O O   . ILE A 1 139 ? 3.506   12.303  9.917   1.00 15.15 ? 131 ILE A O   1 
ATOM   1095 C CB  . ILE A 1 139 ? 1.906   10.275  7.764   1.00 17.21 ? 131 ILE A CB  1 
ATOM   1096 C CG1 . ILE A 1 139 ? 2.820   9.381   8.604   1.00 19.65 ? 131 ILE A CG1 1 
ATOM   1097 C CG2 . ILE A 1 139 ? 1.920   9.857   6.300   1.00 14.33 ? 131 ILE A CG2 1 
ATOM   1098 C CD1 . ILE A 1 139 ? 2.332   7.963   8.737   1.00 16.68 ? 131 ILE A CD1 1 
ATOM   1099 N N   . ASP A 1 140 ? 1.270   12.100  10.033  1.00 22.01 ? 132 ASP A N   1 
ATOM   1100 C CA  . ASP A 1 140 ? 1.236   12.276  11.478  1.00 18.88 ? 132 ASP A CA  1 
ATOM   1101 C C   . ASP A 1 140 ? 1.624   10.968  12.163  1.00 15.08 ? 132 ASP A C   1 
ATOM   1102 O O   . ASP A 1 140 ? 0.793   10.068  12.309  1.00 19.61 ? 132 ASP A O   1 
ATOM   1103 C CB  . ASP A 1 140 ? -0.165  12.710  11.934  1.00 18.55 ? 132 ASP A CB  1 
ATOM   1104 C CG  . ASP A 1 140 ? -0.243  12.931  13.436  1.00 23.43 ? 132 ASP A CG  1 
ATOM   1105 O OD1 . ASP A 1 140 ? -1.368  13.000  13.979  1.00 29.03 ? 132 ASP A OD1 1 
ATOM   1106 O OD2 . ASP A 1 140 ? 0.829   13.019  14.082  1.00 23.55 ? 132 ASP A OD2 1 
ATOM   1107 N N   . TRP A 1 141 ? 2.876   10.854  12.595  1.00 13.37 ? 133 TRP A N   1 
ATOM   1108 C CA  . TRP A 1 141 ? 3.317   9.636   13.281  1.00 13.86 ? 133 TRP A CA  1 
ATOM   1109 C C   . TRP A 1 141 ? 2.923   9.573   14.769  1.00 20.00 ? 133 TRP A C   1 
ATOM   1110 O O   . TRP A 1 141 ? 3.089   8.533   15.414  1.00 17.11 ? 133 TRP A O   1 
ATOM   1111 C CB  . TRP A 1 141 ? 4.833   9.470   13.143  1.00 14.81 ? 133 TRP A CB  1 
ATOM   1112 C CG  . TRP A 1 141 ? 5.300   8.992   11.783  1.00 19.06 ? 133 TRP A CG  1 
ATOM   1113 C CD1 . TRP A 1 141 ? 5.843   9.751   10.781  1.00 18.58 ? 133 TRP A CD1 1 
ATOM   1114 C CD2 . TRP A 1 141 ? 5.284   7.632   11.296  1.00 16.76 ? 133 TRP A CD2 1 
ATOM   1115 N NE1 . TRP A 1 141 ? 6.163   8.948   9.702   1.00 20.62 ? 133 TRP A NE1 1 
ATOM   1116 C CE2 . TRP A 1 141 ? 5.830   7.658   9.988   1.00 10.20 ? 133 TRP A CE2 1 
ATOM   1117 C CE3 . TRP A 1 141 ? 4.853   6.416   11.836  1.00 12.19 ? 133 TRP A CE3 1 
ATOM   1118 C CZ2 . TRP A 1 141 ? 5.967   6.489   9.218   1.00 10.50 ? 133 TRP A CZ2 1 
ATOM   1119 C CZ3 . TRP A 1 141 ? 4.996   5.262   11.074  1.00 11.18 ? 133 TRP A CZ3 1 
ATOM   1120 C CH2 . TRP A 1 141 ? 5.558   5.309   9.773   1.00 11.69 ? 133 TRP A CH2 1 
ATOM   1121 N N   . SER A 1 142 ? 2.394   10.672  15.305  1.00 18.10 ? 134 SER A N   1 
ATOM   1122 C CA  . SER A 1 142 ? 2.076   10.748  16.737  1.00 18.04 ? 134 SER A CA  1 
ATOM   1123 C C   . SER A 1 142 ? 0.932   9.836   17.153  1.00 18.15 ? 134 SER A C   1 
ATOM   1124 O O   . SER A 1 142 ? 0.827   9.457   18.323  1.00 24.20 ? 134 SER A O   1 
ATOM   1125 C CB  . SER A 1 142 ? 1.776   12.188  17.154  1.00 21.80 ? 134 SER A CB  1 
ATOM   1126 O OG  . SER A 1 142 ? 0.554   12.638  16.606  1.00 28.31 ? 134 SER A OG  1 
ATOM   1127 N N   . VAL A 1 143 ? 0.088   9.459   16.197  1.00 20.13 ? 135 VAL A N   1 
ATOM   1128 C CA  . VAL A 1 143 ? -1.042  8.561   16.486  1.00 15.16 ? 135 VAL A CA  1 
ATOM   1129 C C   . VAL A 1 143 ? -0.716  7.075   16.254  1.00 20.60 ? 135 VAL A C   1 
ATOM   1130 O O   . VAL A 1 143 ? -1.559  6.195   16.464  1.00 20.05 ? 135 VAL A O   1 
ATOM   1131 C CB  . VAL A 1 143 ? -2.297  8.961   15.682  1.00 22.30 ? 135 VAL A CB  1 
ATOM   1132 C CG1 . VAL A 1 143 ? -2.705  10.384  16.026  1.00 15.77 ? 135 VAL A CG1 1 
ATOM   1133 C CG2 . VAL A 1 143 ? -2.033  8.840   14.182  1.00 18.52 ? 135 VAL A CG2 1 
ATOM   1134 N N   . TRP A 1 144 ? 0.518   6.801   15.839  1.00 20.35 ? 136 TRP A N   1 
ATOM   1135 C CA  . TRP A 1 144 ? 0.949   5.434   15.554  1.00 19.12 ? 136 TRP A CA  1 
ATOM   1136 C C   . TRP A 1 144 ? 2.039   4.990   16.527  1.00 19.46 ? 136 TRP A C   1 
ATOM   1137 O O   . TRP A 1 144 ? 2.867   5.804   16.949  1.00 27.37 ? 136 TRP A O   1 
ATOM   1138 C CB  . TRP A 1 144 ? 1.482   5.340   14.108  1.00 15.85 ? 136 TRP A CB  1 
ATOM   1139 C CG  . TRP A 1 144 ? 0.409   5.535   13.045  1.00 17.70 ? 136 TRP A CG  1 
ATOM   1140 C CD1 . TRP A 1 144 ? 0.158   6.663   12.310  1.00 11.38 ? 136 TRP A CD1 1 
ATOM   1141 C CD2 . TRP A 1 144 ? -0.557  4.559   12.630  1.00 17.95 ? 136 TRP A CD2 1 
ATOM   1142 N NE1 . TRP A 1 144 ? -0.895  6.439   11.445  1.00 10.47 ? 136 TRP A NE1 1 
ATOM   1143 C CE2 . TRP A 1 144 ? -1.350  5.162   11.624  1.00 14.67 ? 136 TRP A CE2 1 
ATOM   1144 C CE3 . TRP A 1 144 ? -0.814  3.232   13.001  1.00 15.12 ? 136 TRP A CE3 1 
ATOM   1145 C CZ2 . TRP A 1 144 ? -2.399  4.478   11.000  1.00 12.44 ? 136 TRP A CZ2 1 
ATOM   1146 C CZ3 . TRP A 1 144 ? -1.846  2.553   12.376  1.00 14.79 ? 136 TRP A CZ3 1 
ATOM   1147 C CH2 . TRP A 1 144 ? -2.632  3.181   11.389  1.00 18.79 ? 136 TRP A CH2 1 
ATOM   1148 N N   . GLU A 1 145 ? 2.044   3.703   16.872  1.00 25.01 ? 137 GLU A N   1 
ATOM   1149 C CA  . GLU A 1 145 ? 3.177   3.101   17.585  1.00 27.15 ? 137 GLU A CA  1 
ATOM   1150 C C   . GLU A 1 145 ? 3.511   1.710   17.019  1.00 16.46 ? 137 GLU A C   1 
ATOM   1151 O O   . GLU A 1 145 ? 2.625   0.990   16.538  1.00 16.43 ? 137 GLU A O   1 
ATOM   1152 C CB  . GLU A 1 145 ? 2.903   3.018   19.093  1.00 22.41 ? 137 GLU A CB  1 
ATOM   1153 C CG  . GLU A 1 145 ? 1.959   1.891   19.466  1.00 25.86 ? 137 GLU A CG  1 
ATOM   1154 C CD  . GLU A 1 145 ? 1.429   2.005   20.887  1.00 35.38 ? 137 GLU A CD  1 
ATOM   1155 O OE1 . GLU A 1 145 ? 2.098   2.640   21.733  1.00 45.43 ? 137 GLU A OE1 1 
ATOM   1156 O OE2 . GLU A 1 145 ? 0.335   1.456   21.147  1.00 37.86 ? 137 GLU A OE2 1 
ATOM   1157 N N   . LYS A 1 146 ? 4.789   1.342   17.068  1.00 17.00 ? 138 LYS A N   1 
ATOM   1158 C CA  . LYS A 1 146 ? 5.236   0.078   16.488  1.00 18.37 ? 138 LYS A CA  1 
ATOM   1159 C C   . LYS A 1 146 ? 4.927   -1.063  17.441  1.00 17.42 ? 138 LYS A C   1 
ATOM   1160 O O   . LYS A 1 146 ? 5.391   -1.069  18.578  1.00 20.07 ? 138 LYS A O   1 
ATOM   1161 C CB  . LYS A 1 146 ? 6.734   0.124   16.179  1.00 13.37 ? 138 LYS A CB  1 
ATOM   1162 C CG  . LYS A 1 146 ? 7.234   -1.105  15.394  1.00 26.16 ? 138 LYS A CG  1 
ATOM   1163 C CD  . LYS A 1 146 ? 8.592   -0.852  14.718  1.00 20.40 ? 138 LYS A CD  1 
ATOM   1164 C CE  . LYS A 1 146 ? 9.702   -0.639  15.742  1.00 25.72 ? 138 LYS A CE  1 
ATOM   1165 N NZ  . LYS A 1 146 ? 11.028  -0.402  15.085  1.00 25.35 ? 138 LYS A NZ  1 
ATOM   1166 N N   . VAL A 1 147 ? 4.136   -2.027  16.987  1.00 15.22 ? 139 VAL A N   1 
ATOM   1167 C CA  . VAL A 1 147 ? 3.726   -3.125  17.863  1.00 19.56 ? 139 VAL A CA  1 
ATOM   1168 C C   . VAL A 1 147 ? 4.453   -4.429  17.540  1.00 17.36 ? 139 VAL A C   1 
ATOM   1169 O O   . VAL A 1 147 ? 4.457   -5.364  18.336  1.00 19.50 ? 139 VAL A O   1 
ATOM   1170 C CB  . VAL A 1 147 ? 2.192   -3.323  17.864  1.00 22.84 ? 139 VAL A CB  1 
ATOM   1171 C CG1 . VAL A 1 147 ? 1.515   -2.018  18.232  1.00 19.43 ? 139 VAL A CG1 1 
ATOM   1172 C CG2 . VAL A 1 147 ? 1.691   -3.803  16.503  1.00 14.47 ? 139 VAL A CG2 1 
ATOM   1173 N N   . ALA A 1 148 ? 5.092   -4.476  16.379  1.00 11.24 ? 140 ALA A N   1 
ATOM   1174 C CA  . ALA A 1 148 ? 5.843   -5.659  15.992  1.00 16.65 ? 140 ALA A CA  1 
ATOM   1175 C C   . ALA A 1 148 ? 6.982   -5.312  15.033  1.00 20.35 ? 140 ALA A C   1 
ATOM   1176 O O   . ALA A 1 148 ? 6.910   -4.327  14.284  1.00 16.95 ? 140 ALA A O   1 
ATOM   1177 C CB  . ALA A 1 148 ? 4.921   -6.713  15.381  1.00 16.42 ? 140 ALA A CB  1 
ATOM   1178 N N   . THR A 1 149 ? 8.035   -6.122  15.082  1.00 9.80  ? 141 THR A N   1 
ATOM   1179 C CA  . THR A 1 149 ? 9.143   -5.992  14.153  1.00 15.45 ? 141 THR A CA  1 
ATOM   1180 C C   . THR A 1 149 ? 9.840   -7.333  14.038  1.00 14.52 ? 141 THR A C   1 
ATOM   1181 O O   . THR A 1 149 ? 10.035  -8.029  15.045  1.00 16.37 ? 141 THR A O   1 
ATOM   1182 C CB  . THR A 1 149 ? 10.135  -4.856  14.564  1.00 16.15 ? 141 THR A CB  1 
ATOM   1183 O OG1 . THR A 1 149 ? 11.079  -4.631  13.509  1.00 13.28 ? 141 THR A OG1 1 
ATOM   1184 C CG2 . THR A 1 149 ? 10.871  -5.184  15.877  1.00 19.12 ? 141 THR A CG2 1 
ATOM   1185 N N   . VAL A 1 150 ? 10.169  -7.715  12.805  1.00 14.30 ? 142 VAL A N   1 
ATOM   1186 C CA  . VAL A 1 150 ? 10.943  -8.933  12.552  1.00 11.86 ? 142 VAL A CA  1 
ATOM   1187 C C   . VAL A 1 150 ? 11.959  -8.704  11.424  1.00 17.78 ? 142 VAL A C   1 
ATOM   1188 O O   . VAL A 1 150 ? 11.619  -8.174  10.354  1.00 13.16 ? 142 VAL A O   1 
ATOM   1189 C CB  . VAL A 1 150 ? 10.022  -10.150 12.248  1.00 19.16 ? 142 VAL A CB  1 
ATOM   1190 C CG1 . VAL A 1 150 ? 9.166   -9.884  11.045  1.00 18.00 ? 142 VAL A CG1 1 
ATOM   1191 C CG2 . VAL A 1 150 ? 10.838  -11.413 12.009  1.00 21.44 ? 142 VAL A CG2 1 
ATOM   1192 N N   . PRO A 1 151 ? 13.222  -9.074  11.667  1.00 9.37  ? 143 PRO A N   1 
ATOM   1193 C CA  . PRO A 1 151 ? 14.238  -8.876  10.630  1.00 11.57 ? 143 PRO A CA  1 
ATOM   1194 C C   . PRO A 1 151 ? 14.002  -9.845  9.486   1.00 16.17 ? 143 PRO A C   1 
ATOM   1195 O O   . PRO A 1 151 ? 13.535  -10.950 9.731   1.00 14.14 ? 143 PRO A O   1 
ATOM   1196 C CB  . PRO A 1 151 ? 15.548  -9.219  11.352  1.00 21.24 ? 143 PRO A CB  1 
ATOM   1197 C CG  . PRO A 1 151 ? 15.139  -10.128 12.459  1.00 13.06 ? 143 PRO A CG  1 
ATOM   1198 C CD  . PRO A 1 151 ? 13.780  -9.663  12.898  1.00 16.09 ? 143 PRO A CD  1 
ATOM   1199 N N   . GLY A 1 152 ? 14.304  -9.444  8.258   1.00 15.05 ? 144 GLY A N   1 
ATOM   1200 C CA  . GLY A 1 152 ? 14.136  -10.353 7.141   1.00 13.46 ? 144 GLY A CA  1 
ATOM   1201 C C   . GLY A 1 152 ? 15.404  -11.144 6.869   1.00 20.63 ? 144 GLY A C   1 
ATOM   1202 O O   . GLY A 1 152 ? 16.523  -10.670 7.132   1.00 11.34 ? 144 GLY A O   1 
ATOM   1203 N N   . VAL A 1 153 ? 15.234  -12.351 6.336   1.00 17.48 ? 145 VAL A N   1 
ATOM   1204 C CA  . VAL A 1 153 ? 16.376  -13.204 6.005   1.00 19.73 ? 145 VAL A CA  1 
ATOM   1205 C C   . VAL A 1 153 ? 17.025  -12.816 4.673   1.00 16.70 ? 145 VAL A C   1 
ATOM   1206 O O   . VAL A 1 153 ? 16.346  -12.720 3.649   1.00 24.45 ? 145 VAL A O   1 
ATOM   1207 C CB  . VAL A 1 153 ? 15.952  -14.682 5.946   1.00 24.67 ? 145 VAL A CB  1 
ATOM   1208 C CG1 . VAL A 1 153 ? 17.137  -15.562 5.563   1.00 16.88 ? 145 VAL A CG1 1 
ATOM   1209 C CG2 . VAL A 1 153 ? 15.372  -15.107 7.287   1.00 23.32 ? 145 VAL A CG2 1 
ATOM   1210 N N   . VAL A 1 154 ? 18.336  -12.592 4.679   1.00 16.25 ? 146 VAL A N   1 
ATOM   1211 C CA  . VAL A 1 154 ? 19.044  -12.327 3.436   1.00 16.94 ? 146 VAL A CA  1 
ATOM   1212 C C   . VAL A 1 154 ? 19.586  -13.625 2.838   1.00 17.84 ? 146 VAL A C   1 
ATOM   1213 O O   . VAL A 1 154 ? 19.981  -14.537 3.561   1.00 17.24 ? 146 VAL A O   1 
ATOM   1214 C CB  . VAL A 1 154 ? 20.205  -11.309 3.613   1.00 24.09 ? 146 VAL A CB  1 
ATOM   1215 C CG1 . VAL A 1 154 ? 19.657  -9.929  4.005   1.00 21.27 ? 146 VAL A CG1 1 
ATOM   1216 C CG2 . VAL A 1 154 ? 21.200  -11.807 4.656   1.00 22.88 ? 146 VAL A CG2 1 
ATOM   1217 N N   . ASP A 1 155 ? 19.573  -13.710 1.511   1.00 17.68 ? 147 ASP A N   1 
ATOM   1218 C CA  . ASP A 1 155 ? 20.174  -14.834 0.798   1.00 18.87 ? 147 ASP A CA  1 
ATOM   1219 C C   . ASP A 1 155 ? 20.628  -14.373 -0.580  1.00 21.57 ? 147 ASP A C   1 
ATOM   1220 O O   . ASP A 1 155 ? 20.735  -13.163 -0.824  1.00 20.03 ? 147 ASP A O   1 
ATOM   1221 C CB  . ASP A 1 155 ? 19.220  -16.041 0.724   1.00 18.95 ? 147 ASP A CB  1 
ATOM   1222 C CG  . ASP A 1 155 ? 17.829  -15.678 0.231   1.00 23.77 ? 147 ASP A CG  1 
ATOM   1223 O OD1 . ASP A 1 155 ? 17.694  -14.758 -0.607  1.00 19.74 ? 147 ASP A OD1 1 
ATOM   1224 O OD2 . ASP A 1 155 ? 16.859  -16.333 0.680   1.00 20.00 ? 147 ASP A OD2 1 
ATOM   1225 N N   . GLU A 1 156 ? 20.899  -15.307 -1.486  1.00 22.79 ? 148 GLU A N   1 
ATOM   1226 C CA  . GLU A 1 156 ? 21.353  -14.908 -2.816  1.00 18.07 ? 148 GLU A CA  1 
ATOM   1227 C C   . GLU A 1 156 ? 20.265  -14.147 -3.596  1.00 20.84 ? 148 GLU A C   1 
ATOM   1228 O O   . GLU A 1 156 ? 20.563  -13.421 -4.544  1.00 26.51 ? 148 GLU A O   1 
ATOM   1229 C CB  . GLU A 1 156 ? 21.868  -16.113 -3.614  1.00 32.28 ? 148 GLU A CB  1 
ATOM   1230 C CG  . GLU A 1 156 ? 23.291  -16.558 -3.256  1.00 56.22 ? 148 GLU A CG  1 
ATOM   1231 C CD  . GLU A 1 156 ? 23.332  -17.693 -2.229  1.00 76.88 ? 148 GLU A CD  1 
ATOM   1232 O OE1 . GLU A 1 156 ? 22.340  -17.868 -1.479  1.00 64.52 ? 148 GLU A OE1 1 
ATOM   1233 O OE2 . GLU A 1 156 ? 24.359  -18.415 -2.179  1.00 66.44 ? 148 GLU A OE2 1 
ATOM   1234 N N   . LYS A 1 157 ? 19.008  -14.298 -3.177  1.00 16.59 ? 149 LYS A N   1 
ATOM   1235 C CA  . LYS A 1 157 ? 17.894  -13.653 -3.865  1.00 17.95 ? 149 LYS A CA  1 
ATOM   1236 C C   . LYS A 1 157 ? 17.484  -12.350 -3.195  1.00 27.42 ? 149 LYS A C   1 
ATOM   1237 O O   . LYS A 1 157 ? 16.922  -11.465 -3.828  1.00 21.13 ? 149 LYS A O   1 
ATOM   1238 C CB  . LYS A 1 157 ? 16.700  -14.603 -3.939  1.00 22.61 ? 149 LYS A CB  1 
ATOM   1239 C CG  . LYS A 1 157 ? 16.989  -15.865 -4.738  1.00 30.16 ? 149 LYS A CG  1 
ATOM   1240 C CD  . LYS A 1 157 ? 17.680  -15.498 -6.044  1.00 34.62 ? 149 LYS A CD  1 
ATOM   1241 C CE  . LYS A 1 157 ? 17.606  -16.627 -7.065  1.00 42.26 ? 149 LYS A CE  1 
ATOM   1242 N NZ  . LYS A 1 157 ? 18.062  -16.156 -8.413  1.00 48.47 ? 149 LYS A NZ  1 
ATOM   1243 N N   . ASN A 1 158 ? 17.782  -12.235 -1.908  1.00 16.97 ? 150 ASN A N   1 
ATOM   1244 C CA  . ASN A 1 158 ? 17.416  -11.062 -1.143  1.00 19.00 ? 150 ASN A CA  1 
ATOM   1245 C C   . ASN A 1 158 ? 18.667  -10.398 -0.575  1.00 18.42 ? 150 ASN A C   1 
ATOM   1246 O O   . ASN A 1 158 ? 19.217  -10.855 0.434   1.00 20.10 ? 150 ASN A O   1 
ATOM   1247 C CB  . ASN A 1 158 ? 16.447  -11.478 -0.037  1.00 14.87 ? 150 ASN A CB  1 
ATOM   1248 C CG  . ASN A 1 158 ? 15.189  -12.129 -0.593  1.00 16.41 ? 150 ASN A CG  1 
ATOM   1249 O OD1 . ASN A 1 158 ? 14.197  -11.452 -0.886  1.00 14.84 ? 150 ASN A OD1 1 
ATOM   1250 N ND2 . ASN A 1 158 ? 15.227  -13.449 -0.747  1.00 24.05 ? 150 ASN A ND2 1 
ATOM   1251 N N   . LEU A 1 159 ? 19.103  -9.314  -1.216  1.00 16.42 ? 151 LEU A N   1 
ATOM   1252 C CA  . LEU A 1 159 ? 20.459  -8.783  -1.022  1.00 13.55 ? 151 LEU A CA  1 
ATOM   1253 C C   . LEU A 1 159 ? 20.636  -7.747  0.086   1.00 13.31 ? 151 LEU A C   1 
ATOM   1254 O O   . LEU A 1 159 ? 21.765  -7.347  0.377   1.00 19.20 ? 151 LEU A O   1 
ATOM   1255 C CB  . LEU A 1 159 ? 20.957  -8.147  -2.328  1.00 18.84 ? 151 LEU A CB  1 
ATOM   1256 C CG  . LEU A 1 159 ? 20.992  -8.988  -3.607  1.00 26.84 ? 151 LEU A CG  1 
ATOM   1257 C CD1 . LEU A 1 159 ? 21.530  -8.148  -4.766  1.00 27.22 ? 151 LEU A CD1 1 
ATOM   1258 C CD2 . LEU A 1 159 ? 21.844  -10.231 -3.412  1.00 15.13 ? 151 LEU A CD2 1 
ATOM   1259 N N   . TYR A 1 160 ? 19.542  -7.283  0.680   1.00 10.65 ? 152 TYR A N   1 
ATOM   1260 C CA  . TYR A 1 160 ? 19.616  -6.136  1.579   1.00 13.85 ? 152 TYR A CA  1 
ATOM   1261 C C   . TYR A 1 160 ? 19.054  -6.499  2.937   1.00 13.75 ? 152 TYR A C   1 
ATOM   1262 O O   . TYR A 1 160 ? 18.080  -7.241  3.010   1.00 13.93 ? 152 TYR A O   1 
ATOM   1263 C CB  . TYR A 1 160 ? 18.831  -4.943  0.992   1.00 13.36 ? 152 TYR A CB  1 
ATOM   1264 C CG  . TYR A 1 160 ? 19.078  -4.733  -0.488  1.00 14.72 ? 152 TYR A CG  1 
ATOM   1265 C CD1 . TYR A 1 160 ? 20.292  -4.239  -0.945  1.00 20.28 ? 152 TYR A CD1 1 
ATOM   1266 C CD2 . TYR A 1 160 ? 18.110  -5.057  -1.427  1.00 16.66 ? 152 TYR A CD2 1 
ATOM   1267 C CE1 . TYR A 1 160 ? 20.538  -4.063  -2.294  1.00 13.75 ? 152 TYR A CE1 1 
ATOM   1268 C CE2 . TYR A 1 160 ? 18.342  -4.883  -2.781  1.00 13.06 ? 152 TYR A CE2 1 
ATOM   1269 C CZ  . TYR A 1 160 ? 19.562  -4.384  -3.207  1.00 19.45 ? 152 TYR A CZ  1 
ATOM   1270 O OH  . TYR A 1 160 ? 19.812  -4.199  -4.557  1.00 18.41 ? 152 TYR A OH  1 
ATOM   1271 N N   . ALA A 1 161 ? 19.673  -5.975  4.000   1.00 12.73 ? 153 ALA A N   1 
ATOM   1272 C CA  . ALA A 1 161 ? 19.122  -6.095  5.343   1.00 16.19 ? 153 ALA A CA  1 
ATOM   1273 C C   . ALA A 1 161 ? 17.793  -5.361  5.342   1.00 14.35 ? 153 ALA A C   1 
ATOM   1274 O O   . ALA A 1 161 ? 17.671  -4.296  4.736   1.00 12.66 ? 153 ALA A O   1 
ATOM   1275 C CB  . ALA A 1 161 ? 20.054  -5.469  6.372   1.00 6.48  ? 153 ALA A CB  1 
ATOM   1276 N N   . HIS A 1 162 ? 16.793  -5.920  6.015   1.00 12.00 ? 154 HIS A N   1 
ATOM   1277 C CA  . HIS A 1 162 ? 15.488  -5.281  6.033   1.00 9.54  ? 154 HIS A CA  1 
ATOM   1278 C C   . HIS A 1 162 ? 14.695  -5.699  7.262   1.00 15.51 ? 154 HIS A C   1 
ATOM   1279 O O   . HIS A 1 162 ? 14.990  -6.735  7.869   1.00 12.18 ? 154 HIS A O   1 
ATOM   1280 C CB  . HIS A 1 162 ? 14.731  -5.588  4.727   1.00 15.57 ? 154 HIS A CB  1 
ATOM   1281 C CG  . HIS A 1 162 ? 14.571  -7.054  4.442   1.00 12.62 ? 154 HIS A CG  1 
ATOM   1282 N ND1 . HIS A 1 162 ? 15.604  -7.839  3.968   1.00 16.82 ? 154 HIS A ND1 1 
ATOM   1283 C CD2 . HIS A 1 162 ? 13.495  -7.873  4.554   1.00 14.74 ? 154 HIS A CD2 1 
ATOM   1284 C CE1 . HIS A 1 162 ? 15.172  -9.076  3.804   1.00 13.25 ? 154 HIS A CE1 1 
ATOM   1285 N NE2 . HIS A 1 162 ? 13.904  -9.131  4.146   1.00 12.24 ? 154 HIS A NE2 1 
ATOM   1286 N N   . ASP A 1 163 ? 13.720  -4.870  7.641   1.00 10.18 ? 155 ASP A N   1 
ATOM   1287 C CA  . ASP A 1 163 ? 12.811  -5.199  8.731   1.00 12.41 ? 155 ASP A CA  1 
ATOM   1288 C C   . ASP A 1 163 ? 11.369  -5.133  8.262   1.00 15.22 ? 155 ASP A C   1 
ATOM   1289 O O   . ASP A 1 163 ? 11.012  -4.273  7.444   1.00 12.48 ? 155 ASP A O   1 
ATOM   1290 C CB  . ASP A 1 163 ? 13.020  -4.276  9.946   1.00 12.16 ? 155 ASP A CB  1 
ATOM   1291 C CG  . ASP A 1 163 ? 14.352  -4.518  10.635  1.00 12.74 ? 155 ASP A CG  1 
ATOM   1292 O OD1 . ASP A 1 163 ? 14.489  -5.550  11.331  1.00 16.17 ? 155 ASP A OD1 1 
ATOM   1293 O OD2 . ASP A 1 163 ? 15.274  -3.699  10.458  1.00 13.20 ? 155 ASP A OD2 1 
ATOM   1294 N N   . TYR A 1 164 ? 10.559  -6.070  8.755   1.00 10.03 ? 156 TYR A N   1 
ATOM   1295 C CA  . TYR A 1 164 ? 9.121   -6.026  8.556   1.00 13.05 ? 156 TYR A CA  1 
ATOM   1296 C C   . TYR A 1 164 ? 8.465   -5.465  9.819   1.00 16.23 ? 156 TYR A C   1 
ATOM   1297 O O   . TYR A 1 164 ? 8.479   -6.115  10.883  1.00 12.86 ? 156 TYR A O   1 
ATOM   1298 C CB  . TYR A 1 164 ? 8.584   -7.432  8.277   1.00 13.14 ? 156 TYR A CB  1 
ATOM   1299 C CG  . TYR A 1 164 ? 9.086   -8.042  6.986   1.00 17.78 ? 156 TYR A CG  1 
ATOM   1300 C CD1 . TYR A 1 164 ? 10.208  -8.865  6.972   1.00 14.84 ? 156 TYR A CD1 1 
ATOM   1301 C CD2 . TYR A 1 164 ? 8.426   -7.806  5.777   1.00 19.94 ? 156 TYR A CD2 1 
ATOM   1302 C CE1 . TYR A 1 164 ? 10.670  -9.434  5.782   1.00 9.96  ? 156 TYR A CE1 1 
ATOM   1303 C CE2 . TYR A 1 164 ? 8.882   -8.377  4.579   1.00 12.70 ? 156 TYR A CE2 1 
ATOM   1304 C CZ  . TYR A 1 164 ? 10.001  -9.182  4.592   1.00 18.24 ? 156 TYR A CZ  1 
ATOM   1305 O OH  . TYR A 1 164 ? 10.451  -9.745  3.407   1.00 17.74 ? 156 TYR A OH  1 
ATOM   1306 N N   . GLU A 1 165 ? 7.876   -4.274  9.703   1.00 7.87  ? 157 GLU A N   1 
ATOM   1307 C CA  . GLU A 1 165 ? 7.314   -3.601  10.864  1.00 9.22  ? 157 GLU A CA  1 
ATOM   1308 C C   . GLU A 1 165 ? 5.789   -3.507  10.815  1.00 11.71 ? 157 GLU A C   1 
ATOM   1309 O O   . GLU A 1 165 ? 5.201   -3.365  9.744   1.00 13.11 ? 157 GLU A O   1 
ATOM   1310 C CB  . GLU A 1 165 ? 7.902   -2.190  10.981  1.00 11.17 ? 157 GLU A CB  1 
ATOM   1311 C CG  . GLU A 1 165 ? 9.421   -2.139  10.970  1.00 15.05 ? 157 GLU A CG  1 
ATOM   1312 C CD  . GLU A 1 165 ? 9.942   -0.713  11.024  1.00 21.63 ? 157 GLU A CD  1 
ATOM   1313 O OE1 . GLU A 1 165 ? 9.177   0.219   10.654  1.00 17.32 ? 157 GLU A OE1 1 
ATOM   1314 O OE2 . GLU A 1 165 ? 11.107  -0.518  11.444  1.00 18.99 ? 157 GLU A OE2 1 
ATOM   1315 N N   . THR A 1 166 ? 5.159   -3.556  11.989  1.00 16.00 ? 158 THR A N   1 
ATOM   1316 C CA  . THR A 1 166 ? 3.719   -3.339  12.106  1.00 11.86 ? 158 THR A CA  1 
ATOM   1317 C C   . THR A 1 166 ? 3.430   -2.176  13.054  1.00 17.96 ? 158 THR A C   1 
ATOM   1318 O O   . THR A 1 166 ? 3.971   -2.134  14.162  1.00 10.91 ? 158 THR A O   1 
ATOM   1319 C CB  . THR A 1 166 ? 3.024   -4.607  12.637  1.00 14.71 ? 158 THR A CB  1 
ATOM   1320 O OG1 . THR A 1 166 ? 3.397   -5.727  11.823  1.00 12.40 ? 158 THR A OG1 1 
ATOM   1321 C CG2 . THR A 1 166 ? 1.490   -4.446  12.626  1.00 15.12 ? 158 THR A CG2 1 
ATOM   1322 N N   . TYR A 1 167 ? 2.585   -1.237  12.625  1.00 16.62 ? 159 TYR A N   1 
ATOM   1323 C CA  . TYR A 1 167 ? 2.147   -0.127  13.483  1.00 12.96 ? 159 TYR A CA  1 
ATOM   1324 C C   . TYR A 1 167 ? 0.631   -0.193  13.731  1.00 20.97 ? 159 TYR A C   1 
ATOM   1325 O O   . TYR A 1 167 ? -0.132  -0.581  12.843  1.00 11.06 ? 159 TYR A O   1 
ATOM   1326 C CB  . TYR A 1 167 ? 2.525   1.224   12.865  1.00 11.31 ? 159 TYR A CB  1 
ATOM   1327 C CG  . TYR A 1 167 ? 4.018   1.436   12.694  1.00 13.57 ? 159 TYR A CG  1 
ATOM   1328 C CD1 . TYR A 1 167 ? 4.711   0.820   11.661  1.00 11.46 ? 159 TYR A CD1 1 
ATOM   1329 C CD2 . TYR A 1 167 ? 4.732   2.248   13.569  1.00 16.09 ? 159 TYR A CD2 1 
ATOM   1330 C CE1 . TYR A 1 167 ? 6.066   1.013   11.496  1.00 16.82 ? 159 TYR A CE1 1 
ATOM   1331 C CE2 . TYR A 1 167 ? 6.097   2.444   13.414  1.00 11.55 ? 159 TYR A CE2 1 
ATOM   1332 C CZ  . TYR A 1 167 ? 6.752   1.824   12.378  1.00 10.95 ? 159 TYR A CZ  1 
ATOM   1333 O OH  . TYR A 1 167 ? 8.100   2.001   12.210  1.00 19.17 ? 159 TYR A OH  1 
ATOM   1334 N N   . HIS A 1 168 ? 0.210   0.140   14.952  1.00 16.38 ? 160 HIS A N   1 
ATOM   1335 C CA  . HIS A 1 168 ? -1.212  0.198   15.304  1.00 19.29 ? 160 HIS A CA  1 
ATOM   1336 C C   . HIS A 1 168 ? -1.463  1.594   15.863  1.00 19.14 ? 160 HIS A C   1 
ATOM   1337 O O   . HIS A 1 168 ? -0.516  2.297   16.229  1.00 15.71 ? 160 HIS A O   1 
ATOM   1338 C CB  . HIS A 1 168 ? -1.579  -0.836  16.382  1.00 16.19 ? 160 HIS A CB  1 
ATOM   1339 C CG  . HIS A 1 168 ? -1.661  -2.258  15.905  1.00 18.16 ? 160 HIS A CG  1 
ATOM   1340 N ND1 . HIS A 1 168 ? -1.875  -3.312  16.759  1.00 21.16 ? 160 HIS A ND1 1 
ATOM   1341 C CD2 . HIS A 1 168 ? -1.562  -2.792  14.656  1.00 21.26 ? 160 HIS A CD2 1 
ATOM   1342 C CE1 . HIS A 1 168 ? -1.903  -4.442  16.068  1.00 15.01 ? 160 HIS A CE1 1 
ATOM   1343 N NE2 . HIS A 1 168 ? -1.717  -4.158  14.799  1.00 18.59 ? 160 HIS A NE2 1 
ATOM   1344 N N   . ARG A 1 169 ? -2.727  2.003   15.944  1.00 23.79 ? 161 ARG A N   1 
ATOM   1345 C CA  . ARG A 1 169 ? -3.042  3.329   16.482  1.00 21.26 ? 161 ARG A CA  1 
ATOM   1346 C C   . ARG A 1 169 ? -2.924  3.379   18.003  1.00 28.62 ? 161 ARG A C   1 
ATOM   1347 O O   . ARG A 1 169 ? -3.235  2.398   18.678  1.00 26.13 ? 161 ARG A O   1 
ATOM   1348 C CB  . ARG A 1 169 ? -4.435  3.789   16.023  1.00 18.88 ? 161 ARG A CB  1 
ATOM   1349 C CG  . ARG A 1 169 ? -4.415  4.321   14.595  1.00 24.88 ? 161 ARG A CG  1 
ATOM   1350 C CD  . ARG A 1 169 ? -5.740  4.881   14.125  1.00 29.33 ? 161 ARG A CD  1 
ATOM   1351 N NE  . ARG A 1 169 ? -5.554  5.502   12.816  1.00 25.97 ? 161 ARG A NE  1 
ATOM   1352 C CZ  . ARG A 1 169 ? -5.299  6.789   12.631  1.00 25.39 ? 161 ARG A CZ  1 
ATOM   1353 N NH1 . ARG A 1 169 ? -5.235  7.611   13.673  1.00 19.17 ? 161 ARG A NH1 1 
ATOM   1354 N NH2 . ARG A 1 169 ? -5.128  7.252   11.400  1.00 28.01 ? 161 ARG A NH2 1 
ATOM   1355 N N   . ASN A 1 170 ? -2.466  4.513   18.536  1.00 28.70 ? 162 ASN A N   1 
ATOM   1356 C CA  . ASN A 1 170 ? -2.449  4.714   19.990  1.00 30.27 ? 162 ASN A CA  1 
ATOM   1357 C C   . ASN A 1 170 ? -3.641  5.533   20.492  1.00 33.68 ? 162 ASN A C   1 
ATOM   1358 O O   . ASN A 1 170 ? -4.730  5.527   19.909  1.00 36.84 ? 162 ASN A O   1 
ATOM   1359 C CB  . ASN A 1 170 ? -1.129  5.349   20.451  1.00 23.52 ? 162 ASN A CB  1 
ATOM   1360 C CG  . ASN A 1 170 ? -0.887  6.728   19.840  1.00 29.27 ? 162 ASN A CG  1 
ATOM   1361 O OD1 . ASN A 1 170 ? -1.824  7.467   19.535  1.00 38.04 ? 162 ASN A OD1 1 
ATOM   1362 N ND2 . ASN A 1 170 ? 0.385   7.083   19.669  1.00 26.65 ? 162 ASN A ND2 1 
HETATM 1363 P PA  A NAP B 2 .   ? 0.188   7.844   -6.993  0.39 21.31 ? 201 NAP A PA  1 
HETATM 1364 P PA  B NAP B 2 .   ? 0.119   7.823   -6.931  0.61 21.34 ? 201 NAP A PA  1 
HETATM 1365 O O1A A NAP B 2 .   ? -0.110  8.218   -5.508  0.39 14.23 ? 201 NAP A O1A 1 
HETATM 1366 O O1A B NAP B 2 .   ? -0.294  8.163   -5.465  0.61 13.92 ? 201 NAP A O1A 1 
HETATM 1367 O O2A A NAP B 2 .   ? 0.412   6.352   -7.155  0.39 14.53 ? 201 NAP A O2A 1 
HETATM 1368 O O2A B NAP B 2 .   ? 0.318   6.333   -7.136  0.61 14.61 ? 201 NAP A O2A 1 
HETATM 1369 O O5B A NAP B 2 .   ? -1.069  8.213   -7.854  0.39 20.39 ? 201 NAP A O5B 1 
HETATM 1370 O O5B B NAP B 2 .   ? -1.024  8.263   -7.906  0.61 20.41 ? 201 NAP A O5B 1 
HETATM 1371 C C5B A NAP B 2 .   ? -1.435  9.556   -7.983  0.39 15.75 ? 201 NAP A C5B 1 
HETATM 1372 C C5B B NAP B 2 .   ? -1.436  9.598   -7.947  0.61 15.59 ? 201 NAP A C5B 1 
HETATM 1373 C C4B A NAP B 2 .   ? -2.706  9.722   -8.756  0.39 17.66 ? 201 NAP A C4B 1 
HETATM 1374 C C4B B NAP B 2 .   ? -2.704  9.746   -8.728  0.61 17.63 ? 201 NAP A C4B 1 
HETATM 1375 O O4B A NAP B 2 .   ? -3.877  8.938   -8.248  0.39 19.58 ? 201 NAP A O4B 1 
HETATM 1376 O O4B B NAP B 2 .   ? -3.863  8.940   -8.227  0.61 19.58 ? 201 NAP A O4B 1 
HETATM 1377 C C3B A NAP B 2 .   ? -3.227  11.090  -9.122  0.39 20.00 ? 201 NAP A C3B 1 
HETATM 1378 C C3B B NAP B 2 .   ? -3.242  11.104  -9.113  0.61 20.03 ? 201 NAP A C3B 1 
HETATM 1379 O O3B A NAP B 2 .   ? -2.527  11.924  -9.966  0.39 18.75 ? 201 NAP A O3B 1 
HETATM 1380 O O3B B NAP B 2 .   ? -2.551  11.927  -9.976  0.61 18.73 ? 201 NAP A O3B 1 
HETATM 1381 C C2B A NAP B 2 .   ? -4.649  10.804  -9.420  0.39 17.68 ? 201 NAP A C2B 1 
HETATM 1382 C C2B B NAP B 2 .   ? -4.661  10.798  -9.411  0.61 17.66 ? 201 NAP A C2B 1 
HETATM 1383 O O2B A NAP B 2 .   ? -5.003  10.335  -10.671 0.39 19.54 ? 201 NAP A O2B 1 
HETATM 1384 O O2B B NAP B 2 .   ? -5.011  10.343  -10.666 0.61 19.56 ? 201 NAP A O2B 1 
HETATM 1385 C C1B A NAP B 2 .   ? -4.934  9.980   -8.183  0.39 18.58 ? 201 NAP A C1B 1 
HETATM 1386 C C1B B NAP B 2 .   ? -4.943  9.958   -8.184  0.61 18.56 ? 201 NAP A C1B 1 
HETATM 1387 N N9A A NAP B 2 .   ? -5.636  10.220  -6.955  0.39 20.85 ? 201 NAP A N9A 1 
HETATM 1388 N N9A B NAP B 2 .   ? -5.642  10.192  -6.958  0.61 20.83 ? 201 NAP A N9A 1 
HETATM 1389 C C8A A NAP B 2 .   ? -5.062  10.260  -5.752  0.39 19.09 ? 201 NAP A C8A 1 
HETATM 1390 C C8A B NAP B 2 .   ? -5.063  10.233  -5.758  0.61 19.07 ? 201 NAP A C8A 1 
HETATM 1391 N N7A A NAP B 2 .   ? -6.057  10.677  -4.820  0.39 21.95 ? 201 NAP A N7A 1 
HETATM 1392 N N7A B NAP B 2 .   ? -6.053  10.661  -4.827  0.61 21.96 ? 201 NAP A N7A 1 
HETATM 1393 C C5A A NAP B 2 .   ? -7.240  10.909  -5.523  0.39 22.76 ? 201 NAP A C5A 1 
HETATM 1394 C C5A B NAP B 2 .   ? -7.234  10.903  -5.531  0.61 22.79 ? 201 NAP A C5A 1 
HETATM 1395 C C6A A NAP B 2 .   ? -8.510  11.331  -5.098  0.39 20.95 ? 201 NAP A C6A 1 
HETATM 1396 C C6A B NAP B 2 .   ? -8.496  11.338  -5.107  0.61 20.92 ? 201 NAP A C6A 1 
HETATM 1397 N N6A A NAP B 2 .   ? -8.747  11.607  -3.706  0.39 16.86 ? 201 NAP A N6A 1 
HETATM 1398 N N6A B NAP B 2 .   ? -8.726  11.615  -3.713  0.61 16.74 ? 201 NAP A N6A 1 
HETATM 1399 N N1A A NAP B 2 .   ? -9.472  11.469  -6.004  0.39 22.50 ? 201 NAP A N1A 1 
HETATM 1400 N N1A B NAP B 2 .   ? -9.457  11.482  -6.016  0.61 22.39 ? 201 NAP A N1A 1 
HETATM 1401 C C2A A NAP B 2 .   ? -9.245  11.201  -7.330  0.39 18.35 ? 201 NAP A C2A 1 
HETATM 1402 C C2A B NAP B 2 .   ? -9.235  11.207  -7.342  0.61 18.34 ? 201 NAP A C2A 1 
HETATM 1403 N N3A A NAP B 2 .   ? -7.985  10.783  -7.753  0.39 19.02 ? 201 NAP A N3A 1 
HETATM 1404 N N3A B NAP B 2 .   ? -7.980  10.776  -7.766  0.61 19.03 ? 201 NAP A N3A 1 
HETATM 1405 C C4A A NAP B 2 .   ? -7.016  10.647  -6.834  0.39 21.53 ? 201 NAP A C4A 1 
HETATM 1406 C C4A B NAP B 2 .   ? -7.015  10.636  -6.843  0.61 21.54 ? 201 NAP A C4A 1 
HETATM 1407 O O3  A NAP B 2 .   ? 1.403   8.681   -7.577  0.39 21.08 ? 201 NAP A O3  1 
HETATM 1408 O O3  B NAP B 2 .   ? 1.409   8.620   -7.377  0.61 20.89 ? 201 NAP A O3  1 
HETATM 1409 P PN  A NAP B 2 .   ? 2.740   8.998   -6.778  0.39 23.60 ? 201 NAP A PN  1 
HETATM 1410 P PN  B NAP B 2 .   ? 2.540   9.171   -6.410  0.61 20.82 ? 201 NAP A PN  1 
HETATM 1411 O O1N A NAP B 2 .   ? 3.754   9.678   -7.754  0.39 26.54 ? 201 NAP A O1N 1 
HETATM 1412 O O1N B NAP B 2 .   ? 1.978   10.359  -5.568  0.61 28.82 ? 201 NAP A O1N 1 
HETATM 1413 O O2N A NAP B 2 .   ? 2.452   9.934   -5.635  0.39 25.10 ? 201 NAP A O2N 1 
HETATM 1414 O O2N B NAP B 2 .   ? 3.081   8.105   -5.481  0.61 17.80 ? 201 NAP A O2N 1 
HETATM 1415 O O5D A NAP B 2 .   ? 3.377   7.671   -6.201  0.39 17.74 ? 201 NAP A O5D 1 
HETATM 1416 O O5D B NAP B 2 .   ? 3.712   9.614   -7.377  0.61 26.98 ? 201 NAP A O5D 1 
HETATM 1417 C C5D A NAP B 2 .   ? 3.797   6.675   -7.087  0.39 16.75 ? 201 NAP A C5D 1 
HETATM 1418 C C5D B NAP B 2 .   ? 3.815   8.933   -8.606  0.61 21.65 ? 201 NAP A C5D 1 
HETATM 1419 C C4D A NAP B 2 .   ? 5.129   6.025   -6.805  0.39 19.19 ? 201 NAP A C4D 1 
HETATM 1420 C C4D B NAP B 2 .   ? 4.406   9.681   -9.786  0.61 31.70 ? 201 NAP A C4D 1 
HETATM 1421 O O4D A NAP B 2 .   ? 5.248   5.165   -5.617  0.39 27.10 ? 201 NAP A O4D 1 
HETATM 1422 O O4D B NAP B 2 .   ? 4.791   11.104  -9.632  0.61 28.70 ? 201 NAP A O4D 1 
HETATM 1423 C C3D A NAP B 2 .   ? 5.894   5.316   -7.916  0.39 26.95 ? 201 NAP A C3D 1 
HETATM 1424 C C3D B NAP B 2 .   ? 5.473   9.029   -10.666 0.61 20.25 ? 201 NAP A C3D 1 
HETATM 1425 O O3D A NAP B 2 .   ? 7.086   5.847   -8.382  0.39 24.75 ? 201 NAP A O3D 1 
HETATM 1426 O O3D B NAP B 2 .   ? 5.180   8.698   -11.918 0.61 38.17 ? 201 NAP A O3D 1 
HETATM 1427 C C2D A NAP B 2 .   ? 5.807   3.856   -7.569  0.39 24.09 ? 201 NAP A C2D 1 
HETATM 1428 C C2D B NAP B 2 .   ? 6.702   9.871   -10.470 0.61 24.92 ? 201 NAP A C2D 1 
HETATM 1429 O O2D A NAP B 2 .   ? 6.629   2.901   -8.128  0.39 27.88 ? 201 NAP A O2D 1 
HETATM 1430 O O2D B NAP B 2 .   ? 7.730   9.863   -11.389 0.61 32.32 ? 201 NAP A O2D 1 
HETATM 1431 C C1D A NAP B 2 .   ? 5.614   3.823   -6.074  0.39 20.85 ? 201 NAP A C1D 1 
HETATM 1432 C C1D B NAP B 2 .   ? 6.220   11.211  -9.952  0.61 31.99 ? 201 NAP A C1D 1 
HETATM 1433 N N1N A NAP B 2 .   ? 5.102   2.744   -5.298  0.39 19.28 ? 201 NAP A N1N 1 
HETATM 1434 N N1N B NAP B 2 .   ? 7.026   12.206  -9.287  0.61 37.40 ? 201 NAP A N1N 1 
HETATM 1435 C C2N A NAP B 2 .   ? 5.795   1.694   -4.566  0.39 30.47 ? 201 NAP A C2N 1 
HETATM 1436 C C2N B NAP B 2 .   ? 8.172   12.912  -9.836  0.61 28.53 ? 201 NAP A C2N 1 
HETATM 1437 C C3N A NAP B 2 .   ? 5.285   1.253   -3.183  0.39 27.77 ? 201 NAP A C3N 1 
HETATM 1438 C C3N B NAP B 2 .   ? 8.846   14.034  -9.036  0.61 29.83 ? 201 NAP A C3N 1 
HETATM 1439 C C7N A NAP B 2 .   ? 6.217   0.545   -2.284  0.39 16.06 ? 201 NAP A C7N 1 
HETATM 1440 C C7N B NAP B 2 .   ? 9.486   15.117  -9.825  0.61 27.26 ? 201 NAP A C7N 1 
HETATM 1441 O O7N A NAP B 2 .   ? 5.777   -0.284  -1.500  0.39 16.81 ? 201 NAP A O7N 1 
HETATM 1442 O O7N B NAP B 2 .   ? 8.928   15.501  -10.845 0.61 31.84 ? 201 NAP A O7N 1 
HETATM 1443 N N7N A NAP B 2 .   ? 7.615   0.784   -2.425  0.39 8.15  ? 201 NAP A N7N 1 
HETATM 1444 N N7N B NAP B 2 .   ? 10.875  15.391  -9.644  0.61 23.51 ? 201 NAP A N7N 1 
HETATM 1445 C C4N A NAP B 2 .   ? 4.023   1.880   -2.564  0.39 13.08 ? 201 NAP A C4N 1 
HETATM 1446 C C4N B NAP B 2 .   ? 8.569   14.195  -7.520  0.61 33.30 ? 201 NAP A C4N 1 
HETATM 1447 C C5N A NAP B 2 .   ? 3.200   2.671   -3.588  0.39 16.29 ? 201 NAP A C5N 1 
HETATM 1448 C C5N B NAP B 2 .   ? 7.534   13.183  -6.956  0.61 30.05 ? 201 NAP A C5N 1 
HETATM 1449 C C6N A NAP B 2 .   ? 3.785   3.148   -4.913  0.39 14.66 ? 201 NAP A C6N 1 
HETATM 1450 C C6N B NAP B 2 .   ? 6.898   12.104  -7.853  0.61 33.81 ? 201 NAP A C6N 1 
HETATM 1451 P P2B A NAP B 2 .   ? -5.322  11.397  -11.783 0.39 19.35 ? 201 NAP A P2B 1 
HETATM 1452 P P2B B NAP B 2 .   ? -5.327  11.416  -11.771 0.61 19.40 ? 201 NAP A P2B 1 
HETATM 1453 O O1X A NAP B 2 .   ? -4.063  12.294  -12.016 0.39 16.78 ? 201 NAP A O1X 1 
HETATM 1454 O O1X B NAP B 2 .   ? -4.064  12.310  -11.997 0.61 16.71 ? 201 NAP A O1X 1 
HETATM 1455 O O2X A NAP B 2 .   ? -5.653  10.641  -13.106 0.39 20.91 ? 201 NAP A O2X 1 
HETATM 1456 O O2X B NAP B 2 .   ? -5.644  10.654  -13.095 0.61 20.90 ? 201 NAP A O2X 1 
HETATM 1457 O O3X A NAP B 2 .   ? -6.484  12.248  -11.326 0.39 16.71 ? 201 NAP A O3X 1 
HETATM 1458 O O3X B NAP B 2 .   ? -6.489  12.264  -11.309 0.61 16.59 ? 201 NAP A O3X 1 
HETATM 1459 O O   . HOH C 3 .   ? 16.709  -5.242  13.026  1.00 10.43 ? 301 HOH A O   1 
HETATM 1460 O O   . HOH C 3 .   ? 12.531  -11.569 4.023   1.00 21.12 ? 302 HOH A O   1 
HETATM 1461 O O   . HOH C 3 .   ? 9.521   -4.379  -2.169  1.00 15.21 ? 303 HOH A O   1 
HETATM 1462 O O   . HOH C 3 .   ? 13.125  -6.283  13.421  1.00 13.83 ? 304 HOH A O   1 
HETATM 1463 O O   . HOH C 3 .   ? 17.638  -8.284  7.502   1.00 12.00 ? 305 HOH A O   1 
HETATM 1464 O O   . HOH C 3 .   ? -6.625  -7.504  -8.885  1.00 18.16 ? 306 HOH A O   1 
HETATM 1465 O O   . HOH C 3 .   ? -5.689  11.664  -15.531 1.00 21.20 ? 307 HOH A O   1 
HETATM 1466 O O   . HOH C 3 .   ? -4.645  0.268   15.446  1.00 18.06 ? 308 HOH A O   1 
HETATM 1467 O O   . HOH C 3 .   ? 12.604  -13.029 5.890   1.00 20.24 ? 309 HOH A O   1 
HETATM 1468 O O   . HOH C 3 .   ? -21.429 6.892   15.361  1.00 24.52 ? 310 HOH A O   1 
HETATM 1469 O O   . HOH C 3 .   ? 4.507   14.778  2.244   1.00 23.14 ? 311 HOH A O   1 
HETATM 1470 O O   . HOH C 3 .   ? 2.762   -1.089  -1.555  1.00 16.12 ? 312 HOH A O   1 
HETATM 1471 O O   . HOH C 3 .   ? -11.216 12.901  -2.693  1.00 18.24 ? 313 HOH A O   1 
HETATM 1472 O O   . HOH C 3 .   ? -1.348  9.339   10.532  1.00 14.20 ? 314 HOH A O   1 
HETATM 1473 O O   . HOH C 3 .   ? 12.122  -2.383  13.143  1.00 17.27 ? 315 HOH A O   1 
HETATM 1474 O O   . HOH C 3 .   ? 11.771  -12.760 8.447   1.00 22.93 ? 316 HOH A O   1 
HETATM 1475 O O   . HOH C 3 .   ? 8.358   7.017   -10.149 1.00 45.32 ? 317 HOH A O   1 
HETATM 1476 O O   . HOH C 3 .   ? 5.234   -4.432  4.678   1.00 12.58 ? 318 HOH A O   1 
HETATM 1477 O O   . HOH C 3 .   ? -2.068  -3.526  -10.255 1.00 24.12 ? 319 HOH A O   1 
HETATM 1478 O O   . HOH C 3 .   ? 7.639   12.026  -3.531  1.00 23.85 ? 320 HOH A O   1 
HETATM 1479 O O   . HOH C 3 .   ? 13.765  -0.043  10.837  1.00 20.83 ? 321 HOH A O   1 
HETATM 1480 O O   . HOH C 3 .   ? -17.915 -2.946  -0.533  1.00 31.44 ? 322 HOH A O   1 
HETATM 1481 O O   . HOH C 3 .   ? 5.482   -5.241  7.685   1.00 15.32 ? 323 HOH A O   1 
HETATM 1482 O O   . HOH C 3 .   ? -11.642 13.276  -5.418  1.00 29.89 ? 324 HOH A O   1 
HETATM 1483 O O   . HOH C 3 .   ? -12.526 -3.001  4.246   1.00 16.07 ? 325 HOH A O   1 
HETATM 1484 O O   . HOH C 3 .   ? 17.499  -8.824  -3.614  1.00 20.86 ? 326 HOH A O   1 
HETATM 1485 O O   . HOH C 3 .   ? -1.474  0.098   19.888  1.00 26.95 ? 327 HOH A O   1 
HETATM 1486 O O   . HOH C 3 .   ? -9.477  1.163   8.957   1.00 24.16 ? 328 HOH A O   1 
HETATM 1487 O O   . HOH C 3 .   ? 2.317   -8.149  12.542  1.00 30.39 ? 329 HOH A O   1 
HETATM 1488 O O   . HOH C 3 .   ? 2.876   -15.036 -1.086  1.00 29.61 ? 330 HOH A O   1 
HETATM 1489 O O   . HOH C 3 .   ? 8.381   -13.065 -4.876  1.00 23.32 ? 331 HOH A O   1 
HETATM 1490 O O   . HOH C 3 .   ? 2.718   -9.191  9.507   1.00 27.40 ? 332 HOH A O   1 
HETATM 1491 O O   . HOH C 3 .   ? -1.343  11.361  8.720   1.00 17.43 ? 333 HOH A O   1 
HETATM 1492 O O   . HOH C 3 .   ? -3.896  9.634   11.232  1.00 22.81 ? 334 HOH A O   1 
HETATM 1493 O O   . HOH C 3 .   ? -8.783  -8.889  -12.805 1.00 18.52 ? 335 HOH A O   1 
HETATM 1494 O O   . HOH C 3 .   ? 6.015   -7.126  11.796  1.00 20.02 ? 336 HOH A O   1 
HETATM 1495 O O   . HOH C 3 .   ? -4.787  -12.104 2.648   1.00 27.09 ? 337 HOH A O   1 
HETATM 1496 O O   . HOH C 3 .   ? -16.993 7.366   -18.817 1.00 34.01 ? 338 HOH A O   1 
HETATM 1497 O O   . HOH C 3 .   ? -3.283  -5.552  -8.683  1.00 28.12 ? 339 HOH A O   1 
HETATM 1498 O O   . HOH C 3 .   ? -9.215  -6.647  -9.725  1.00 16.78 ? 340 HOH A O   1 
HETATM 1499 O O   . HOH C 3 .   ? 24.764  8.587   -8.016  1.00 25.88 ? 341 HOH A O   1 
HETATM 1500 O O   . HOH C 3 .   ? 23.815  7.476   -10.209 1.00 30.07 ? 342 HOH A O   1 
HETATM 1501 O O   . HOH C 3 .   ? 9.498   -2.237  -10.461 1.00 38.61 ? 343 HOH A O   1 
HETATM 1502 O O   . HOH C 3 .   ? -8.026  -13.445 -10.307 1.00 30.95 ? 344 HOH A O   1 
HETATM 1503 O O   . HOH C 3 .   ? 4.993   -2.681  -1.622  1.00 29.55 ? 345 HOH A O   1 
HETATM 1504 O O   . HOH C 3 .   ? 5.164   -5.488  1.832   1.00 33.15 ? 346 HOH A O   1 
HETATM 1505 O O   . HOH C 3 .   ? 9.945   9.846   3.412   1.00 28.07 ? 347 HOH A O   1 
HETATM 1506 O O   . HOH C 3 .   ? 23.330  -0.441  4.277   1.00 25.50 ? 348 HOH A O   1 
HETATM 1507 O O   . HOH C 3 .   ? 17.384  -18.940 1.616   1.00 32.59 ? 349 HOH A O   1 
HETATM 1508 O O   . HOH C 3 .   ? 6.588   3.457   18.404  1.00 32.12 ? 350 HOH A O   1 
HETATM 1509 O O   . HOH C 3 .   ? -3.473  13.186  12.479  1.00 26.03 ? 351 HOH A O   1 
HETATM 1510 O O   . HOH C 3 .   ? 5.519   7.316   16.470  1.00 28.78 ? 352 HOH A O   1 
HETATM 1511 O O   . HOH C 3 .   ? -16.896 7.483   -14.257 1.00 36.08 ? 353 HOH A O   1 
HETATM 1512 O O   . HOH C 3 .   ? -4.503  -7.205  7.403   1.00 29.75 ? 354 HOH A O   1 
HETATM 1513 O O   . HOH C 3 .   ? -21.710 1.232   7.845   1.00 41.01 ? 355 HOH A O   1 
HETATM 1514 O O   . HOH C 3 .   ? 4.606   12.962  13.115  1.00 23.38 ? 356 HOH A O   1 
HETATM 1515 O O   . HOH C 3 .   ? 5.832   -4.073  0.058   1.00 22.05 ? 357 HOH A O   1 
HETATM 1516 O O   . HOH C 3 .   ? -3.068  13.392  9.754   1.00 21.76 ? 358 HOH A O   1 
HETATM 1517 O O   . HOH C 3 .   ? 15.911  6.020   8.006   1.00 31.08 ? 359 HOH A O   1 
HETATM 1518 O O   . HOH C 3 .   ? 21.016  8.468   -2.796  1.00 21.89 ? 360 HOH A O   1 
HETATM 1519 O O   . HOH C 3 .   ? -4.319  -8.790  5.484   1.00 32.86 ? 361 HOH A O   1 
HETATM 1520 O O   . HOH C 3 .   ? -12.886 10.495  -22.673 1.00 29.85 ? 362 HOH A O   1 
HETATM 1521 O O   . HOH C 3 .   ? 15.520  -16.961 -1.736  1.00 31.00 ? 363 HOH A O   1 
HETATM 1522 O O   . HOH C 3 .   ? 12.137  -1.789  17.434  1.00 35.62 ? 364 HOH A O   1 
HETATM 1523 O O   . HOH C 3 .   ? -5.838  8.113   16.453  1.00 22.46 ? 365 HOH A O   1 
HETATM 1524 O O   . HOH C 3 .   ? -13.336 6.359   8.502   1.00 27.53 ? 366 HOH A O   1 
HETATM 1525 O O   . HOH C 3 .   ? 4.763   -7.297  9.462   1.00 23.12 ? 367 HOH A O   1 
HETATM 1526 O O   . HOH C 3 .   ? -8.720  -9.824  -15.201 1.00 24.18 ? 368 HOH A O   1 
HETATM 1527 O O   . HOH C 3 .   ? 10.655  -6.136  -4.357  1.00 25.62 ? 369 HOH A O   1 
HETATM 1528 O O   . HOH C 3 .   ? 6.938   -3.296  -2.897  1.00 37.63 ? 370 HOH A O   1 
HETATM 1529 O O   . HOH C 3 .   ? 9.850   8.117   5.122   1.00 30.85 ? 371 HOH A O   1 
HETATM 1530 O O   . HOH C 3 .   ? -5.864  -10.992 5.834   1.00 38.21 ? 372 HOH A O   1 
HETATM 1531 O O   . HOH C 3 .   ? -11.884 4.924   9.466   1.00 27.43 ? 373 HOH A O   1 
HETATM 1532 O O   . HOH C 3 .   ? -4.943  13.963  -6.611  1.00 34.04 ? 374 HOH A O   1 
HETATM 1533 O O   . HOH C 3 .   ? 9.028   -13.106 8.963   1.00 41.87 ? 375 HOH A O   1 
HETATM 1534 O O   . HOH C 3 .   ? -11.031 -5.265  -22.973 1.00 28.00 ? 376 HOH A O   1 
HETATM 1535 O O   . HOH C 3 .   ? 16.710  -12.700 -11.095 1.00 44.18 ? 377 HOH A O   1 
HETATM 1536 O O   . HOH C 3 .   ? -16.230 5.294   -16.713 1.00 32.96 ? 378 HOH A O   1 
HETATM 1537 O O   . HOH C 3 .   ? 23.766  2.545   2.916   1.00 26.32 ? 379 HOH A O   1 
HETATM 1538 O O   . HOH C 3 .   ? 5.469   -9.369  13.113  1.00 32.71 ? 380 HOH A O   1 
HETATM 1539 O O   . HOH C 3 .   ? 17.999  -5.062  -6.113  1.00 34.29 ? 381 HOH A O   1 
HETATM 1540 O O   . HOH C 3 .   ? -2.329  14.510  -7.240  1.00 24.26 ? 382 HOH A O   1 
HETATM 1541 O O   . HOH C 3 .   ? 15.178  -15.755 2.752   1.00 31.52 ? 383 HOH A O   1 
HETATM 1542 O O   . HOH C 3 .   ? 6.680   10.468  7.000   1.00 26.01 ? 384 HOH A O   1 
HETATM 1543 O O   . HOH C 3 .   ? 8.772   12.449  3.310   1.00 31.17 ? 385 HOH A O   1 
HETATM 1544 O O   . HOH C 3 .   ? 3.577   5.581   -13.875 1.00 35.97 ? 386 HOH A O   1 
HETATM 1545 O O   . HOH C 3 .   ? -3.111  8.082   -18.019 1.00 29.98 ? 387 HOH A O   1 
HETATM 1546 O O   . HOH C 3 .   ? 18.671  -0.236  -8.118  1.00 31.48 ? 388 HOH A O   1 
HETATM 1547 O O   . HOH C 3 .   ? 11.047  1.952   13.292  1.00 33.48 ? 389 HOH A O   1 
HETATM 1548 O O   . HOH C 3 .   ? 8.747   12.383  6.239   1.00 37.07 ? 390 HOH A O   1 
HETATM 1549 O O   . HOH C 3 .   ? -6.569  14.273  -8.507  1.00 29.05 ? 391 HOH A O   1 
HETATM 1550 O O   . HOH C 3 .   ? -5.341  13.868  -4.293  1.00 29.19 ? 392 HOH A O   1 
HETATM 1551 O O   . HOH C 3 .   ? -7.201  6.125   19.766  1.00 41.68 ? 393 HOH A O   1 
HETATM 1552 O O   . HOH C 3 .   ? -3.596  14.230  -13.785 1.00 33.01 ? 394 HOH A O   1 
HETATM 1553 O O   . HOH C 3 .   ? -15.002 -6.664  -4.375  1.00 28.87 ? 395 HOH A O   1 
HETATM 1554 O O   . HOH C 3 .   ? 5.477   -7.719  19.016  1.00 30.31 ? 396 HOH A O   1 
HETATM 1555 O O   . HOH C 3 .   ? -11.247 -0.829  -15.516 1.00 30.77 ? 397 HOH A O   1 
HETATM 1556 O O   . HOH C 3 .   ? 12.773  2.059   -11.336 1.00 41.57 ? 398 HOH A O   1 
HETATM 1557 O O   . HOH C 3 .   ? 2.589   13.095  -2.206  1.00 29.69 ? 399 HOH A O   1 
HETATM 1558 O O   . HOH C 3 .   ? 11.182  -9.924  16.813  1.00 30.44 ? 400 HOH A O   1 
HETATM 1559 O O   . HOH C 3 .   ? 18.558  2.132   7.518   1.00 26.04 ? 401 HOH A O   1 
HETATM 1560 O O   . HOH C 3 .   ? -17.755 7.611   2.239   1.00 28.31 ? 402 HOH A O   1 
HETATM 1561 O O   . HOH C 3 .   ? 0.024   14.783  19.640  1.00 39.81 ? 403 HOH A O   1 
HETATM 1562 O O   . HOH C 3 .   ? -1.564  13.031  18.880  1.00 36.49 ? 404 HOH A O   1 
HETATM 1563 O O   . HOH C 3 .   ? -1.287  11.924  6.279   1.00 25.27 ? 405 HOH A O   1 
HETATM 1564 O O   . HOH C 3 .   ? -0.176  14.428  6.299   1.00 31.59 ? 406 HOH A O   1 
HETATM 1565 O O   . HOH C 3 .   ? -8.238  14.707  -6.824  1.00 42.02 ? 407 HOH A O   1 
HETATM 1566 O O   . HOH C 3 .   ? 19.330  -11.580 7.318   0.50 34.16 ? 408 HOH A O   1 
HETATM 1567 O O   . HOH C 3 .   ? -17.771 5.435   -21.220 1.00 34.34 ? 409 HOH A O   1 
HETATM 1568 O O   . HOH C 3 .   ? -27.217 -4.196  7.726   1.00 35.33 ? 410 HOH A O   1 
HETATM 1569 O O   . HOH C 3 .   ? -10.469 4.794   11.183  1.00 30.56 ? 411 HOH A O   1 
HETATM 1570 O O   . HOH C 3 .   ? -9.193  6.310   12.476  1.00 30.80 ? 412 HOH A O   1 
HETATM 1571 O O   . HOH C 3 .   ? 4.113   14.187  -0.328  1.00 39.11 ? 413 HOH A O   1 
HETATM 1572 O O   . HOH C 3 .   ? -10.378 -9.604  -9.255  1.00 31.73 ? 414 HOH A O   1 
HETATM 1573 O O   . HOH C 3 .   ? 7.495   4.887   16.354  1.00 35.00 ? 415 HOH A O   1 
HETATM 1574 O O   . HOH C 3 .   ? -16.903 4.907   -10.053 1.00 40.47 ? 416 HOH A O   1 
HETATM 1575 O O   . HOH C 3 .   ? 18.082  -12.458 -9.201  1.00 33.16 ? 417 HOH A O   1 
HETATM 1576 O O   . HOH C 3 .   ? 9.122   2.496   19.792  1.00 33.86 ? 418 HOH A O   1 
HETATM 1577 O O   . HOH C 3 .   ? -4.013  14.142  5.102   1.00 35.45 ? 419 HOH A O   1 
HETATM 1578 O O   . HOH C 3 .   ? 8.158   -13.025 5.358   1.00 33.84 ? 420 HOH A O   1 
HETATM 1579 O O   . HOH C 3 .   ? 14.124  -14.580 12.058  1.00 33.60 ? 421 HOH A O   1 
HETATM 1580 O O   . HOH C 3 .   ? 14.531  -12.029 15.205  1.00 28.30 ? 422 HOH A O   1 
HETATM 1581 O O   . HOH C 3 .   ? -1.428  -6.642  13.085  1.00 31.35 ? 423 HOH A O   1 
HETATM 1582 O O   . HOH C 3 .   ? 7.202   -11.513 7.853   1.00 30.38 ? 424 HOH A O   1 
HETATM 1583 O O   . HOH C 3 .   ? -2.258  -2.839  19.453  1.00 31.39 ? 425 HOH A O   1 
HETATM 1584 O O   . HOH C 3 .   ? -6.116  -3.819  13.803  1.00 28.25 ? 426 HOH A O   1 
HETATM 1585 O O   . HOH C 3 .   ? -9.645  -2.421  13.315  1.00 24.43 ? 427 HOH A O   1 
HETATM 1586 O O   . HOH C 3 .   ? 13.515  -15.479 -2.640  1.00 23.12 ? 428 HOH A O   1 
HETATM 1587 O O   . HOH C 3 .   ? -5.775  -7.354  12.423  1.00 36.02 ? 429 HOH A O   1 
HETATM 1588 O O   . HOH C 3 .   ? 16.126  -14.739 -9.910  1.00 41.45 ? 430 HOH A O   1 
HETATM 1589 O O   . HOH C 3 .   ? -10.808 -4.215  12.403  1.00 37.82 ? 431 HOH A O   1 
# 
loop_
_pdbx_poly_seq_scheme.asym_id 
_pdbx_poly_seq_scheme.entity_id 
_pdbx_poly_seq_scheme.seq_id 
_pdbx_poly_seq_scheme.mon_id 
_pdbx_poly_seq_scheme.ndb_seq_num 
_pdbx_poly_seq_scheme.pdb_seq_num 
_pdbx_poly_seq_scheme.auth_seq_num 
_pdbx_poly_seq_scheme.pdb_mon_id 
_pdbx_poly_seq_scheme.auth_mon_id 
_pdbx_poly_seq_scheme.pdb_strand_id 
_pdbx_poly_seq_scheme.pdb_ins_code 
_pdbx_poly_seq_scheme.hetero 
A 1 1   MET 1   -7  1   MET MET A . n 
A 1 2   GLU 2   -6  2   GLU GLU A . n 
A 1 3   ASN 3   -5  3   ASN ASN A . n 
A 1 4   LEU 4   -4  4   LEU LEU A . n 
A 1 5   TYR 5   -3  5   TYR TYR A . n 
A 1 6   PHE 6   -2  6   PHE PHE A . n 
A 1 7   GLN 7   -1  7   GLN GLN A . n 
A 1 8   GLY 8   0   8   GLY GLY A . n 
A 1 9   MET 9   1   9   MET MET A . n 
A 1 10  LEU 10  2   10  LEU LEU A . n 
A 1 11  ALA 11  3   11  ALA ALA A . n 
A 1 12  ALA 12  4   12  ALA ALA A . n 
A 1 13  ILE 13  5   13  ILE ILE A . n 
A 1 14  TRP 14  6   14  TRP TRP A . n 
A 1 15  ALA 15  7   15  ALA ALA A . n 
A 1 16  GLN 16  8   16  GLN GLN A . n 
A 1 17  ASP 17  9   17  ASP ASP A . n 
A 1 18  GLU 18  10  18  GLU GLU A . n 
A 1 19  GLN 19  11  19  GLN GLN A . n 
A 1 20  GLY 20  12  20  GLY GLY A . n 
A 1 21  VAL 21  13  21  VAL VAL A . n 
A 1 22  ILE 22  14  22  ILE ILE A . n 
A 1 23  GLY 23  15  23  GLY GLY A . n 
A 1 24  LYS 24  16  24  LYS LYS A . n 
A 1 25  GLU 25  17  25  GLU GLU A . n 
A 1 26  GLY 26  18  26  GLY GLY A . n 
A 1 27  LYS 27  19  27  LYS LYS A . n 
A 1 28  LEU 28  20  28  LEU LEU A . n 
A 1 29  PRO 29  21  29  PRO PRO A . n 
A 1 30  TRP 30  22  30  TRP TRP A . n 
A 1 31  HIS 31  23  31  HIS HIS A . n 
A 1 32  LEU 32  24  32  LEU LEU A . n 
A 1 33  PRO 33  25  33  PRO PRO A . n 
A 1 34  ASN 34  26  34  ASN ASN A . n 
A 1 35  ASP 35  27  35  ASP ASP A . n 
A 1 36  LEU 36  28  36  LEU LEU A . n 
A 1 37  LYS 37  29  37  LYS LYS A . n 
A 1 38  PHE 38  30  38  PHE PHE A . n 
A 1 39  PHE 39  31  39  PHE PHE A . n 
A 1 40  LYS 40  32  40  LYS LYS A . n 
A 1 41  GLU 41  33  41  GLU GLU A . n 
A 1 42  LYS 42  34  42  LYS LYS A . n 
A 1 43  THR 43  35  43  THR THR A . n 
A 1 44  ILE 44  36  44  ILE ILE A . n 
A 1 45  HIS 45  37  45  HIS HIS A . n 
A 1 46  ASN 46  38  46  ASN ASN A . n 
A 1 47  THR 47  39  47  THR THR A . n 
A 1 48  LEU 48  40  48  LEU LEU A . n 
A 1 49  VAL 49  41  49  VAL VAL A . n 
A 1 50  LEU 50  42  50  LEU LEU A . n 
A 1 51  GLY 51  43  51  GLY GLY A . n 
A 1 52  ARG 52  44  52  ARG ARG A . n 
A 1 53  ALA 53  45  53  ALA ALA A . n 
A 1 54  THR 54  46  54  THR THR A . n 
A 1 55  PHE 55  47  55  PHE PHE A . n 
A 1 56  GLU 56  48  56  GLU GLU A . n 
A 1 57  GLY 57  49  57  GLY GLY A . n 
A 1 58  MET 58  50  58  MET MET A . n 
A 1 59  GLY 59  51  59  GLY GLY A . n 
A 1 60  CYS 60  52  60  CYS CYS A . n 
A 1 61  ARG 61  53  61  ARG ARG A . n 
A 1 62  PRO 62  54  62  PRO PRO A . n 
A 1 63  LEU 63  55  63  LEU LEU A . n 
A 1 64  PRO 64  56  64  PRO PRO A . n 
A 1 65  ASN 65  57  65  ASN ASN A . n 
A 1 66  ARG 66  58  66  ARG ARG A . n 
A 1 67  THR 67  59  67  THR THR A . n 
A 1 68  THR 68  60  68  THR THR A . n 
A 1 69  ILE 69  61  69  ILE ILE A . n 
A 1 70  VAL 70  62  70  VAL VAL A . n 
A 1 71  LEU 71  63  71  LEU LEU A . n 
A 1 72  THR 72  64  72  THR THR A . n 
A 1 73  SER 73  65  73  SER SER A . n 
A 1 74  ASN 74  66  74  ASN ASN A . n 
A 1 75  PRO 75  67  75  PRO PRO A . n 
A 1 76  ASP 76  68  76  ASP ASP A . n 
A 1 77  TYR 77  69  77  TYR TYR A . n 
A 1 78  GLN 78  70  78  GLN GLN A . n 
A 1 79  ALA 79  71  79  ALA ALA A . n 
A 1 80  GLU 80  72  80  GLU GLU A . n 
A 1 81  GLY 81  73  81  GLY GLY A . n 
A 1 82  VAL 82  74  82  VAL VAL A . n 
A 1 83  LEU 83  75  83  LEU LEU A . n 
A 1 84  VAL 84  76  84  VAL VAL A . n 
A 1 85  MET 85  77  85  MET MET A . n 
A 1 86  HIS 86  78  86  HIS HIS A . n 
A 1 87  SER 87  79  87  SER SER A . n 
A 1 88  VAL 88  80  88  VAL VAL A . n 
A 1 89  GLU 89  81  89  GLU GLU A . n 
A 1 90  GLU 90  82  90  GLU GLU A . n 
A 1 91  ILE 91  83  91  ILE ILE A . n 
A 1 92  LEU 92  84  92  LEU LEU A . n 
A 1 93  ALA 93  85  93  ALA ALA A . n 
A 1 94  TYR 94  86  94  TYR TYR A . n 
A 1 95  ALA 95  87  95  ALA ALA A . n 
A 1 96  ASP 96  88  96  ASP ASP A . n 
A 1 97  LYS 97  89  97  LYS LYS A . n 
A 1 98  TYR 98  90  98  TYR TYR A . n 
A 1 99  GLU 99  91  99  GLU GLU A . n 
A 1 100 GLY 100 92  100 GLY GLY A . n 
A 1 101 VAL 101 93  101 VAL VAL A . n 
A 1 102 THR 102 94  102 THR THR A . n 
A 1 103 VAL 103 95  103 VAL VAL A . n 
A 1 104 ILE 104 96  104 ILE ILE A . n 
A 1 105 GLY 105 97  105 GLY GLY A . n 
A 1 106 GLY 106 98  106 GLY GLY A . n 
A 1 107 GLY 107 99  107 GLY GLY A . n 
A 1 108 SER 108 100 108 SER SER A . n 
A 1 109 VAL 109 101 109 VAL VAL A . n 
A 1 110 VAL 110 102 110 VAL VAL A . n 
A 1 111 PHE 111 103 111 PHE PHE A . n 
A 1 112 LYS 112 104 112 LYS LYS A . n 
A 1 113 GLU 113 105 113 GLU GLU A . n 
A 1 114 LEU 114 106 114 LEU LEU A . n 
A 1 115 ILE 115 107 115 ILE ILE A . n 
A 1 116 PRO 116 108 116 PRO PRO A . n 
A 1 117 ALA 117 109 117 ALA ALA A . n 
A 1 118 CYS 118 110 118 CYS CYS A . n 
A 1 119 ASP 119 111 119 ASP ASP A . n 
A 1 120 VAL 120 112 120 VAL VAL A . n 
A 1 121 LEU 121 113 121 LEU LEU A . n 
A 1 122 TYR 122 114 122 TYR TYR A . n 
A 1 123 ARG 123 115 123 ARG ARG A . n 
A 1 124 THR 124 116 124 THR THR A . n 
A 1 125 MET 125 117 125 MET MET A . n 
A 1 126 ILE 126 118 126 ILE ILE A . n 
A 1 127 HIS 127 119 127 HIS HIS A . n 
A 1 128 GLU 128 120 128 GLU GLU A . n 
A 1 129 THR 129 121 129 THR THR A . n 
A 1 130 PHE 130 122 130 PHE PHE A . n 
A 1 131 GLU 131 123 131 GLU GLU A . n 
A 1 132 GLY 132 124 132 GLY GLY A . n 
A 1 133 ASP 133 125 133 ASP ASP A . n 
A 1 134 THR 134 126 134 THR THR A . n 
A 1 135 PHE 135 127 135 PHE PHE A . n 
A 1 136 PHE 136 128 136 PHE PHE A . n 
A 1 137 PRO 137 129 137 PRO PRO A . n 
A 1 138 GLU 138 130 138 GLU GLU A . n 
A 1 139 ILE 139 131 139 ILE ILE A . n 
A 1 140 ASP 140 132 140 ASP ASP A . n 
A 1 141 TRP 141 133 141 TRP TRP A . n 
A 1 142 SER 142 134 142 SER SER A . n 
A 1 143 VAL 143 135 143 VAL VAL A . n 
A 1 144 TRP 144 136 144 TRP TRP A . n 
A 1 145 GLU 145 137 145 GLU GLU A . n 
A 1 146 LYS 146 138 146 LYS LYS A . n 
A 1 147 VAL 147 139 147 VAL VAL A . n 
A 1 148 ALA 148 140 148 ALA ALA A . n 
A 1 149 THR 149 141 149 THR THR A . n 
A 1 150 VAL 150 142 150 VAL VAL A . n 
A 1 151 PRO 151 143 151 PRO PRO A . n 
A 1 152 GLY 152 144 152 GLY GLY A . n 
A 1 153 VAL 153 145 153 VAL VAL A . n 
A 1 154 VAL 154 146 154 VAL VAL A . n 
A 1 155 ASP 155 147 155 ASP ASP A . n 
A 1 156 GLU 156 148 156 GLU GLU A . n 
A 1 157 LYS 157 149 157 LYS LYS A . n 
A 1 158 ASN 158 150 158 ASN ASN A . n 
A 1 159 LEU 159 151 159 LEU LEU A . n 
A 1 160 TYR 160 152 160 TYR TYR A . n 
A 1 161 ALA 161 153 161 ALA ALA A . n 
A 1 162 HIS 162 154 162 HIS HIS A . n 
A 1 163 ASP 163 155 163 ASP ASP A . n 
A 1 164 TYR 164 156 164 TYR TYR A . n 
A 1 165 GLU 165 157 165 GLU GLU A . n 
A 1 166 THR 166 158 166 THR THR A . n 
A 1 167 TYR 167 159 167 TYR TYR A . n 
A 1 168 HIS 168 160 168 HIS HIS A . n 
A 1 169 ARG 169 161 169 ARG ARG A . n 
A 1 170 ASN 170 162 170 ASN ASN A . n 
A 1 171 ASP 171 163 ?   ?   ?   A . n 
A 1 172 LYS 172 164 ?   ?   ?   A . n 
A 1 173 LEU 173 165 ?   ?   ?   A . n 
A 1 174 VAL 174 166 ?   ?   ?   A . n 
A 1 175 PRO 175 167 ?   ?   ?   A . n 
A 1 176 ARG 176 168 ?   ?   ?   A . n 
# 
loop_
_pdbx_nonpoly_scheme.asym_id 
_pdbx_nonpoly_scheme.entity_id 
_pdbx_nonpoly_scheme.mon_id 
_pdbx_nonpoly_scheme.ndb_seq_num 
_pdbx_nonpoly_scheme.pdb_seq_num 
_pdbx_nonpoly_scheme.auth_seq_num 
_pdbx_nonpoly_scheme.pdb_mon_id 
_pdbx_nonpoly_scheme.auth_mon_id 
_pdbx_nonpoly_scheme.pdb_strand_id 
_pdbx_nonpoly_scheme.pdb_ins_code 
B 2 NAP 1   201 201 NAP NAP A . 
C 3 HOH 1   301 1   HOH HOH A . 
C 3 HOH 2   302 2   HOH HOH A . 
C 3 HOH 3   303 3   HOH HOH A . 
C 3 HOH 4   304 4   HOH HOH A . 
C 3 HOH 5   305 5   HOH HOH A . 
C 3 HOH 6   306 6   HOH HOH A . 
C 3 HOH 7   307 7   HOH HOH A . 
C 3 HOH 8   308 8   HOH HOH A . 
C 3 HOH 9   309 9   HOH HOH A . 
C 3 HOH 10  310 10  HOH HOH A . 
C 3 HOH 11  311 11  HOH HOH A . 
C 3 HOH 12  312 12  HOH HOH A . 
C 3 HOH 13  313 13  HOH HOH A . 
C 3 HOH 14  314 14  HOH HOH A . 
C 3 HOH 15  315 15  HOH HOH A . 
C 3 HOH 16  316 16  HOH HOH A . 
C 3 HOH 17  317 17  HOH HOH A . 
C 3 HOH 18  318 18  HOH HOH A . 
C 3 HOH 19  319 19  HOH HOH A . 
C 3 HOH 20  320 20  HOH HOH A . 
C 3 HOH 21  321 21  HOH HOH A . 
C 3 HOH 22  322 22  HOH HOH A . 
C 3 HOH 23  323 23  HOH HOH A . 
C 3 HOH 24  324 24  HOH HOH A . 
C 3 HOH 25  325 25  HOH HOH A . 
C 3 HOH 26  326 26  HOH HOH A . 
C 3 HOH 27  327 27  HOH HOH A . 
C 3 HOH 28  328 28  HOH HOH A . 
C 3 HOH 29  329 29  HOH HOH A . 
C 3 HOH 30  330 30  HOH HOH A . 
C 3 HOH 31  331 31  HOH HOH A . 
C 3 HOH 32  332 32  HOH HOH A . 
C 3 HOH 33  333 33  HOH HOH A . 
C 3 HOH 34  334 34  HOH HOH A . 
C 3 HOH 35  335 35  HOH HOH A . 
C 3 HOH 36  336 36  HOH HOH A . 
C 3 HOH 37  337 37  HOH HOH A . 
C 3 HOH 38  338 38  HOH HOH A . 
C 3 HOH 39  339 39  HOH HOH A . 
C 3 HOH 40  340 40  HOH HOH A . 
C 3 HOH 41  341 41  HOH HOH A . 
C 3 HOH 42  342 342 HOH HOH A . 
C 3 HOH 43  343 43  HOH HOH A . 
C 3 HOH 44  344 44  HOH HOH A . 
C 3 HOH 45  345 45  HOH HOH A . 
C 3 HOH 46  346 46  HOH HOH A . 
C 3 HOH 47  347 47  HOH HOH A . 
C 3 HOH 48  348 48  HOH HOH A . 
C 3 HOH 49  349 49  HOH HOH A . 
C 3 HOH 50  350 50  HOH HOH A . 
C 3 HOH 51  351 51  HOH HOH A . 
C 3 HOH 52  352 52  HOH HOH A . 
C 3 HOH 53  353 53  HOH HOH A . 
C 3 HOH 54  354 54  HOH HOH A . 
C 3 HOH 55  355 55  HOH HOH A . 
C 3 HOH 56  356 56  HOH HOH A . 
C 3 HOH 57  357 57  HOH HOH A . 
C 3 HOH 58  358 58  HOH HOH A . 
C 3 HOH 59  359 59  HOH HOH A . 
C 3 HOH 60  360 60  HOH HOH A . 
C 3 HOH 61  361 61  HOH HOH A . 
C 3 HOH 62  362 62  HOH HOH A . 
C 3 HOH 63  363 63  HOH HOH A . 
C 3 HOH 64  364 64  HOH HOH A . 
C 3 HOH 65  365 65  HOH HOH A . 
C 3 HOH 66  366 366 HOH HOH A . 
C 3 HOH 67  367 67  HOH HOH A . 
C 3 HOH 68  368 68  HOH HOH A . 
C 3 HOH 69  369 69  HOH HOH A . 
C 3 HOH 70  370 70  HOH HOH A . 
C 3 HOH 71  371 71  HOH HOH A . 
C 3 HOH 72  372 72  HOH HOH A . 
C 3 HOH 73  373 73  HOH HOH A . 
C 3 HOH 74  374 74  HOH HOH A . 
C 3 HOH 75  375 75  HOH HOH A . 
C 3 HOH 76  376 76  HOH HOH A . 
C 3 HOH 77  377 77  HOH HOH A . 
C 3 HOH 78  378 78  HOH HOH A . 
C 3 HOH 79  379 79  HOH HOH A . 
C 3 HOH 80  380 80  HOH HOH A . 
C 3 HOH 81  381 81  HOH HOH A . 
C 3 HOH 82  382 82  HOH HOH A . 
C 3 HOH 83  383 83  HOH HOH A . 
C 3 HOH 84  384 84  HOH HOH A . 
C 3 HOH 85  385 85  HOH HOH A . 
C 3 HOH 86  386 86  HOH HOH A . 
C 3 HOH 87  387 87  HOH HOH A . 
C 3 HOH 88  388 88  HOH HOH A . 
C 3 HOH 89  389 89  HOH HOH A . 
C 3 HOH 90  390 90  HOH HOH A . 
C 3 HOH 91  391 91  HOH HOH A . 
C 3 HOH 92  392 92  HOH HOH A . 
C 3 HOH 93  393 93  HOH HOH A . 
C 3 HOH 94  394 94  HOH HOH A . 
C 3 HOH 95  395 95  HOH HOH A . 
C 3 HOH 96  396 96  HOH HOH A . 
C 3 HOH 97  397 97  HOH HOH A . 
C 3 HOH 98  398 98  HOH HOH A . 
C 3 HOH 99  399 99  HOH HOH A . 
C 3 HOH 100 400 100 HOH HOH A . 
C 3 HOH 101 401 101 HOH HOH A . 
C 3 HOH 102 402 102 HOH HOH A . 
C 3 HOH 103 403 103 HOH HOH A . 
C 3 HOH 104 404 104 HOH HOH A . 
C 3 HOH 105 405 105 HOH HOH A . 
C 3 HOH 106 406 106 HOH HOH A . 
C 3 HOH 107 407 107 HOH HOH A . 
C 3 HOH 108 408 108 HOH HOH A . 
C 3 HOH 109 409 109 HOH HOH A . 
C 3 HOH 110 410 110 HOH HOH A . 
C 3 HOH 111 411 111 HOH HOH A . 
C 3 HOH 112 412 112 HOH HOH A . 
C 3 HOH 113 413 113 HOH HOH A . 
C 3 HOH 114 414 114 HOH HOH A . 
C 3 HOH 115 415 115 HOH HOH A . 
C 3 HOH 116 416 116 HOH HOH A . 
C 3 HOH 117 417 118 HOH HOH A . 
C 3 HOH 118 418 119 HOH HOH A . 
C 3 HOH 119 419 120 HOH HOH A . 
C 3 HOH 120 420 121 HOH HOH A . 
C 3 HOH 121 421 122 HOH HOH A . 
C 3 HOH 122 422 123 HOH HOH A . 
C 3 HOH 123 423 124 HOH HOH A . 
C 3 HOH 124 424 125 HOH HOH A . 
C 3 HOH 125 425 126 HOH HOH A . 
C 3 HOH 126 426 127 HOH HOH A . 
C 3 HOH 127 427 128 HOH HOH A . 
C 3 HOH 128 428 129 HOH HOH A . 
C 3 HOH 129 429 130 HOH HOH A . 
C 3 HOH 130 430 131 HOH HOH A . 
C 3 HOH 131 431 132 HOH HOH A . 
# 
_pdbx_struct_assembly.id                   1 
_pdbx_struct_assembly.details              author_and_software_defined_assembly 
_pdbx_struct_assembly.method_details       PISA 
_pdbx_struct_assembly.oligomeric_details   monomeric 
_pdbx_struct_assembly.oligomeric_count     1 
# 
_pdbx_struct_assembly_gen.assembly_id       1 
_pdbx_struct_assembly_gen.oper_expression   1 
_pdbx_struct_assembly_gen.asym_id_list      A,B,C 
# 
_pdbx_struct_oper_list.id                   1 
_pdbx_struct_oper_list.type                 'identity operation' 
_pdbx_struct_oper_list.name                 1_555 
_pdbx_struct_oper_list.symmetry_operation   x,y,z 
_pdbx_struct_oper_list.matrix[1][1]         1.0000000000 
_pdbx_struct_oper_list.matrix[1][2]         0.0000000000 
_pdbx_struct_oper_list.matrix[1][3]         0.0000000000 
_pdbx_struct_oper_list.vector[1]            0.0000000000 
_pdbx_struct_oper_list.matrix[2][1]         0.0000000000 
_pdbx_struct_oper_list.matrix[2][2]         1.0000000000 
_pdbx_struct_oper_list.matrix[2][3]         0.0000000000 
_pdbx_struct_oper_list.vector[2]            0.0000000000 
_pdbx_struct_oper_list.matrix[3][1]         0.0000000000 
_pdbx_struct_oper_list.matrix[3][2]         0.0000000000 
_pdbx_struct_oper_list.matrix[3][3]         1.0000000000 
_pdbx_struct_oper_list.vector[3]            0.0000000000 
# 
_pdbx_struct_special_symmetry.id              1 
_pdbx_struct_special_symmetry.PDB_model_num   1 
_pdbx_struct_special_symmetry.auth_asym_id    A 
_pdbx_struct_special_symmetry.auth_comp_id    HOH 
_pdbx_struct_special_symmetry.auth_seq_id     408 
_pdbx_struct_special_symmetry.PDB_ins_code    ? 
_pdbx_struct_special_symmetry.label_asym_id   C 
_pdbx_struct_special_symmetry.label_comp_id   HOH 
_pdbx_struct_special_symmetry.label_seq_id    . 
# 
loop_
_pdbx_audit_revision_history.ordinal 
_pdbx_audit_revision_history.data_content_type 
_pdbx_audit_revision_history.major_revision 
_pdbx_audit_revision_history.minor_revision 
_pdbx_audit_revision_history.revision_date 
1 'Structure model' 1 0 2014-03-05 
2 'Structure model' 1 1 2014-03-12 
3 'Structure model' 1 2 2023-09-20 
# 
_pdbx_audit_revision_details.ordinal             1 
_pdbx_audit_revision_details.revision_ordinal    1 
_pdbx_audit_revision_details.data_content_type   'Structure model' 
_pdbx_audit_revision_details.provider            repository 
_pdbx_audit_revision_details.type                'Initial release' 
_pdbx_audit_revision_details.description         ? 
_pdbx_audit_revision_details.details             ? 
# 
loop_
_pdbx_audit_revision_group.ordinal 
_pdbx_audit_revision_group.revision_ordinal 
_pdbx_audit_revision_group.data_content_type 
_pdbx_audit_revision_group.group 
1 2 'Structure model' 'Database references'    
2 3 'Structure model' 'Data collection'        
3 3 'Structure model' 'Database references'    
4 3 'Structure model' 'Derived calculations'   
5 3 'Structure model' 'Refinement description' 
# 
loop_
_pdbx_audit_revision_category.ordinal 
_pdbx_audit_revision_category.revision_ordinal 
_pdbx_audit_revision_category.data_content_type 
_pdbx_audit_revision_category.category 
1 3 'Structure model' chem_comp_atom                
2 3 'Structure model' chem_comp_bond                
3 3 'Structure model' database_2                    
4 3 'Structure model' pdbx_initial_refinement_model 
5 3 'Structure model' struct_ref_seq_dif            
6 3 'Structure model' struct_site                   
# 
loop_
_pdbx_audit_revision_item.ordinal 
_pdbx_audit_revision_item.revision_ordinal 
_pdbx_audit_revision_item.data_content_type 
_pdbx_audit_revision_item.item 
1 3 'Structure model' '_database_2.pdbx_DOI'                
2 3 'Structure model' '_database_2.pdbx_database_accession' 
3 3 'Structure model' '_struct_ref_seq_dif.details'         
4 3 'Structure model' '_struct_site.pdbx_auth_asym_id'      
5 3 'Structure model' '_struct_site.pdbx_auth_comp_id'      
6 3 'Structure model' '_struct_site.pdbx_auth_seq_id'       
# 
loop_
_software.name 
_software.classification 
_software.version 
_software.citation_id 
_software.pdbx_ordinal 
CrystalClear 'data collection' .                           ? 1 
PHASER       phasing           .                           ? 2 
PHENIX       refinement        '(phenix.refine: 1.8_1069)' ? 3 
MOSFLM       'data reduction'  .                           ? 4 
SCALA        'data scaling'    .                           ? 5 
# 
loop_
_pdbx_validate_torsion.id 
_pdbx_validate_torsion.PDB_model_num 
_pdbx_validate_torsion.auth_comp_id 
_pdbx_validate_torsion.auth_asym_id 
_pdbx_validate_torsion.auth_seq_id 
_pdbx_validate_torsion.PDB_ins_code 
_pdbx_validate_torsion.label_alt_id 
_pdbx_validate_torsion.phi 
_pdbx_validate_torsion.psi 
1 1 HIS A 37 ? ? 58.55   13.15   
2 1 ASN A 38 ? ? -110.87 -163.47 
# 
loop_
_pdbx_unobs_or_zero_occ_residues.id 
_pdbx_unobs_or_zero_occ_residues.PDB_model_num 
_pdbx_unobs_or_zero_occ_residues.polymer_flag 
_pdbx_unobs_or_zero_occ_residues.occupancy_flag 
_pdbx_unobs_or_zero_occ_residues.auth_asym_id 
_pdbx_unobs_or_zero_occ_residues.auth_comp_id 
_pdbx_unobs_or_zero_occ_residues.auth_seq_id 
_pdbx_unobs_or_zero_occ_residues.PDB_ins_code 
_pdbx_unobs_or_zero_occ_residues.label_asym_id 
_pdbx_unobs_or_zero_occ_residues.label_comp_id 
_pdbx_unobs_or_zero_occ_residues.label_seq_id 
1 1 Y 1 A ASP 163 ? A ASP 171 
2 1 Y 1 A LYS 164 ? A LYS 172 
3 1 Y 1 A LEU 165 ? A LEU 173 
4 1 Y 1 A VAL 166 ? A VAL 174 
5 1 Y 1 A PRO 167 ? A PRO 175 
6 1 Y 1 A ARG 168 ? A ARG 176 
# 
loop_
_chem_comp_atom.comp_id 
_chem_comp_atom.atom_id 
_chem_comp_atom.type_symbol 
_chem_comp_atom.pdbx_aromatic_flag 
_chem_comp_atom.pdbx_stereo_config 
_chem_comp_atom.pdbx_ordinal 
ALA N    N N N 1   
ALA CA   C N S 2   
ALA C    C N N 3   
ALA O    O N N 4   
ALA CB   C N N 5   
ALA OXT  O N N 6   
ALA H    H N N 7   
ALA H2   H N N 8   
ALA HA   H N N 9   
ALA HB1  H N N 10  
ALA HB2  H N N 11  
ALA HB3  H N N 12  
ALA HXT  H N N 13  
ARG N    N N N 14  
ARG CA   C N S 15  
ARG C    C N N 16  
ARG O    O N N 17  
ARG CB   C N N 18  
ARG CG   C N N 19  
ARG CD   C N N 20  
ARG NE   N N N 21  
ARG CZ   C N N 22  
ARG NH1  N N N 23  
ARG NH2  N N N 24  
ARG OXT  O N N 25  
ARG H    H N N 26  
ARG H2   H N N 27  
ARG HA   H N N 28  
ARG HB2  H N N 29  
ARG HB3  H N N 30  
ARG HG2  H N N 31  
ARG HG3  H N N 32  
ARG HD2  H N N 33  
ARG HD3  H N N 34  
ARG HE   H N N 35  
ARG HH11 H N N 36  
ARG HH12 H N N 37  
ARG HH21 H N N 38  
ARG HH22 H N N 39  
ARG HXT  H N N 40  
ASN N    N N N 41  
ASN CA   C N S 42  
ASN C    C N N 43  
ASN O    O N N 44  
ASN CB   C N N 45  
ASN CG   C N N 46  
ASN OD1  O N N 47  
ASN ND2  N N N 48  
ASN OXT  O N N 49  
ASN H    H N N 50  
ASN H2   H N N 51  
ASN HA   H N N 52  
ASN HB2  H N N 53  
ASN HB3  H N N 54  
ASN HD21 H N N 55  
ASN HD22 H N N 56  
ASN HXT  H N N 57  
ASP N    N N N 58  
ASP CA   C N S 59  
ASP C    C N N 60  
ASP O    O N N 61  
ASP CB   C N N 62  
ASP CG   C N N 63  
ASP OD1  O N N 64  
ASP OD2  O N N 65  
ASP OXT  O N N 66  
ASP H    H N N 67  
ASP H2   H N N 68  
ASP HA   H N N 69  
ASP HB2  H N N 70  
ASP HB3  H N N 71  
ASP HD2  H N N 72  
ASP HXT  H N N 73  
CYS N    N N N 74  
CYS CA   C N R 75  
CYS C    C N N 76  
CYS O    O N N 77  
CYS CB   C N N 78  
CYS SG   S N N 79  
CYS OXT  O N N 80  
CYS H    H N N 81  
CYS H2   H N N 82  
CYS HA   H N N 83  
CYS HB2  H N N 84  
CYS HB3  H N N 85  
CYS HG   H N N 86  
CYS HXT  H N N 87  
GLN N    N N N 88  
GLN CA   C N S 89  
GLN C    C N N 90  
GLN O    O N N 91  
GLN CB   C N N 92  
GLN CG   C N N 93  
GLN CD   C N N 94  
GLN OE1  O N N 95  
GLN NE2  N N N 96  
GLN OXT  O N N 97  
GLN H    H N N 98  
GLN H2   H N N 99  
GLN HA   H N N 100 
GLN HB2  H N N 101 
GLN HB3  H N N 102 
GLN HG2  H N N 103 
GLN HG3  H N N 104 
GLN HE21 H N N 105 
GLN HE22 H N N 106 
GLN HXT  H N N 107 
GLU N    N N N 108 
GLU CA   C N S 109 
GLU C    C N N 110 
GLU O    O N N 111 
GLU CB   C N N 112 
GLU CG   C N N 113 
GLU CD   C N N 114 
GLU OE1  O N N 115 
GLU OE2  O N N 116 
GLU OXT  O N N 117 
GLU H    H N N 118 
GLU H2   H N N 119 
GLU HA   H N N 120 
GLU HB2  H N N 121 
GLU HB3  H N N 122 
GLU HG2  H N N 123 
GLU HG3  H N N 124 
GLU HE2  H N N 125 
GLU HXT  H N N 126 
GLY N    N N N 127 
GLY CA   C N N 128 
GLY C    C N N 129 
GLY O    O N N 130 
GLY OXT  O N N 131 
GLY H    H N N 132 
GLY H2   H N N 133 
GLY HA2  H N N 134 
GLY HA3  H N N 135 
GLY HXT  H N N 136 
HIS N    N N N 137 
HIS CA   C N S 138 
HIS C    C N N 139 
HIS O    O N N 140 
HIS CB   C N N 141 
HIS CG   C Y N 142 
HIS ND1  N Y N 143 
HIS CD2  C Y N 144 
HIS CE1  C Y N 145 
HIS NE2  N Y N 146 
HIS OXT  O N N 147 
HIS H    H N N 148 
HIS H2   H N N 149 
HIS HA   H N N 150 
HIS HB2  H N N 151 
HIS HB3  H N N 152 
HIS HD1  H N N 153 
HIS HD2  H N N 154 
HIS HE1  H N N 155 
HIS HE2  H N N 156 
HIS HXT  H N N 157 
HOH O    O N N 158 
HOH H1   H N N 159 
HOH H2   H N N 160 
ILE N    N N N 161 
ILE CA   C N S 162 
ILE C    C N N 163 
ILE O    O N N 164 
ILE CB   C N S 165 
ILE CG1  C N N 166 
ILE CG2  C N N 167 
ILE CD1  C N N 168 
ILE OXT  O N N 169 
ILE H    H N N 170 
ILE H2   H N N 171 
ILE HA   H N N 172 
ILE HB   H N N 173 
ILE HG12 H N N 174 
ILE HG13 H N N 175 
ILE HG21 H N N 176 
ILE HG22 H N N 177 
ILE HG23 H N N 178 
ILE HD11 H N N 179 
ILE HD12 H N N 180 
ILE HD13 H N N 181 
ILE HXT  H N N 182 
LEU N    N N N 183 
LEU CA   C N S 184 
LEU C    C N N 185 
LEU O    O N N 186 
LEU CB   C N N 187 
LEU CG   C N N 188 
LEU CD1  C N N 189 
LEU CD2  C N N 190 
LEU OXT  O N N 191 
LEU H    H N N 192 
LEU H2   H N N 193 
LEU HA   H N N 194 
LEU HB2  H N N 195 
LEU HB3  H N N 196 
LEU HG   H N N 197 
LEU HD11 H N N 198 
LEU HD12 H N N 199 
LEU HD13 H N N 200 
LEU HD21 H N N 201 
LEU HD22 H N N 202 
LEU HD23 H N N 203 
LEU HXT  H N N 204 
LYS N    N N N 205 
LYS CA   C N S 206 
LYS C    C N N 207 
LYS O    O N N 208 
LYS CB   C N N 209 
LYS CG   C N N 210 
LYS CD   C N N 211 
LYS CE   C N N 212 
LYS NZ   N N N 213 
LYS OXT  O N N 214 
LYS H    H N N 215 
LYS H2   H N N 216 
LYS HA   H N N 217 
LYS HB2  H N N 218 
LYS HB3  H N N 219 
LYS HG2  H N N 220 
LYS HG3  H N N 221 
LYS HD2  H N N 222 
LYS HD3  H N N 223 
LYS HE2  H N N 224 
LYS HE3  H N N 225 
LYS HZ1  H N N 226 
LYS HZ2  H N N 227 
LYS HZ3  H N N 228 
LYS HXT  H N N 229 
MET N    N N N 230 
MET CA   C N S 231 
MET C    C N N 232 
MET O    O N N 233 
MET CB   C N N 234 
MET CG   C N N 235 
MET SD   S N N 236 
MET CE   C N N 237 
MET OXT  O N N 238 
MET H    H N N 239 
MET H2   H N N 240 
MET HA   H N N 241 
MET HB2  H N N 242 
MET HB3  H N N 243 
MET HG2  H N N 244 
MET HG3  H N N 245 
MET HE1  H N N 246 
MET HE2  H N N 247 
MET HE3  H N N 248 
MET HXT  H N N 249 
NAP PA   P N R 250 
NAP O1A  O N N 251 
NAP O2A  O N N 252 
NAP O5B  O N N 253 
NAP C5B  C N N 254 
NAP C4B  C N R 255 
NAP O4B  O N N 256 
NAP C3B  C N R 257 
NAP O3B  O N N 258 
NAP C2B  C N R 259 
NAP O2B  O N N 260 
NAP C1B  C N R 261 
NAP N9A  N Y N 262 
NAP C8A  C Y N 263 
NAP N7A  N Y N 264 
NAP C5A  C Y N 265 
NAP C6A  C Y N 266 
NAP N6A  N N N 267 
NAP N1A  N Y N 268 
NAP C2A  C Y N 269 
NAP N3A  N Y N 270 
NAP C4A  C Y N 271 
NAP O3   O N N 272 
NAP PN   P N N 273 
NAP O1N  O N N 274 
NAP O2N  O N N 275 
NAP O5D  O N N 276 
NAP C5D  C N N 277 
NAP C4D  C N R 278 
NAP O4D  O N N 279 
NAP C3D  C N S 280 
NAP O3D  O N N 281 
NAP C2D  C N R 282 
NAP O2D  O N N 283 
NAP C1D  C N R 284 
NAP N1N  N Y N 285 
NAP C2N  C Y N 286 
NAP C3N  C Y N 287 
NAP C7N  C N N 288 
NAP O7N  O N N 289 
NAP N7N  N N N 290 
NAP C4N  C Y N 291 
NAP C5N  C Y N 292 
NAP C6N  C Y N 293 
NAP P2B  P N N 294 
NAP O1X  O N N 295 
NAP O2X  O N N 296 
NAP O3X  O N N 297 
NAP HOA2 H N N 298 
NAP H51A H N N 299 
NAP H52A H N N 300 
NAP H4B  H N N 301 
NAP H3B  H N N 302 
NAP HO3A H N N 303 
NAP H2B  H N N 304 
NAP H1B  H N N 305 
NAP H8A  H N N 306 
NAP H61A H N N 307 
NAP H62A H N N 308 
NAP H2A  H N N 309 
NAP H51N H N N 310 
NAP H52N H N N 311 
NAP H4D  H N N 312 
NAP H3D  H N N 313 
NAP HO3N H N N 314 
NAP H2D  H N N 315 
NAP HO2N H N N 316 
NAP H1D  H N N 317 
NAP H2N  H N N 318 
NAP H71N H N N 319 
NAP H72N H N N 320 
NAP H4N  H N N 321 
NAP H5N  H N N 322 
NAP H6N  H N N 323 
NAP HOP2 H N N 324 
NAP HOP3 H N N 325 
PHE N    N N N 326 
PHE CA   C N S 327 
PHE C    C N N 328 
PHE O    O N N 329 
PHE CB   C N N 330 
PHE CG   C Y N 331 
PHE CD1  C Y N 332 
PHE CD2  C Y N 333 
PHE CE1  C Y N 334 
PHE CE2  C Y N 335 
PHE CZ   C Y N 336 
PHE OXT  O N N 337 
PHE H    H N N 338 
PHE H2   H N N 339 
PHE HA   H N N 340 
PHE HB2  H N N 341 
PHE HB3  H N N 342 
PHE HD1  H N N 343 
PHE HD2  H N N 344 
PHE HE1  H N N 345 
PHE HE2  H N N 346 
PHE HZ   H N N 347 
PHE HXT  H N N 348 
PRO N    N N N 349 
PRO CA   C N S 350 
PRO C    C N N 351 
PRO O    O N N 352 
PRO CB   C N N 353 
PRO CG   C N N 354 
PRO CD   C N N 355 
PRO OXT  O N N 356 
PRO H    H N N 357 
PRO HA   H N N 358 
PRO HB2  H N N 359 
PRO HB3  H N N 360 
PRO HG2  H N N 361 
PRO HG3  H N N 362 
PRO HD2  H N N 363 
PRO HD3  H N N 364 
PRO HXT  H N N 365 
SER N    N N N 366 
SER CA   C N S 367 
SER C    C N N 368 
SER O    O N N 369 
SER CB   C N N 370 
SER OG   O N N 371 
SER OXT  O N N 372 
SER H    H N N 373 
SER H2   H N N 374 
SER HA   H N N 375 
SER HB2  H N N 376 
SER HB3  H N N 377 
SER HG   H N N 378 
SER HXT  H N N 379 
THR N    N N N 380 
THR CA   C N S 381 
THR C    C N N 382 
THR O    O N N 383 
THR CB   C N R 384 
THR OG1  O N N 385 
THR CG2  C N N 386 
THR OXT  O N N 387 
THR H    H N N 388 
THR H2   H N N 389 
THR HA   H N N 390 
THR HB   H N N 391 
THR HG1  H N N 392 
THR HG21 H N N 393 
THR HG22 H N N 394 
THR HG23 H N N 395 
THR HXT  H N N 396 
TRP N    N N N 397 
TRP CA   C N S 398 
TRP C    C N N 399 
TRP O    O N N 400 
TRP CB   C N N 401 
TRP CG   C Y N 402 
TRP CD1  C Y N 403 
TRP CD2  C Y N 404 
TRP NE1  N Y N 405 
TRP CE2  C Y N 406 
TRP CE3  C Y N 407 
TRP CZ2  C Y N 408 
TRP CZ3  C Y N 409 
TRP CH2  C Y N 410 
TRP OXT  O N N 411 
TRP H    H N N 412 
TRP H2   H N N 413 
TRP HA   H N N 414 
TRP HB2  H N N 415 
TRP HB3  H N N 416 
TRP HD1  H N N 417 
TRP HE1  H N N 418 
TRP HE3  H N N 419 
TRP HZ2  H N N 420 
TRP HZ3  H N N 421 
TRP HH2  H N N 422 
TRP HXT  H N N 423 
TYR N    N N N 424 
TYR CA   C N S 425 
TYR C    C N N 426 
TYR O    O N N 427 
TYR CB   C N N 428 
TYR CG   C Y N 429 
TYR CD1  C Y N 430 
TYR CD2  C Y N 431 
TYR CE1  C Y N 432 
TYR CE2  C Y N 433 
TYR CZ   C Y N 434 
TYR OH   O N N 435 
TYR OXT  O N N 436 
TYR H    H N N 437 
TYR H2   H N N 438 
TYR HA   H N N 439 
TYR HB2  H N N 440 
TYR HB3  H N N 441 
TYR HD1  H N N 442 
TYR HD2  H N N 443 
TYR HE1  H N N 444 
TYR HE2  H N N 445 
TYR HH   H N N 446 
TYR HXT  H N N 447 
VAL N    N N N 448 
VAL CA   C N S 449 
VAL C    C N N 450 
VAL O    O N N 451 
VAL CB   C N N 452 
VAL CG1  C N N 453 
VAL CG2  C N N 454 
VAL OXT  O N N 455 
VAL H    H N N 456 
VAL H2   H N N 457 
VAL HA   H N N 458 
VAL HB   H N N 459 
VAL HG11 H N N 460 
VAL HG12 H N N 461 
VAL HG13 H N N 462 
VAL HG21 H N N 463 
VAL HG22 H N N 464 
VAL HG23 H N N 465 
VAL HXT  H N N 466 
# 
loop_
_chem_comp_bond.comp_id 
_chem_comp_bond.atom_id_1 
_chem_comp_bond.atom_id_2 
_chem_comp_bond.value_order 
_chem_comp_bond.pdbx_aromatic_flag 
_chem_comp_bond.pdbx_stereo_config 
_chem_comp_bond.pdbx_ordinal 
ALA N   CA   sing N N 1   
ALA N   H    sing N N 2   
ALA N   H2   sing N N 3   
ALA CA  C    sing N N 4   
ALA CA  CB   sing N N 5   
ALA CA  HA   sing N N 6   
ALA C   O    doub N N 7   
ALA C   OXT  sing N N 8   
ALA CB  HB1  sing N N 9   
ALA CB  HB2  sing N N 10  
ALA CB  HB3  sing N N 11  
ALA OXT HXT  sing N N 12  
ARG N   CA   sing N N 13  
ARG N   H    sing N N 14  
ARG N   H2   sing N N 15  
ARG CA  C    sing N N 16  
ARG CA  CB   sing N N 17  
ARG CA  HA   sing N N 18  
ARG C   O    doub N N 19  
ARG C   OXT  sing N N 20  
ARG CB  CG   sing N N 21  
ARG CB  HB2  sing N N 22  
ARG CB  HB3  sing N N 23  
ARG CG  CD   sing N N 24  
ARG CG  HG2  sing N N 25  
ARG CG  HG3  sing N N 26  
ARG CD  NE   sing N N 27  
ARG CD  HD2  sing N N 28  
ARG CD  HD3  sing N N 29  
ARG NE  CZ   sing N N 30  
ARG NE  HE   sing N N 31  
ARG CZ  NH1  sing N N 32  
ARG CZ  NH2  doub N N 33  
ARG NH1 HH11 sing N N 34  
ARG NH1 HH12 sing N N 35  
ARG NH2 HH21 sing N N 36  
ARG NH2 HH22 sing N N 37  
ARG OXT HXT  sing N N 38  
ASN N   CA   sing N N 39  
ASN N   H    sing N N 40  
ASN N   H2   sing N N 41  
ASN CA  C    sing N N 42  
ASN CA  CB   sing N N 43  
ASN CA  HA   sing N N 44  
ASN C   O    doub N N 45  
ASN C   OXT  sing N N 46  
ASN CB  CG   sing N N 47  
ASN CB  HB2  sing N N 48  
ASN CB  HB3  sing N N 49  
ASN CG  OD1  doub N N 50  
ASN CG  ND2  sing N N 51  
ASN ND2 HD21 sing N N 52  
ASN ND2 HD22 sing N N 53  
ASN OXT HXT  sing N N 54  
ASP N   CA   sing N N 55  
ASP N   H    sing N N 56  
ASP N   H2   sing N N 57  
ASP CA  C    sing N N 58  
ASP CA  CB   sing N N 59  
ASP CA  HA   sing N N 60  
ASP C   O    doub N N 61  
ASP C   OXT  sing N N 62  
ASP CB  CG   sing N N 63  
ASP CB  HB2  sing N N 64  
ASP CB  HB3  sing N N 65  
ASP CG  OD1  doub N N 66  
ASP CG  OD2  sing N N 67  
ASP OD2 HD2  sing N N 68  
ASP OXT HXT  sing N N 69  
CYS N   CA   sing N N 70  
CYS N   H    sing N N 71  
CYS N   H2   sing N N 72  
CYS CA  C    sing N N 73  
CYS CA  CB   sing N N 74  
CYS CA  HA   sing N N 75  
CYS C   O    doub N N 76  
CYS C   OXT  sing N N 77  
CYS CB  SG   sing N N 78  
CYS CB  HB2  sing N N 79  
CYS CB  HB3  sing N N 80  
CYS SG  HG   sing N N 81  
CYS OXT HXT  sing N N 82  
GLN N   CA   sing N N 83  
GLN N   H    sing N N 84  
GLN N   H2   sing N N 85  
GLN CA  C    sing N N 86  
GLN CA  CB   sing N N 87  
GLN CA  HA   sing N N 88  
GLN C   O    doub N N 89  
GLN C   OXT  sing N N 90  
GLN CB  CG   sing N N 91  
GLN CB  HB2  sing N N 92  
GLN CB  HB3  sing N N 93  
GLN CG  CD   sing N N 94  
GLN CG  HG2  sing N N 95  
GLN CG  HG3  sing N N 96  
GLN CD  OE1  doub N N 97  
GLN CD  NE2  sing N N 98  
GLN NE2 HE21 sing N N 99  
GLN NE2 HE22 sing N N 100 
GLN OXT HXT  sing N N 101 
GLU N   CA   sing N N 102 
GLU N   H    sing N N 103 
GLU N   H2   sing N N 104 
GLU CA  C    sing N N 105 
GLU CA  CB   sing N N 106 
GLU CA  HA   sing N N 107 
GLU C   O    doub N N 108 
GLU C   OXT  sing N N 109 
GLU CB  CG   sing N N 110 
GLU CB  HB2  sing N N 111 
GLU CB  HB3  sing N N 112 
GLU CG  CD   sing N N 113 
GLU CG  HG2  sing N N 114 
GLU CG  HG3  sing N N 115 
GLU CD  OE1  doub N N 116 
GLU CD  OE2  sing N N 117 
GLU OE2 HE2  sing N N 118 
GLU OXT HXT  sing N N 119 
GLY N   CA   sing N N 120 
GLY N   H    sing N N 121 
GLY N   H2   sing N N 122 
GLY CA  C    sing N N 123 
GLY CA  HA2  sing N N 124 
GLY CA  HA3  sing N N 125 
GLY C   O    doub N N 126 
GLY C   OXT  sing N N 127 
GLY OXT HXT  sing N N 128 
HIS N   CA   sing N N 129 
HIS N   H    sing N N 130 
HIS N   H2   sing N N 131 
HIS CA  C    sing N N 132 
HIS CA  CB   sing N N 133 
HIS CA  HA   sing N N 134 
HIS C   O    doub N N 135 
HIS C   OXT  sing N N 136 
HIS CB  CG   sing N N 137 
HIS CB  HB2  sing N N 138 
HIS CB  HB3  sing N N 139 
HIS CG  ND1  sing Y N 140 
HIS CG  CD2  doub Y N 141 
HIS ND1 CE1  doub Y N 142 
HIS ND1 HD1  sing N N 143 
HIS CD2 NE2  sing Y N 144 
HIS CD2 HD2  sing N N 145 
HIS CE1 NE2  sing Y N 146 
HIS CE1 HE1  sing N N 147 
HIS NE2 HE2  sing N N 148 
HIS OXT HXT  sing N N 149 
HOH O   H1   sing N N 150 
HOH O   H2   sing N N 151 
ILE N   CA   sing N N 152 
ILE N   H    sing N N 153 
ILE N   H2   sing N N 154 
ILE CA  C    sing N N 155 
ILE CA  CB   sing N N 156 
ILE CA  HA   sing N N 157 
ILE C   O    doub N N 158 
ILE C   OXT  sing N N 159 
ILE CB  CG1  sing N N 160 
ILE CB  CG2  sing N N 161 
ILE CB  HB   sing N N 162 
ILE CG1 CD1  sing N N 163 
ILE CG1 HG12 sing N N 164 
ILE CG1 HG13 sing N N 165 
ILE CG2 HG21 sing N N 166 
ILE CG2 HG22 sing N N 167 
ILE CG2 HG23 sing N N 168 
ILE CD1 HD11 sing N N 169 
ILE CD1 HD12 sing N N 170 
ILE CD1 HD13 sing N N 171 
ILE OXT HXT  sing N N 172 
LEU N   CA   sing N N 173 
LEU N   H    sing N N 174 
LEU N   H2   sing N N 175 
LEU CA  C    sing N N 176 
LEU CA  CB   sing N N 177 
LEU CA  HA   sing N N 178 
LEU C   O    doub N N 179 
LEU C   OXT  sing N N 180 
LEU CB  CG   sing N N 181 
LEU CB  HB2  sing N N 182 
LEU CB  HB3  sing N N 183 
LEU CG  CD1  sing N N 184 
LEU CG  CD2  sing N N 185 
LEU CG  HG   sing N N 186 
LEU CD1 HD11 sing N N 187 
LEU CD1 HD12 sing N N 188 
LEU CD1 HD13 sing N N 189 
LEU CD2 HD21 sing N N 190 
LEU CD2 HD22 sing N N 191 
LEU CD2 HD23 sing N N 192 
LEU OXT HXT  sing N N 193 
LYS N   CA   sing N N 194 
LYS N   H    sing N N 195 
LYS N   H2   sing N N 196 
LYS CA  C    sing N N 197 
LYS CA  CB   sing N N 198 
LYS CA  HA   sing N N 199 
LYS C   O    doub N N 200 
LYS C   OXT  sing N N 201 
LYS CB  CG   sing N N 202 
LYS CB  HB2  sing N N 203 
LYS CB  HB3  sing N N 204 
LYS CG  CD   sing N N 205 
LYS CG  HG2  sing N N 206 
LYS CG  HG3  sing N N 207 
LYS CD  CE   sing N N 208 
LYS CD  HD2  sing N N 209 
LYS CD  HD3  sing N N 210 
LYS CE  NZ   sing N N 211 
LYS CE  HE2  sing N N 212 
LYS CE  HE3  sing N N 213 
LYS NZ  HZ1  sing N N 214 
LYS NZ  HZ2  sing N N 215 
LYS NZ  HZ3  sing N N 216 
LYS OXT HXT  sing N N 217 
MET N   CA   sing N N 218 
MET N   H    sing N N 219 
MET N   H2   sing N N 220 
MET CA  C    sing N N 221 
MET CA  CB   sing N N 222 
MET CA  HA   sing N N 223 
MET C   O    doub N N 224 
MET C   OXT  sing N N 225 
MET CB  CG   sing N N 226 
MET CB  HB2  sing N N 227 
MET CB  HB3  sing N N 228 
MET CG  SD   sing N N 229 
MET CG  HG2  sing N N 230 
MET CG  HG3  sing N N 231 
MET SD  CE   sing N N 232 
MET CE  HE1  sing N N 233 
MET CE  HE2  sing N N 234 
MET CE  HE3  sing N N 235 
MET OXT HXT  sing N N 236 
NAP PA  O1A  doub N N 237 
NAP PA  O2A  sing N N 238 
NAP PA  O5B  sing N N 239 
NAP PA  O3   sing N N 240 
NAP O2A HOA2 sing N N 241 
NAP O5B C5B  sing N N 242 
NAP C5B C4B  sing N N 243 
NAP C5B H51A sing N N 244 
NAP C5B H52A sing N N 245 
NAP C4B O4B  sing N N 246 
NAP C4B C3B  sing N N 247 
NAP C4B H4B  sing N N 248 
NAP O4B C1B  sing N N 249 
NAP C3B O3B  sing N N 250 
NAP C3B C2B  sing N N 251 
NAP C3B H3B  sing N N 252 
NAP O3B HO3A sing N N 253 
NAP C2B O2B  sing N N 254 
NAP C2B C1B  sing N N 255 
NAP C2B H2B  sing N N 256 
NAP O2B P2B  sing N N 257 
NAP C1B N9A  sing N N 258 
NAP C1B H1B  sing N N 259 
NAP N9A C8A  sing Y N 260 
NAP N9A C4A  sing Y N 261 
NAP C8A N7A  doub Y N 262 
NAP C8A H8A  sing N N 263 
NAP N7A C5A  sing Y N 264 
NAP C5A C6A  sing Y N 265 
NAP C5A C4A  doub Y N 266 
NAP C6A N6A  sing N N 267 
NAP C6A N1A  doub Y N 268 
NAP N6A H61A sing N N 269 
NAP N6A H62A sing N N 270 
NAP N1A C2A  sing Y N 271 
NAP C2A N3A  doub Y N 272 
NAP C2A H2A  sing N N 273 
NAP N3A C4A  sing Y N 274 
NAP O3  PN   sing N N 275 
NAP PN  O1N  doub N N 276 
NAP PN  O2N  sing N N 277 
NAP PN  O5D  sing N N 278 
NAP O5D C5D  sing N N 279 
NAP C5D C4D  sing N N 280 
NAP C5D H51N sing N N 281 
NAP C5D H52N sing N N 282 
NAP C4D O4D  sing N N 283 
NAP C4D C3D  sing N N 284 
NAP C4D H4D  sing N N 285 
NAP O4D C1D  sing N N 286 
NAP C3D O3D  sing N N 287 
NAP C3D C2D  sing N N 288 
NAP C3D H3D  sing N N 289 
NAP O3D HO3N sing N N 290 
NAP C2D O2D  sing N N 291 
NAP C2D C1D  sing N N 292 
NAP C2D H2D  sing N N 293 
NAP O2D HO2N sing N N 294 
NAP C1D N1N  sing N N 295 
NAP C1D H1D  sing N N 296 
NAP N1N C2N  sing Y N 297 
NAP N1N C6N  doub Y N 298 
NAP C2N C3N  doub Y N 299 
NAP C2N H2N  sing N N 300 
NAP C3N C7N  sing N N 301 
NAP C3N C4N  sing Y N 302 
NAP C7N O7N  doub N N 303 
NAP C7N N7N  sing N N 304 
NAP N7N H71N sing N N 305 
NAP N7N H72N sing N N 306 
NAP C4N C5N  doub Y N 307 
NAP C4N H4N  sing N N 308 
NAP C5N C6N  sing Y N 309 
NAP C5N H5N  sing N N 310 
NAP C6N H6N  sing N N 311 
NAP P2B O1X  doub N N 312 
NAP P2B O2X  sing N N 313 
NAP P2B O3X  sing N N 314 
NAP O2X HOP2 sing N N 315 
NAP O3X HOP3 sing N N 316 
PHE N   CA   sing N N 317 
PHE N   H    sing N N 318 
PHE N   H2   sing N N 319 
PHE CA  C    sing N N 320 
PHE CA  CB   sing N N 321 
PHE CA  HA   sing N N 322 
PHE C   O    doub N N 323 
PHE C   OXT  sing N N 324 
PHE CB  CG   sing N N 325 
PHE CB  HB2  sing N N 326 
PHE CB  HB3  sing N N 327 
PHE CG  CD1  doub Y N 328 
PHE CG  CD2  sing Y N 329 
PHE CD1 CE1  sing Y N 330 
PHE CD1 HD1  sing N N 331 
PHE CD2 CE2  doub Y N 332 
PHE CD2 HD2  sing N N 333 
PHE CE1 CZ   doub Y N 334 
PHE CE1 HE1  sing N N 335 
PHE CE2 CZ   sing Y N 336 
PHE CE2 HE2  sing N N 337 
PHE CZ  HZ   sing N N 338 
PHE OXT HXT  sing N N 339 
PRO N   CA   sing N N 340 
PRO N   CD   sing N N 341 
PRO N   H    sing N N 342 
PRO CA  C    sing N N 343 
PRO CA  CB   sing N N 344 
PRO CA  HA   sing N N 345 
PRO C   O    doub N N 346 
PRO C   OXT  sing N N 347 
PRO CB  CG   sing N N 348 
PRO CB  HB2  sing N N 349 
PRO CB  HB3  sing N N 350 
PRO CG  CD   sing N N 351 
PRO CG  HG2  sing N N 352 
PRO CG  HG3  sing N N 353 
PRO CD  HD2  sing N N 354 
PRO CD  HD3  sing N N 355 
PRO OXT HXT  sing N N 356 
SER N   CA   sing N N 357 
SER N   H    sing N N 358 
SER N   H2   sing N N 359 
SER CA  C    sing N N 360 
SER CA  CB   sing N N 361 
SER CA  HA   sing N N 362 
SER C   O    doub N N 363 
SER C   OXT  sing N N 364 
SER CB  OG   sing N N 365 
SER CB  HB2  sing N N 366 
SER CB  HB3  sing N N 367 
SER OG  HG   sing N N 368 
SER OXT HXT  sing N N 369 
THR N   CA   sing N N 370 
THR N   H    sing N N 371 
THR N   H2   sing N N 372 
THR CA  C    sing N N 373 
THR CA  CB   sing N N 374 
THR CA  HA   sing N N 375 
THR C   O    doub N N 376 
THR C   OXT  sing N N 377 
THR CB  OG1  sing N N 378 
THR CB  CG2  sing N N 379 
THR CB  HB   sing N N 380 
THR OG1 HG1  sing N N 381 
THR CG2 HG21 sing N N 382 
THR CG2 HG22 sing N N 383 
THR CG2 HG23 sing N N 384 
THR OXT HXT  sing N N 385 
TRP N   CA   sing N N 386 
TRP N   H    sing N N 387 
TRP N   H2   sing N N 388 
TRP CA  C    sing N N 389 
TRP CA  CB   sing N N 390 
TRP CA  HA   sing N N 391 
TRP C   O    doub N N 392 
TRP C   OXT  sing N N 393 
TRP CB  CG   sing N N 394 
TRP CB  HB2  sing N N 395 
TRP CB  HB3  sing N N 396 
TRP CG  CD1  doub Y N 397 
TRP CG  CD2  sing Y N 398 
TRP CD1 NE1  sing Y N 399 
TRP CD1 HD1  sing N N 400 
TRP CD2 CE2  doub Y N 401 
TRP CD2 CE3  sing Y N 402 
TRP NE1 CE2  sing Y N 403 
TRP NE1 HE1  sing N N 404 
TRP CE2 CZ2  sing Y N 405 
TRP CE3 CZ3  doub Y N 406 
TRP CE3 HE3  sing N N 407 
TRP CZ2 CH2  doub Y N 408 
TRP CZ2 HZ2  sing N N 409 
TRP CZ3 CH2  sing Y N 410 
TRP CZ3 HZ3  sing N N 411 
TRP CH2 HH2  sing N N 412 
TRP OXT HXT  sing N N 413 
TYR N   CA   sing N N 414 
TYR N   H    sing N N 415 
TYR N   H2   sing N N 416 
TYR CA  C    sing N N 417 
TYR CA  CB   sing N N 418 
TYR CA  HA   sing N N 419 
TYR C   O    doub N N 420 
TYR C   OXT  sing N N 421 
TYR CB  CG   sing N N 422 
TYR CB  HB2  sing N N 423 
TYR CB  HB3  sing N N 424 
TYR CG  CD1  doub Y N 425 
TYR CG  CD2  sing Y N 426 
TYR CD1 CE1  sing Y N 427 
TYR CD1 HD1  sing N N 428 
TYR CD2 CE2  doub Y N 429 
TYR CD2 HD2  sing N N 430 
TYR CE1 CZ   doub Y N 431 
TYR CE1 HE1  sing N N 432 
TYR CE2 CZ   sing Y N 433 
TYR CE2 HE2  sing N N 434 
TYR CZ  OH   sing N N 435 
TYR OH  HH   sing N N 436 
TYR OXT HXT  sing N N 437 
VAL N   CA   sing N N 438 
VAL N   H    sing N N 439 
VAL N   H2   sing N N 440 
VAL CA  C    sing N N 441 
VAL CA  CB   sing N N 442 
VAL CA  HA   sing N N 443 
VAL C   O    doub N N 444 
VAL C   OXT  sing N N 445 
VAL CB  CG1  sing N N 446 
VAL CB  CG2  sing N N 447 
VAL CB  HB   sing N N 448 
VAL CG1 HG11 sing N N 449 
VAL CG1 HG12 sing N N 450 
VAL CG1 HG13 sing N N 451 
VAL CG2 HG21 sing N N 452 
VAL CG2 HG22 sing N N 453 
VAL CG2 HG23 sing N N 454 
VAL OXT HXT  sing N N 455 
# 
loop_
_pdbx_entity_nonpoly.entity_id 
_pdbx_entity_nonpoly.name 
_pdbx_entity_nonpoly.comp_id 
2 'NADP NICOTINAMIDE-ADENINE-DINUCLEOTIDE PHOSPHATE' NAP 
3 water                                              HOH 
# 
_pdbx_initial_refinement_model.id               1 
_pdbx_initial_refinement_model.entity_id_list   ? 
_pdbx_initial_refinement_model.type             'experimental model' 
_pdbx_initial_refinement_model.source_name      PDB 
_pdbx_initial_refinement_model.accession_code   1ZDR 
_pdbx_initial_refinement_model.details          'SWISS-MODEL homology model based on 1ZDR' 
# 
